data_3ZZU
#
_entry.id   3ZZU
#
_cell.length_a   65.200
_cell.length_b   125.520
_cell.length_c   106.900
_cell.angle_alpha   90.00
_cell.angle_beta   108.21
_cell.angle_gamma   90.00
#
_symmetry.space_group_name_H-M   'P 1 21 1'
#
loop_
_entity.id
_entity.type
_entity.pdbx_description
1 polymer 'ELONGATION FACTOR G'
2 water water
#
_entity_poly.entity_id   1
_entity_poly.type   'polypeptide(L)'
_entity_poly.pdbx_seq_one_letter_code
;MAREFSLEKTRNIGIIAHIDAGKTTTTERILYYTGRIHKIGETHEGASQMDWMEQEQDRGITITSAATTAAWEGHRVNII
DTPGHVDLTVEVERSLRVLDGAVTVLDAQSGVEPQTETVWRQATTYGVPRIVFVNKMDKLGANFEYSVSTLHDRLQANAA
PIQLPIGAEDEFEAIIDLVEMKCFKYTNDLGTEIEEIEIPEDHLDRAEEARASLIEAVAETSDELMEKYLGDEEISVSEL
KEAIRQATTNVEFYPVLCGTAFKNKGVQLMLDAVIDYLPSPLDVKPIIGHRASNPEEEVIAKADDSAEFAALAFKVMTDP
YVGKLTFFRVYSGTMTSGSYVKNSTKGKRERVGRLLQMHANSRQEIDTVYSGDIAAAVGLKDTGTGDTLCGEKNDIILES
MEFPEPVIHLSVEPKSKADQDKMTQALVKLQEEDPTFHAHTDEETGQVIIGGMGELHLDILVDRMKKEFNVECNVGAPMV
SYRETFKSSAQVQGKFSRQSGGRGQYGDVHIEFTPNETGAGFEFENAIVGGVVPREYIPSVEAGLKDAMENGVLAGYPLI
DVKAKLYDGSYHDVDSSEMAFKIAASLALKEAAKKCDPVILEPMMKVTIEMPEEYMGDIMGDVTSRRGRVDGMEPRGNAQ
VVNAYVPLSEMFGYATSLRSNTQGRGTYTMYFDHYAEVPKSIAEDIIKKNKGE
;
_entity_poly.pdbx_strand_id   A,B
#
# COMPACT_ATOMS: atom_id res chain seq x y z
N ALA A 2 -25.52 -35.17 25.79
CA ALA A 2 -26.33 -34.10 25.24
C ALA A 2 -25.95 -32.76 25.87
N ARG A 3 -25.36 -31.88 25.06
CA ARG A 3 -24.79 -30.63 25.57
C ARG A 3 -25.77 -29.81 26.40
N GLU A 4 -25.28 -29.36 27.54
CA GLU A 4 -26.03 -28.47 28.42
C GLU A 4 -26.31 -27.17 27.68
N PHE A 5 -25.30 -26.64 27.01
CA PHE A 5 -25.43 -25.38 26.29
C PHE A 5 -25.30 -25.57 24.78
N SER A 6 -25.89 -24.63 24.05
CA SER A 6 -25.90 -24.66 22.59
C SER A 6 -24.91 -23.64 22.06
N LEU A 7 -24.37 -23.90 20.87
CA LEU A 7 -23.38 -23.00 20.29
C LEU A 7 -23.85 -21.56 20.46
N GLU A 8 -25.11 -21.33 20.11
CA GLU A 8 -25.71 -20.00 20.20
C GLU A 8 -25.65 -19.43 21.62
N LYS A 9 -25.60 -20.31 22.61
CA LYS A 9 -25.56 -19.89 24.01
C LYS A 9 -24.14 -19.82 24.60
N THR A 10 -23.13 -20.08 23.77
CA THR A 10 -21.74 -20.10 24.24
C THR A 10 -20.97 -18.82 23.93
N ARG A 11 -20.12 -18.40 24.87
CA ARG A 11 -19.25 -17.25 24.67
C ARG A 11 -17.80 -17.59 25.00
N ASN A 12 -16.95 -17.56 23.98
CA ASN A 12 -15.52 -17.74 24.19
C ASN A 12 -14.86 -16.37 24.25
N ILE A 13 -14.31 -16.03 25.42
CA ILE A 13 -13.69 -14.72 25.57
C ILE A 13 -12.36 -14.75 26.32
N GLY A 14 -11.64 -13.65 26.21
CA GLY A 14 -10.38 -13.48 26.90
C GLY A 14 -10.24 -12.01 27.24
N ILE A 15 -9.32 -11.68 28.13
CA ILE A 15 -9.23 -10.31 28.61
C ILE A 15 -7.95 -9.61 28.18
N ILE A 16 -8.09 -8.64 27.29
CA ILE A 16 -6.96 -7.82 26.86
C ILE A 16 -6.88 -6.62 27.77
N ALA A 17 -5.82 -6.57 28.57
CA ALA A 17 -5.63 -5.48 29.51
C ALA A 17 -4.17 -5.35 29.92
N HIS A 18 -3.81 -4.19 30.44
CA HIS A 18 -2.49 -4.04 31.06
C HIS A 18 -2.61 -4.40 32.53
N ILE A 19 -1.49 -4.38 33.23
CA ILE A 19 -1.48 -4.74 34.64
C ILE A 19 -2.03 -3.60 35.50
N ASP A 20 -1.68 -2.37 35.15
CA ASP A 20 -2.13 -1.21 35.92
C ASP A 20 -3.51 -0.73 35.48
N ALA A 21 -4.04 -1.36 34.44
CA ALA A 21 -5.43 -1.15 34.04
C ALA A 21 -6.36 -1.88 35.00
N GLY A 22 -5.78 -2.58 35.97
CA GLY A 22 -6.54 -3.43 36.87
C GLY A 22 -6.91 -4.77 36.28
N LYS A 23 -5.92 -5.47 35.72
CA LYS A 23 -6.16 -6.74 35.04
C LYS A 23 -6.53 -7.87 35.99
N THR A 24 -5.59 -8.28 36.84
CA THR A 24 -5.83 -9.41 37.75
C THR A 24 -7.12 -9.23 38.55
N THR A 25 -7.33 -8.02 39.08
CA THR A 25 -8.51 -7.73 39.89
C THR A 25 -9.78 -7.87 39.07
N THR A 26 -9.69 -7.60 37.78
CA THR A 26 -10.85 -7.69 36.89
C THR A 26 -11.18 -9.13 36.57
N THR A 27 -10.15 -9.94 36.35
CA THR A 27 -10.33 -11.35 36.05
C THR A 27 -11.05 -12.09 37.18
N GLU A 28 -10.63 -11.85 38.42
CA GLU A 28 -11.23 -12.55 39.55
C GLU A 28 -12.73 -12.27 39.66
N ARG A 29 -13.08 -10.98 39.65
CA ARG A 29 -14.48 -10.57 39.69
C ARG A 29 -15.26 -11.36 38.64
N ILE A 30 -14.67 -11.47 37.45
CA ILE A 30 -15.30 -12.18 36.35
C ILE A 30 -15.40 -13.67 36.63
N LEU A 31 -14.42 -14.22 37.33
CA LEU A 31 -14.45 -15.63 37.71
C LEU A 31 -15.45 -15.84 38.84
N TYR A 32 -15.43 -14.95 39.82
CA TYR A 32 -16.34 -15.01 40.97
C TYR A 32 -17.81 -14.99 40.55
N TYR A 33 -18.25 -13.87 40.00
CA TYR A 33 -19.64 -13.69 39.59
C TYR A 33 -20.08 -14.83 38.67
N THR A 34 -19.12 -15.46 38.01
CA THR A 34 -19.39 -16.61 37.16
C THR A 34 -19.14 -17.98 37.80
N GLY A 35 -18.78 -18.01 39.09
CA GLY A 35 -18.54 -19.25 39.80
C GLY A 35 -19.74 -19.79 40.57
N ARG A 36 -19.49 -20.59 41.60
CA ARG A 36 -20.55 -21.13 42.45
C ARG A 36 -19.99 -21.59 43.79
N SER A 65 -5.00 -19.88 36.01
CA SER A 65 -5.36 -21.03 35.19
C SER A 65 -5.22 -20.73 33.70
N ALA A 66 -5.05 -21.77 32.90
CA ALA A 66 -4.86 -21.61 31.46
C ALA A 66 -6.17 -21.31 30.75
N ALA A 67 -7.21 -22.04 31.11
CA ALA A 67 -8.57 -21.74 30.64
C ALA A 67 -9.57 -22.16 31.70
N THR A 68 -10.62 -21.36 31.87
CA THR A 68 -11.63 -21.66 32.88
C THR A 68 -13.03 -21.72 32.28
N THR A 69 -13.74 -22.81 32.59
CA THR A 69 -15.13 -22.94 32.19
C THR A 69 -16.04 -22.36 33.27
N ALA A 70 -17.00 -21.55 32.83
CA ALA A 70 -17.95 -20.94 33.74
C ALA A 70 -19.25 -20.64 33.00
N ALA A 71 -20.18 -19.98 33.67
CA ALA A 71 -21.44 -19.64 33.05
C ALA A 71 -22.00 -18.33 33.58
N TRP A 72 -22.61 -17.57 32.70
CA TRP A 72 -23.39 -16.41 33.09
C TRP A 72 -24.73 -16.44 32.39
N GLU A 73 -25.80 -16.58 33.15
CA GLU A 73 -27.14 -16.47 32.58
C GLU A 73 -27.42 -17.47 31.45
N GLY A 74 -27.50 -18.76 31.78
CA GLY A 74 -27.83 -19.75 30.78
C GLY A 74 -26.95 -19.65 29.56
N HIS A 75 -25.70 -19.25 29.79
CA HIS A 75 -24.72 -19.10 28.72
C HIS A 75 -23.39 -19.66 29.18
N ARG A 76 -22.77 -20.47 28.34
CA ARG A 76 -21.47 -21.04 28.63
C ARG A 76 -20.41 -19.97 28.38
N VAL A 77 -19.68 -19.62 29.42
CA VAL A 77 -18.63 -18.61 29.30
C VAL A 77 -17.27 -19.24 29.55
N ASN A 78 -16.39 -19.13 28.56
CA ASN A 78 -15.03 -19.63 28.68
C ASN A 78 -14.02 -18.48 28.67
N ILE A 79 -13.33 -18.30 29.78
CA ILE A 79 -12.41 -17.19 29.92
C ILE A 79 -11.00 -17.69 29.65
N ILE A 80 -10.46 -17.30 28.50
CA ILE A 80 -9.15 -17.77 28.07
C ILE A 80 -8.06 -16.83 28.57
N ASP A 81 -7.07 -17.39 29.25
CA ASP A 81 -5.95 -16.61 29.76
C ASP A 81 -5.08 -16.17 28.60
N THR A 82 -4.88 -14.86 28.49
CA THR A 82 -4.00 -14.30 27.48
C THR A 82 -2.58 -14.20 28.03
N PRO A 83 -1.58 -14.12 27.14
CA PRO A 83 -0.18 -14.11 27.57
C PRO A 83 0.13 -12.97 28.53
N GLY A 84 1.20 -13.12 29.30
CA GLY A 84 1.61 -12.12 30.25
C GLY A 84 2.37 -10.95 29.64
N HIS A 85 2.88 -11.15 28.42
CA HIS A 85 3.52 -10.07 27.70
C HIS A 85 3.26 -10.11 26.19
N VAL A 86 3.12 -8.93 25.60
CA VAL A 86 2.72 -8.79 24.21
C VAL A 86 3.86 -9.03 23.23
N ASP A 87 5.09 -9.04 23.73
CA ASP A 87 6.24 -9.34 22.88
C ASP A 87 6.20 -10.79 22.42
N LEU A 88 5.39 -11.60 23.07
CA LEU A 88 5.27 -12.98 22.63
C LEU A 88 4.11 -12.92 21.64
N THR A 89 4.47 -12.95 20.37
CA THR A 89 3.50 -12.80 19.30
C THR A 89 2.84 -14.12 18.98
N VAL A 90 3.65 -15.18 19.02
CA VAL A 90 3.21 -16.53 18.71
C VAL A 90 2.02 -16.92 19.56
N GLU A 91 2.07 -16.56 20.83
CA GLU A 91 1.02 -16.90 21.80
C GLU A 91 -0.22 -16.05 21.55
N VAL A 92 -0.05 -14.74 21.69
CA VAL A 92 -1.16 -13.80 21.54
C VAL A 92 -1.96 -14.14 20.29
N GLU A 93 -1.25 -14.32 19.18
CA GLU A 93 -1.91 -14.77 17.95
C GLU A 93 -2.73 -16.03 18.20
N ARG A 94 -2.11 -17.01 18.86
CA ARG A 94 -2.78 -18.28 19.14
C ARG A 94 -4.00 -18.07 20.04
N SER A 95 -3.80 -17.39 21.17
CA SER A 95 -4.88 -17.15 22.13
C SER A 95 -6.03 -16.37 21.51
N LEU A 96 -5.72 -15.57 20.49
CA LEU A 96 -6.73 -14.83 19.73
C LEU A 96 -7.58 -15.76 18.86
N ARG A 97 -6.92 -16.73 18.24
CA ARG A 97 -7.62 -17.71 17.41
C ARG A 97 -8.39 -18.67 18.30
N VAL A 98 -7.90 -18.86 19.52
CA VAL A 98 -8.60 -19.67 20.49
C VAL A 98 -9.92 -19.00 20.86
N LEU A 99 -9.86 -17.69 21.10
CA LEU A 99 -11.05 -16.97 21.52
C LEU A 99 -11.89 -16.49 20.34
N ASP A 100 -13.02 -15.89 20.69
CA ASP A 100 -14.00 -15.40 19.73
C ASP A 100 -14.08 -13.88 19.80
N GLY A 101 -14.31 -13.37 21.00
CA GLY A 101 -14.33 -11.94 21.21
C GLY A 101 -13.69 -11.61 22.54
N ALA A 102 -13.38 -10.33 22.74
CA ALA A 102 -12.54 -9.93 23.86
C ALA A 102 -13.13 -8.78 24.66
N VAL A 103 -12.67 -8.65 25.90
CA VAL A 103 -13.02 -7.52 26.74
C VAL A 103 -11.76 -6.73 27.08
N THR A 104 -11.67 -5.52 26.54
CA THR A 104 -10.48 -4.68 26.74
C THR A 104 -10.65 -3.80 27.96
N VAL A 105 -9.67 -3.85 28.86
CA VAL A 105 -9.75 -3.10 30.12
C VAL A 105 -8.81 -1.90 30.11
N LEU A 106 -9.36 -0.72 30.35
CA LEU A 106 -8.59 0.52 30.37
C LEU A 106 -8.61 1.17 31.74
N ASP A 107 -7.55 1.92 32.03
CA ASP A 107 -7.53 2.76 33.21
C ASP A 107 -8.36 4.00 32.92
N ALA A 108 -9.18 4.41 33.88
CA ALA A 108 -10.10 5.53 33.68
C ALA A 108 -9.38 6.87 33.61
N GLN A 109 -8.12 6.88 34.01
CA GLN A 109 -7.31 8.11 34.00
C GLN A 109 -6.42 8.21 32.77
N SER A 110 -5.48 7.27 32.65
CA SER A 110 -4.45 7.35 31.65
C SER A 110 -4.91 6.83 30.29
N GLY A 111 -6.18 6.46 30.19
CA GLY A 111 -6.75 6.00 28.94
C GLY A 111 -6.05 4.75 28.46
N VAL A 112 -5.89 4.61 27.15
CA VAL A 112 -5.22 3.45 26.61
C VAL A 112 -3.71 3.60 26.79
N GLU A 113 -2.96 2.54 26.47
CA GLU A 113 -1.52 2.51 26.66
C GLU A 113 -0.85 1.77 25.49
N PRO A 114 0.47 1.95 25.33
CA PRO A 114 1.19 1.53 24.11
C PRO A 114 0.97 0.08 23.67
N GLN A 115 1.04 -0.86 24.61
CA GLN A 115 0.98 -2.27 24.26
C GLN A 115 -0.45 -2.73 23.96
N THR A 116 -1.42 -2.23 24.73
CA THR A 116 -2.81 -2.62 24.55
C THR A 116 -3.27 -2.39 23.10
N GLU A 117 -2.75 -1.35 22.45
CA GLU A 117 -3.10 -1.09 21.06
C GLU A 117 -2.30 -1.97 20.10
N THR A 118 -1.05 -2.30 20.46
CA THR A 118 -0.28 -3.24 19.67
C THR A 118 -1.06 -4.52 19.56
N VAL A 119 -1.70 -4.90 20.67
CA VAL A 119 -2.54 -6.09 20.72
C VAL A 119 -3.89 -5.85 20.05
N TRP A 120 -4.42 -4.63 20.19
CA TRP A 120 -5.72 -4.31 19.62
C TRP A 120 -5.74 -4.49 18.10
N ARG A 121 -4.73 -3.95 17.45
CA ARG A 121 -4.63 -4.06 16.00
C ARG A 121 -4.58 -5.52 15.57
N GLN A 122 -3.80 -6.31 16.32
CA GLN A 122 -3.74 -7.75 16.13
C GLN A 122 -5.15 -8.33 16.17
N ALA A 123 -5.89 -7.98 17.22
CA ALA A 123 -7.25 -8.44 17.39
C ALA A 123 -8.02 -8.25 16.10
N THR A 124 -7.86 -7.08 15.49
CA THR A 124 -8.54 -6.75 14.25
C THR A 124 -8.06 -7.58 13.06
N THR A 125 -6.76 -7.88 13.01
CA THR A 125 -6.24 -8.74 11.95
C THR A 125 -6.94 -10.08 11.98
N TYR A 126 -7.29 -10.53 13.19
CA TYR A 126 -7.97 -11.80 13.37
C TYR A 126 -9.49 -11.63 13.51
N GLY A 127 -9.95 -10.40 13.38
CA GLY A 127 -11.38 -10.12 13.39
C GLY A 127 -12.08 -10.45 14.70
N VAL A 128 -11.45 -10.07 15.80
CA VAL A 128 -12.02 -10.32 17.12
C VAL A 128 -12.89 -9.16 17.58
N PRO A 129 -14.20 -9.40 17.69
CA PRO A 129 -15.09 -8.38 18.27
C PRO A 129 -14.59 -7.98 19.65
N ARG A 130 -14.80 -6.71 20.01
CA ARG A 130 -14.35 -6.21 21.28
C ARG A 130 -15.43 -5.36 21.93
N ILE A 131 -15.42 -5.34 23.26
CA ILE A 131 -16.15 -4.33 24.01
C ILE A 131 -15.14 -3.71 24.96
N VAL A 132 -15.35 -2.46 25.34
CA VAL A 132 -14.38 -1.78 26.17
C VAL A 132 -14.94 -1.47 27.56
N PHE A 133 -14.21 -1.92 28.57
CA PHE A 133 -14.59 -1.69 29.95
C PHE A 133 -13.58 -0.74 30.57
N VAL A 134 -14.01 0.47 30.86
CA VAL A 134 -13.10 1.45 31.45
C VAL A 134 -13.18 1.28 32.95
N ASN A 135 -12.06 0.86 33.53
CA ASN A 135 -12.02 0.46 34.92
C ASN A 135 -11.44 1.56 35.80
N LYS A 136 -11.42 1.33 37.11
CA LYS A 136 -10.82 2.24 38.06
C LYS A 136 -11.38 3.67 37.94
N MET A 137 -12.71 3.78 37.90
CA MET A 137 -13.35 5.08 37.87
C MET A 137 -13.25 5.79 39.21
N ASP A 138 -13.12 4.99 40.28
CA ASP A 138 -13.24 5.48 41.65
C ASP A 138 -12.06 6.34 42.08
N LYS A 139 -11.01 6.34 41.27
CA LYS A 139 -9.76 6.99 41.65
C LYS A 139 -9.61 8.43 41.17
N LEU A 140 -8.40 8.96 41.32
CA LEU A 140 -8.12 10.33 40.91
C LEU A 140 -8.07 10.44 39.39
N GLY A 141 -7.98 11.67 38.90
CA GLY A 141 -7.71 11.94 37.50
C GLY A 141 -8.61 11.06 36.66
N ALA A 142 -9.74 10.67 37.24
CA ALA A 142 -10.59 9.69 36.59
C ALA A 142 -11.47 10.42 35.61
N ASN A 143 -11.24 10.14 34.34
CA ASN A 143 -11.93 10.85 33.28
C ASN A 143 -12.50 9.82 32.31
N PHE A 144 -13.83 9.67 32.30
CA PHE A 144 -14.44 8.72 31.38
C PHE A 144 -14.54 9.25 29.94
N GLU A 145 -15.16 10.41 29.80
CA GLU A 145 -15.39 11.02 28.50
C GLU A 145 -14.05 11.30 27.82
N TYR A 146 -12.99 11.32 28.63
CA TYR A 146 -11.62 11.41 28.13
C TYR A 146 -11.14 10.07 27.59
N SER A 147 -11.01 9.08 28.48
CA SER A 147 -10.44 7.78 28.09
C SER A 147 -11.04 7.31 26.78
N VAL A 148 -12.34 7.52 26.63
CA VAL A 148 -13.03 7.16 25.40
C VAL A 148 -12.37 7.80 24.17
N SER A 149 -11.91 9.03 24.34
CA SER A 149 -11.25 9.76 23.26
C SER A 149 -10.12 8.96 22.62
N THR A 150 -9.26 8.41 23.47
CA THR A 150 -8.07 7.70 23.02
C THR A 150 -8.35 6.66 21.94
N LEU A 151 -9.34 5.81 22.16
CA LEU A 151 -9.71 4.80 21.17
C LEU A 151 -9.97 5.48 19.83
N HIS A 152 -10.57 6.66 19.89
CA HIS A 152 -10.81 7.46 18.69
C HIS A 152 -9.50 7.99 18.13
N ASP A 153 -8.72 8.64 18.98
CA ASP A 153 -7.51 9.32 18.54
C ASP A 153 -6.34 8.39 18.22
N ARG A 154 -6.01 7.48 19.14
CA ARG A 154 -4.86 6.59 18.94
C ARG A 154 -5.16 5.37 18.06
N LEU A 155 -6.30 4.72 18.31
CA LEU A 155 -6.65 3.51 17.59
C LEU A 155 -7.59 3.75 16.40
N GLN A 156 -7.97 5.01 16.20
CA GLN A 156 -8.86 5.37 15.10
C GLN A 156 -10.09 4.46 15.08
N ALA A 157 -10.59 4.11 16.26
CA ALA A 157 -11.63 3.10 16.39
C ALA A 157 -13.01 3.73 16.60
N ASN A 158 -14.04 3.06 16.10
CA ASN A 158 -15.40 3.55 16.26
C ASN A 158 -15.95 2.95 17.55
N ALA A 159 -16.04 3.80 18.57
CA ALA A 159 -16.50 3.37 19.89
C ALA A 159 -17.27 4.49 20.57
N ALA A 160 -18.44 4.15 21.11
CA ALA A 160 -19.23 5.13 21.85
C ALA A 160 -19.82 4.50 23.10
N PRO A 161 -19.83 5.25 24.20
CA PRO A 161 -20.37 4.74 25.47
C PRO A 161 -21.82 4.27 25.33
N ILE A 162 -22.08 3.04 25.78
CA ILE A 162 -23.44 2.53 25.88
C ILE A 162 -23.90 2.76 27.32
N GLN A 163 -23.04 3.43 28.08
CA GLN A 163 -23.33 3.81 29.45
C GLN A 163 -22.63 5.14 29.77
N LEU A 164 -23.07 5.81 30.83
CA LEU A 164 -22.34 6.97 31.35
C LEU A 164 -22.39 7.00 32.87
N PRO A 165 -21.28 7.44 33.49
CA PRO A 165 -21.19 7.49 34.96
C PRO A 165 -22.01 8.62 35.57
N ILE A 166 -22.04 8.64 36.90
CA ILE A 166 -22.54 9.80 37.64
C ILE A 166 -21.54 10.04 38.76
N GLY A 167 -20.86 11.18 38.69
CA GLY A 167 -19.73 11.44 39.59
C GLY A 167 -18.49 10.73 39.11
N ALA A 168 -17.35 11.06 39.73
CA ALA A 168 -16.07 10.44 39.41
C ALA A 168 -15.17 10.57 40.63
N GLU A 169 -14.09 9.78 40.66
CA GLU A 169 -13.27 9.70 41.86
C GLU A 169 -14.15 9.23 43.01
N ASP A 170 -14.04 9.86 44.17
CA ASP A 170 -14.84 9.48 45.33
C ASP A 170 -16.33 9.48 44.99
N GLU A 171 -16.73 10.45 44.18
CA GLU A 171 -18.14 10.71 43.87
C GLU A 171 -18.84 9.59 43.09
N PHE A 172 -18.07 8.63 42.59
CA PHE A 172 -18.67 7.65 41.68
C PHE A 172 -19.80 6.87 42.35
N GLU A 173 -20.99 6.95 41.75
CA GLU A 173 -22.20 6.42 42.37
C GLU A 173 -23.09 5.56 41.45
N ALA A 174 -23.65 6.16 40.42
CA ALA A 174 -24.55 5.45 39.54
C ALA A 174 -23.96 5.19 38.16
N ILE A 175 -24.70 4.45 37.34
CA ILE A 175 -24.34 4.19 35.96
C ILE A 175 -25.59 4.24 35.10
N ILE A 176 -25.55 5.01 34.03
CA ILE A 176 -26.70 5.13 33.15
C ILE A 176 -26.58 4.16 31.98
N ASP A 177 -27.54 3.24 31.88
CA ASP A 177 -27.57 2.31 30.77
C ASP A 177 -28.37 2.96 29.66
N LEU A 178 -27.69 3.29 28.57
CA LEU A 178 -28.29 4.10 27.51
C LEU A 178 -29.34 3.35 26.72
N VAL A 179 -28.98 2.19 26.21
CA VAL A 179 -29.85 1.48 25.29
C VAL A 179 -31.22 1.18 25.88
N GLU A 180 -31.26 0.79 27.15
CA GLU A 180 -32.54 0.55 27.82
C GLU A 180 -32.97 1.77 28.64
N MET A 181 -32.12 2.78 28.67
CA MET A 181 -32.38 4.03 29.41
C MET A 181 -32.80 3.83 30.87
N LYS A 182 -31.99 3.09 31.62
CA LYS A 182 -32.20 2.96 33.06
C LYS A 182 -31.02 3.52 33.83
N CYS A 183 -31.08 3.44 35.16
CA CYS A 183 -29.99 3.88 36.01
C CYS A 183 -29.85 2.94 37.21
N PHE A 184 -28.64 2.83 37.73
CA PHE A 184 -28.38 1.93 38.86
C PHE A 184 -27.49 2.61 39.89
N LYS A 185 -27.91 2.55 41.15
CA LYS A 185 -27.19 3.20 42.23
C LYS A 185 -26.42 2.16 43.04
N TYR A 186 -25.19 2.49 43.42
CA TYR A 186 -24.37 1.55 44.16
C TYR A 186 -24.15 2.03 45.60
N THR A 187 -24.80 1.36 46.54
CA THR A 187 -24.79 1.76 47.93
C THR A 187 -23.70 1.07 48.75
N ASN A 188 -23.03 0.09 48.14
CA ASN A 188 -22.03 -0.69 48.83
C ASN A 188 -20.83 -0.99 47.95
N ASP A 189 -19.72 -1.35 48.57
CA ASP A 189 -18.51 -1.71 47.84
C ASP A 189 -18.49 -3.22 47.58
N LEU A 190 -19.54 -3.92 48.02
CA LEU A 190 -19.64 -5.36 47.90
C LEU A 190 -20.44 -5.82 46.68
N GLY A 191 -21.02 -4.88 45.96
CA GLY A 191 -21.79 -5.18 44.76
C GLY A 191 -23.11 -5.84 45.06
N THR A 192 -23.75 -5.42 46.14
CA THR A 192 -25.07 -5.96 46.52
C THR A 192 -26.08 -4.83 46.69
N GLU A 193 -27.36 -5.19 46.72
CA GLU A 193 -28.41 -4.22 46.94
C GLU A 193 -28.34 -3.11 45.91
N ILE A 194 -28.31 -3.48 44.64
CA ILE A 194 -28.22 -2.48 43.58
C ILE A 194 -29.61 -1.86 43.39
N GLU A 195 -29.70 -0.56 43.64
CA GLU A 195 -30.96 0.13 43.48
C GLU A 195 -31.14 0.47 42.02
N GLU A 196 -32.20 -0.03 41.41
CA GLU A 196 -32.44 0.23 40.01
C GLU A 196 -33.43 1.37 39.96
N ILE A 197 -32.93 2.54 39.58
CA ILE A 197 -33.70 3.76 39.71
C ILE A 197 -33.88 4.41 38.34
N GLU A 198 -34.62 5.51 38.32
CA GLU A 198 -34.87 6.21 37.08
C GLU A 198 -34.02 7.48 36.96
N ILE A 199 -33.62 7.78 35.74
CA ILE A 199 -32.59 8.78 35.46
C ILE A 199 -32.92 10.13 36.08
N PRO A 200 -32.06 10.59 37.01
CA PRO A 200 -32.18 11.90 37.66
C PRO A 200 -32.24 13.04 36.64
N GLU A 201 -33.03 14.06 36.95
CA GLU A 201 -33.21 15.22 36.07
C GLU A 201 -31.90 15.82 35.58
N ASP A 202 -31.10 16.37 36.49
CA ASP A 202 -29.92 17.13 36.08
C ASP A 202 -28.95 16.33 35.20
N HIS A 203 -29.07 15.01 35.23
CA HIS A 203 -28.35 14.17 34.26
C HIS A 203 -29.22 13.69 33.08
N LEU A 204 -30.50 14.07 33.10
CA LEU A 204 -31.44 13.62 32.07
C LEU A 204 -30.99 14.01 30.65
N ASP A 205 -30.67 15.29 30.47
CA ASP A 205 -30.17 15.80 29.20
C ASP A 205 -28.91 15.06 28.77
N ARG A 206 -27.88 15.11 29.62
CA ARG A 206 -26.61 14.46 29.33
C ARG A 206 -26.84 13.03 28.86
N ALA A 207 -27.77 12.35 29.53
CA ALA A 207 -28.20 11.03 29.11
C ALA A 207 -28.78 11.07 27.69
N GLU A 208 -29.58 12.09 27.40
CA GLU A 208 -30.30 12.16 26.13
C GLU A 208 -29.42 12.33 24.88
N GLU A 209 -28.53 13.30 24.89
CA GLU A 209 -27.64 13.50 23.75
C GLU A 209 -26.64 12.35 23.67
N ALA A 210 -26.42 11.69 24.79
CA ALA A 210 -25.52 10.55 24.86
C ALA A 210 -26.09 9.35 24.11
N ARG A 211 -27.33 8.98 24.42
CA ARG A 211 -27.99 7.90 23.70
C ARG A 211 -28.07 8.24 22.22
N ALA A 212 -28.37 9.51 21.93
CA ALA A 212 -28.42 9.99 20.55
C ALA A 212 -27.06 9.80 19.87
N SER A 213 -26.01 10.16 20.59
CA SER A 213 -24.65 9.98 20.07
C SER A 213 -24.27 8.50 20.06
N LEU A 214 -24.99 7.70 20.82
CA LEU A 214 -24.78 6.26 20.78
C LEU A 214 -25.35 5.69 19.49
N ILE A 215 -26.56 6.12 19.16
CA ILE A 215 -27.37 5.46 18.12
C ILE A 215 -26.89 5.56 16.68
N GLU A 216 -26.20 6.65 16.32
CA GLU A 216 -25.63 6.74 14.99
C GLU A 216 -24.39 5.84 14.83
N ALA A 217 -23.42 5.97 15.74
CA ALA A 217 -22.12 5.31 15.53
C ALA A 217 -22.36 3.88 15.05
N VAL A 218 -23.42 3.27 15.59
CA VAL A 218 -23.95 2.03 15.05
C VAL A 218 -24.55 2.23 13.65
N ALA A 219 -25.21 3.37 13.45
CA ALA A 219 -25.93 3.66 12.21
C ALA A 219 -25.06 3.98 11.00
N GLU A 220 -23.80 4.37 11.24
CA GLU A 220 -22.86 4.57 10.13
C GLU A 220 -22.77 3.26 9.36
N THR A 221 -23.15 2.19 10.04
CA THR A 221 -23.04 0.84 9.53
C THR A 221 -24.38 0.35 8.99
N SER A 222 -25.37 0.26 9.88
CA SER A 222 -26.71 -0.18 9.49
C SER A 222 -27.37 0.79 8.52
N ASP A 223 -28.24 0.27 7.67
CA ASP A 223 -28.86 1.08 6.62
C ASP A 223 -30.21 1.66 7.03
N GLU A 224 -31.22 0.81 7.17
CA GLU A 224 -32.56 1.27 7.49
C GLU A 224 -32.57 2.13 8.74
N LEU A 225 -31.63 1.86 9.65
CA LEU A 225 -31.51 2.65 10.87
C LEU A 225 -31.12 4.09 10.57
N MET A 226 -30.51 4.32 9.42
CA MET A 226 -30.12 5.68 9.06
C MET A 226 -31.36 6.53 8.82
N GLU A 227 -32.26 6.04 7.97
CA GLU A 227 -33.55 6.69 7.81
C GLU A 227 -34.15 6.92 9.20
N LYS A 228 -34.36 5.82 9.91
CA LYS A 228 -35.07 5.85 11.18
C LYS A 228 -34.51 6.87 12.17
N TYR A 229 -33.23 7.19 12.04
CA TYR A 229 -32.63 8.19 12.91
C TYR A 229 -33.08 9.60 12.55
N LEU A 230 -32.63 10.09 11.40
CA LEU A 230 -33.03 11.40 10.88
C LEU A 230 -34.54 11.50 10.69
N GLY A 231 -35.13 10.44 10.13
CA GLY A 231 -36.54 10.39 9.84
C GLY A 231 -37.30 10.48 11.15
N ASP A 232 -36.52 10.48 12.23
CA ASP A 232 -37.00 10.81 13.56
C ASP A 232 -37.69 9.66 14.26
N GLU A 233 -37.95 8.58 13.53
CA GLU A 233 -38.70 7.48 14.09
C GLU A 233 -38.08 7.11 15.41
N GLU A 234 -38.92 6.86 16.40
CA GLU A 234 -38.43 6.47 17.71
C GLU A 234 -37.91 5.04 17.65
N ILE A 235 -36.71 4.84 18.18
CA ILE A 235 -36.05 3.54 18.13
C ILE A 235 -36.25 2.76 19.43
N SER A 236 -36.70 1.52 19.31
CA SER A 236 -36.96 0.68 20.46
C SER A 236 -35.69 0.29 21.18
N VAL A 237 -35.84 -0.13 22.44
CA VAL A 237 -34.74 -0.73 23.18
C VAL A 237 -34.22 -1.94 22.42
N SER A 238 -35.03 -3.00 22.39
CA SER A 238 -34.64 -4.25 21.75
C SER A 238 -34.09 -4.03 20.34
N GLU A 239 -34.93 -3.48 19.47
CA GLU A 239 -34.56 -3.29 18.07
C GLU A 239 -33.23 -2.56 17.94
N LEU A 240 -32.92 -1.72 18.91
CA LEU A 240 -31.62 -1.08 18.97
C LEU A 240 -30.54 -2.12 19.25
N LYS A 241 -30.78 -2.94 20.28
CA LYS A 241 -29.87 -4.02 20.63
C LYS A 241 -29.55 -4.90 19.46
N GLU A 242 -30.57 -5.33 18.76
CA GLU A 242 -30.33 -6.17 17.60
C GLU A 242 -29.30 -5.50 16.70
N ALA A 243 -29.36 -4.18 16.61
CA ALA A 243 -28.54 -3.42 15.65
C ALA A 243 -27.05 -3.33 16.00
N ILE A 244 -26.76 -2.89 17.21
CA ILE A 244 -25.43 -2.92 17.81
C ILE A 244 -24.73 -4.25 17.63
N ARG A 245 -25.33 -5.28 18.23
CA ARG A 245 -24.72 -6.60 18.27
C ARG A 245 -24.38 -7.03 16.86
N GLN A 246 -25.05 -6.43 15.89
CA GLN A 246 -24.70 -6.61 14.49
C GLN A 246 -23.39 -5.87 14.16
N ALA A 247 -23.24 -4.64 14.64
CA ALA A 247 -22.01 -3.89 14.41
C ALA A 247 -20.78 -4.51 15.07
N THR A 248 -20.94 -4.92 16.32
CA THR A 248 -19.83 -5.46 17.10
C THR A 248 -19.37 -6.82 16.59
N THR A 249 -20.33 -7.68 16.24
CA THR A 249 -20.00 -9.02 15.75
C THR A 249 -19.35 -8.98 14.36
N ASN A 250 -19.57 -7.88 13.65
CA ASN A 250 -18.84 -7.62 12.42
C ASN A 250 -17.64 -6.72 12.68
N VAL A 251 -17.43 -6.36 13.95
CA VAL A 251 -16.34 -5.47 14.38
C VAL A 251 -16.22 -4.21 13.54
N GLU A 252 -17.34 -3.52 13.33
CA GLU A 252 -17.29 -2.14 12.90
C GLU A 252 -17.54 -1.13 14.03
N PHE A 253 -17.84 -1.64 15.22
CA PHE A 253 -18.11 -0.78 16.39
C PHE A 253 -17.68 -1.43 17.71
N TYR A 254 -17.13 -0.64 18.62
CA TYR A 254 -16.75 -1.15 19.93
C TYR A 254 -17.55 -0.47 21.04
N PRO A 255 -18.48 -1.21 21.66
CA PRO A 255 -19.24 -0.70 22.79
C PRO A 255 -18.29 -0.37 23.93
N VAL A 256 -18.66 0.59 24.78
CA VAL A 256 -17.79 1.01 25.87
C VAL A 256 -18.55 1.09 27.19
N LEU A 257 -17.95 0.57 28.25
CA LEU A 257 -18.59 0.53 29.56
C LEU A 257 -17.71 1.12 30.66
N CYS A 258 -18.21 1.13 31.89
CA CYS A 258 -17.51 1.77 32.99
C CYS A 258 -17.75 1.07 34.33
N GLY A 259 -16.90 1.37 35.31
CA GLY A 259 -17.05 0.86 36.66
C GLY A 259 -15.76 0.75 37.43
N THR A 260 -15.83 0.15 38.62
CA THR A 260 -14.65 -0.19 39.38
C THR A 260 -14.74 -1.66 39.79
N ALA A 261 -13.80 -2.47 39.29
CA ALA A 261 -13.82 -3.89 39.57
C ALA A 261 -13.64 -4.15 41.07
N PHE A 262 -12.70 -3.44 41.69
CA PHE A 262 -12.39 -3.65 43.10
C PHE A 262 -13.58 -3.34 44.01
N LYS A 263 -14.34 -2.31 43.67
CA LYS A 263 -15.48 -1.91 44.49
C LYS A 263 -16.75 -2.61 44.02
N ASN A 264 -16.62 -3.48 43.03
CA ASN A 264 -17.76 -4.22 42.49
C ASN A 264 -18.86 -3.31 41.96
N LYS A 265 -18.53 -2.56 40.91
CA LYS A 265 -19.49 -1.67 40.27
C LYS A 265 -19.41 -1.80 38.75
N GLY A 266 -20.54 -2.13 38.12
CA GLY A 266 -20.61 -2.23 36.67
C GLY A 266 -20.01 -3.50 36.08
N VAL A 267 -19.66 -4.46 36.95
CA VAL A 267 -19.02 -5.70 36.52
C VAL A 267 -20.07 -6.63 35.93
N GLN A 268 -21.20 -6.73 36.62
CA GLN A 268 -22.38 -7.46 36.18
C GLN A 268 -22.95 -6.90 34.88
N LEU A 269 -23.19 -5.60 34.85
CA LEU A 269 -23.64 -4.90 33.66
C LEU A 269 -22.75 -5.24 32.47
N MET A 270 -21.45 -5.30 32.72
CA MET A 270 -20.49 -5.62 31.66
C MET A 270 -20.59 -7.10 31.29
N LEU A 271 -20.91 -7.94 32.27
CA LEU A 271 -21.12 -9.35 32.02
C LEU A 271 -22.34 -9.56 31.14
N ASP A 272 -23.43 -8.89 31.48
CA ASP A 272 -24.61 -8.88 30.63
C ASP A 272 -24.18 -8.45 29.24
N ALA A 273 -23.33 -7.42 29.20
CA ALA A 273 -22.84 -6.88 27.95
C ALA A 273 -22.18 -7.94 27.06
N VAL A 274 -21.37 -8.80 27.67
CA VAL A 274 -20.74 -9.89 26.94
C VAL A 274 -21.78 -10.79 26.29
N ILE A 275 -22.88 -11.02 27.01
CA ILE A 275 -23.97 -11.84 26.50
C ILE A 275 -24.67 -11.17 25.32
N ASP A 276 -24.94 -9.88 25.47
CA ASP A 276 -25.71 -9.14 24.47
C ASP A 276 -24.97 -9.00 23.14
N TYR A 277 -23.65 -8.78 23.21
CA TYR A 277 -22.90 -8.22 22.10
C TYR A 277 -21.84 -9.16 21.56
N LEU A 278 -20.88 -9.50 22.41
CA LEU A 278 -19.78 -10.36 22.02
C LEU A 278 -20.30 -11.62 21.36
N PRO A 279 -19.50 -12.18 20.42
CA PRO A 279 -19.95 -13.23 19.52
C PRO A 279 -20.09 -14.61 20.16
N SER A 280 -21.01 -15.40 19.63
CA SER A 280 -21.01 -16.83 19.84
C SER A 280 -20.05 -17.40 18.81
N PRO A 281 -19.64 -18.67 18.98
CA PRO A 281 -18.79 -19.32 17.98
C PRO A 281 -19.40 -19.30 16.58
N LEU A 282 -20.72 -19.13 16.49
CA LEU A 282 -21.40 -19.10 15.20
C LEU A 282 -21.32 -17.74 14.52
N ASP A 283 -21.06 -16.69 15.30
CA ASP A 283 -21.11 -15.32 14.78
C ASP A 283 -19.79 -14.83 14.18
N VAL A 284 -18.78 -15.71 14.13
CA VAL A 284 -17.52 -15.36 13.50
C VAL A 284 -17.23 -16.30 12.33
N LYS A 285 -16.17 -16.03 11.59
CA LYS A 285 -15.86 -16.78 10.37
C LYS A 285 -14.92 -17.94 10.65
N PRO A 286 -15.17 -19.09 10.02
CA PRO A 286 -14.45 -20.34 10.30
C PRO A 286 -12.94 -20.18 10.22
N ILE A 287 -12.24 -21.00 10.99
CA ILE A 287 -10.79 -20.95 11.05
C ILE A 287 -10.16 -21.61 9.83
N ILE A 288 -9.17 -20.94 9.24
CA ILE A 288 -8.51 -21.44 8.04
C ILE A 288 -7.42 -22.46 8.38
N GLY A 289 -7.26 -23.45 7.51
CA GLY A 289 -6.27 -24.49 7.70
C GLY A 289 -6.09 -25.32 6.46
N HIS A 290 -4.98 -26.05 6.39
CA HIS A 290 -4.67 -26.88 5.24
C HIS A 290 -4.67 -28.37 5.60
N ARG A 291 -4.34 -29.21 4.63
CA ARG A 291 -4.29 -30.65 4.87
C ARG A 291 -2.85 -31.14 5.10
N ALA A 292 -2.70 -32.43 5.35
CA ALA A 292 -1.44 -32.99 5.84
C ALA A 292 -0.34 -33.14 4.80
N SER A 293 -0.73 -33.34 3.54
CA SER A 293 0.25 -33.48 2.46
C SER A 293 0.49 -32.14 1.74
N ASN A 294 -0.52 -31.67 1.01
CA ASN A 294 -0.46 -30.34 0.40
C ASN A 294 -0.90 -29.34 1.47
N PRO A 295 0.01 -28.45 1.90
CA PRO A 295 -0.46 -27.38 2.79
C PRO A 295 -0.78 -26.07 2.06
N GLU A 296 -1.35 -26.14 0.86
CA GLU A 296 -1.86 -24.92 0.22
C GLU A 296 -3.38 -24.80 0.10
N GLU A 297 -4.09 -25.84 0.50
CA GLU A 297 -5.55 -25.80 0.51
C GLU A 297 -6.05 -25.20 1.78
N GLU A 298 -6.96 -24.26 1.64
CA GLU A 298 -7.76 -23.89 2.79
C GLU A 298 -8.78 -25.00 3.00
N VAL A 299 -8.76 -25.56 4.21
CA VAL A 299 -9.76 -26.53 4.62
C VAL A 299 -10.60 -25.88 5.68
N ILE A 300 -11.91 -25.92 5.49
CA ILE A 300 -12.81 -25.16 6.34
C ILE A 300 -13.10 -25.91 7.64
N ALA A 301 -13.11 -25.18 8.75
CA ALA A 301 -13.55 -25.74 10.01
C ALA A 301 -14.61 -24.84 10.63
N LYS A 302 -15.84 -25.33 10.67
CA LYS A 302 -16.98 -24.60 11.22
C LYS A 302 -17.54 -25.45 12.34
N ALA A 303 -18.41 -24.87 13.16
CA ALA A 303 -18.88 -25.65 14.29
C ALA A 303 -20.07 -26.45 13.80
N ASP A 304 -19.81 -27.75 13.65
CA ASP A 304 -20.81 -28.72 13.24
C ASP A 304 -20.51 -29.98 14.02
N ASP A 305 -21.51 -30.52 14.71
CA ASP A 305 -21.31 -31.73 15.49
C ASP A 305 -21.46 -32.95 14.59
N SER A 306 -22.07 -32.74 13.43
CA SER A 306 -22.24 -33.80 12.44
C SER A 306 -20.92 -34.07 11.75
N ALA A 307 -20.18 -33.00 11.49
CA ALA A 307 -18.94 -33.09 10.71
C ALA A 307 -17.84 -33.76 11.52
N GLU A 308 -16.68 -33.94 10.90
CA GLU A 308 -15.55 -34.54 11.60
C GLU A 308 -14.92 -33.56 12.59
N PHE A 309 -14.67 -34.05 13.80
CA PHE A 309 -14.02 -33.27 14.85
C PHE A 309 -12.67 -32.73 14.41
N ALA A 310 -12.41 -31.47 14.77
CA ALA A 310 -11.09 -30.88 14.60
C ALA A 310 -10.84 -29.88 15.74
N ALA A 311 -9.62 -29.87 16.25
CA ALA A 311 -9.31 -29.06 17.43
C ALA A 311 -7.85 -28.61 17.49
N LEU A 312 -7.59 -27.60 18.31
CA LEU A 312 -6.24 -27.04 18.46
C LEU A 312 -5.82 -27.01 19.93
N ALA A 313 -4.58 -27.39 20.21
CA ALA A 313 -4.06 -27.40 21.57
C ALA A 313 -3.27 -26.14 21.89
N PHE A 314 -3.82 -25.29 22.75
CA PHE A 314 -3.15 -24.03 23.07
C PHE A 314 -2.33 -23.99 24.37
N LYS A 315 -2.40 -25.02 25.21
CA LYS A 315 -1.60 -25.01 26.44
C LYS A 315 -1.30 -26.41 26.97
N VAL A 316 -0.11 -26.56 27.56
CA VAL A 316 0.30 -27.81 28.20
C VAL A 316 0.99 -27.53 29.54
N MET A 317 0.41 -28.05 30.62
CA MET A 317 1.06 -28.01 31.92
C MET A 317 1.00 -29.39 32.59
N THR A 318 1.60 -29.49 33.77
CA THR A 318 1.73 -30.79 34.43
C THR A 318 1.33 -30.74 35.90
N ASP A 319 0.30 -31.52 36.24
CA ASP A 319 -0.21 -31.60 37.60
C ASP A 319 0.56 -32.66 38.39
N PRO A 320 0.76 -32.45 39.69
CA PRO A 320 1.51 -33.36 40.55
C PRO A 320 0.83 -34.72 40.64
N TYR A 321 -0.46 -34.75 40.37
CA TYR A 321 -1.28 -35.94 40.54
C TYR A 321 -1.71 -36.52 39.20
N VAL A 322 -2.46 -35.73 38.43
CA VAL A 322 -3.05 -36.18 37.17
C VAL A 322 -2.06 -36.27 36.01
N GLY A 323 -0.89 -35.65 36.16
CA GLY A 323 0.12 -35.68 35.12
C GLY A 323 -0.08 -34.58 34.08
N LYS A 324 0.29 -34.86 32.84
CA LYS A 324 0.22 -33.84 31.80
C LYS A 324 -1.20 -33.42 31.46
N LEU A 325 -1.42 -32.11 31.46
CA LEU A 325 -2.70 -31.56 31.01
C LEU A 325 -2.52 -30.84 29.68
N THR A 326 -3.24 -31.29 28.66
CA THR A 326 -3.22 -30.63 27.37
C THR A 326 -4.57 -29.97 27.13
N PHE A 327 -4.59 -28.63 27.21
CA PHE A 327 -5.80 -27.87 26.98
C PHE A 327 -6.05 -27.76 25.48
N PHE A 328 -7.32 -27.69 25.09
CA PHE A 328 -7.66 -27.56 23.68
C PHE A 328 -9.02 -26.91 23.44
N ARG A 329 -9.18 -26.36 22.24
CA ARG A 329 -10.45 -25.83 21.76
C ARG A 329 -10.86 -26.62 20.53
N VAL A 330 -12.16 -26.91 20.42
CA VAL A 330 -12.69 -27.68 19.30
C VAL A 330 -13.54 -26.81 18.39
N TYR A 331 -13.04 -26.55 17.19
CA TYR A 331 -13.73 -25.69 16.23
C TYR A 331 -14.86 -26.41 15.50
N SER A 332 -14.58 -27.61 15.01
CA SER A 332 -15.58 -28.39 14.29
C SER A 332 -15.73 -29.79 14.86
N GLY A 333 -16.85 -30.44 14.55
CA GLY A 333 -17.08 -31.81 14.96
C GLY A 333 -17.31 -31.97 16.45
N THR A 334 -17.37 -33.22 16.90
CA THR A 334 -17.59 -33.54 18.30
C THR A 334 -16.63 -34.63 18.75
N MET A 335 -16.34 -34.67 20.05
CA MET A 335 -15.38 -35.62 20.59
C MET A 335 -15.89 -36.31 21.86
N THR A 336 -15.42 -37.53 22.09
CA THR A 336 -15.82 -38.30 23.28
C THR A 336 -14.61 -38.88 24.00
N SER A 337 -14.74 -39.06 25.31
CA SER A 337 -13.67 -39.63 26.12
C SER A 337 -13.52 -41.13 25.88
N GLY A 338 -12.29 -41.57 25.66
CA GLY A 338 -12.01 -42.98 25.50
C GLY A 338 -11.86 -43.43 24.05
N SER A 339 -12.18 -42.56 23.11
CA SER A 339 -12.01 -42.87 21.70
C SER A 339 -10.62 -42.48 21.22
N TYR A 340 -10.33 -42.77 19.95
CA TYR A 340 -9.02 -42.51 19.38
C TYR A 340 -9.06 -41.27 18.50
N VAL A 341 -7.96 -40.54 18.46
CA VAL A 341 -7.88 -39.36 17.60
C VAL A 341 -6.52 -39.23 16.93
N LYS A 342 -6.49 -38.48 15.84
CA LYS A 342 -5.26 -38.24 15.12
C LYS A 342 -4.61 -36.97 15.63
N ASN A 343 -3.34 -37.07 15.99
CA ASN A 343 -2.56 -35.87 16.26
C ASN A 343 -1.96 -35.57 14.91
N SER A 344 -2.49 -34.52 14.27
CA SER A 344 -2.24 -34.30 12.86
C SER A 344 -0.89 -33.64 12.64
N THR A 345 -0.50 -32.79 13.57
CA THR A 345 0.75 -32.05 13.46
C THR A 345 1.97 -32.97 13.55
N LYS A 346 1.94 -33.93 14.47
CA LYS A 346 3.08 -34.81 14.67
C LYS A 346 2.98 -36.16 13.95
N GLY A 347 1.87 -36.39 13.26
CA GLY A 347 1.69 -37.58 12.45
C GLY A 347 1.63 -38.89 13.23
N LYS A 348 0.71 -38.97 14.18
CA LYS A 348 0.54 -40.17 15.00
C LYS A 348 -0.91 -40.38 15.42
N ARG A 349 -1.11 -41.35 16.30
CA ARG A 349 -2.44 -41.69 16.80
C ARG A 349 -2.43 -41.52 18.31
N GLU A 350 -3.44 -40.84 18.84
CA GLU A 350 -3.52 -40.60 20.28
C GLU A 350 -4.83 -41.14 20.87
N ARG A 351 -4.74 -41.75 22.04
CA ARG A 351 -5.90 -42.32 22.70
C ARG A 351 -6.37 -41.41 23.83
N VAL A 352 -7.54 -40.81 23.64
CA VAL A 352 -8.09 -39.89 24.62
C VAL A 352 -8.29 -40.55 25.98
N GLY A 353 -7.76 -39.91 27.02
CA GLY A 353 -7.99 -40.35 28.38
C GLY A 353 -9.28 -39.70 28.83
N ARG A 354 -9.39 -39.42 30.13
CA ARG A 354 -10.54 -38.69 30.64
C ARG A 354 -10.37 -37.19 30.38
N LEU A 355 -11.48 -36.51 30.16
CA LEU A 355 -11.45 -35.08 29.88
C LEU A 355 -11.85 -34.29 31.13
N LEU A 356 -11.10 -33.24 31.44
CA LEU A 356 -11.36 -32.44 32.62
C LEU A 356 -11.73 -30.99 32.27
N GLN A 357 -12.44 -30.34 33.19
CA GLN A 357 -12.77 -28.92 33.04
C GLN A 357 -12.44 -28.17 34.32
N MET A 358 -11.50 -27.24 34.23
CA MET A 358 -11.20 -26.38 35.37
C MET A 358 -12.30 -25.34 35.48
N HIS A 359 -12.96 -25.31 36.63
CA HIS A 359 -13.91 -24.25 36.94
C HIS A 359 -13.20 -23.29 37.86
N ALA A 360 -13.90 -22.23 38.27
CA ALA A 360 -13.29 -21.25 39.17
C ALA A 360 -12.66 -21.99 40.34
N ASN A 361 -13.51 -22.51 41.21
CA ASN A 361 -13.07 -23.39 42.27
C ASN A 361 -13.73 -24.76 42.09
N SER A 362 -13.04 -25.69 41.43
CA SER A 362 -13.52 -27.06 41.30
C SER A 362 -12.75 -27.71 40.17
N ARG A 363 -13.00 -28.99 39.96
CA ARG A 363 -12.67 -29.61 38.69
C ARG A 363 -13.76 -30.62 38.36
N GLN A 364 -14.22 -30.63 37.10
CA GLN A 364 -15.31 -31.54 36.74
C GLN A 364 -15.04 -32.32 35.45
N GLU A 365 -15.36 -33.61 35.52
CA GLU A 365 -15.09 -34.56 34.43
C GLU A 365 -16.29 -34.76 33.52
N ILE A 366 -16.04 -34.91 32.22
CA ILE A 366 -17.09 -35.19 31.25
C ILE A 366 -16.60 -36.16 30.19
N ASP A 367 -17.55 -36.85 29.55
CA ASP A 367 -17.22 -37.85 28.54
C ASP A 367 -17.30 -37.32 27.12
N THR A 368 -17.74 -36.08 26.93
CA THR A 368 -17.94 -35.57 25.58
C THR A 368 -17.61 -34.09 25.41
N VAL A 369 -16.92 -33.79 24.32
CA VAL A 369 -16.66 -32.42 23.92
C VAL A 369 -17.25 -32.13 22.55
N TYR A 370 -18.24 -31.26 22.51
CA TYR A 370 -18.85 -30.83 21.25
C TYR A 370 -18.07 -29.67 20.68
N SER A 371 -18.61 -29.01 19.67
CA SER A 371 -17.88 -27.89 19.06
C SER A 371 -17.92 -26.68 19.99
N GLY A 372 -17.21 -25.62 19.61
CA GLY A 372 -17.24 -24.37 20.34
C GLY A 372 -16.89 -24.43 21.81
N ASP A 373 -16.29 -25.54 22.24
CA ASP A 373 -16.04 -25.73 23.66
C ASP A 373 -14.56 -25.96 23.98
N ILE A 374 -14.20 -25.79 25.24
CA ILE A 374 -12.82 -25.92 25.67
C ILE A 374 -12.67 -26.84 26.89
N ALA A 375 -11.73 -27.76 26.81
CA ALA A 375 -11.47 -28.70 27.89
C ALA A 375 -10.03 -29.18 27.87
N ALA A 376 -9.57 -29.76 28.97
CA ALA A 376 -8.22 -30.31 29.04
C ALA A 376 -8.26 -31.83 28.98
N ALA A 377 -7.24 -32.42 28.37
CA ALA A 377 -7.15 -33.87 28.23
C ALA A 377 -6.01 -34.44 29.06
N VAL A 378 -6.26 -35.56 29.73
CA VAL A 378 -5.27 -36.19 30.59
C VAL A 378 -4.47 -37.29 29.88
N GLY A 379 -3.17 -37.33 30.14
CA GLY A 379 -2.33 -38.40 29.64
C GLY A 379 -2.32 -38.58 28.14
N LEU A 380 -2.06 -37.50 27.40
CA LEU A 380 -1.79 -37.62 25.98
C LEU A 380 -0.28 -37.50 25.82
N LYS A 381 0.38 -38.62 25.54
CA LYS A 381 1.83 -38.67 25.66
C LYS A 381 2.59 -37.74 24.72
N ASP A 382 2.26 -37.80 23.42
CA ASP A 382 3.07 -37.17 22.39
C ASP A 382 2.66 -35.76 21.93
N THR A 383 1.66 -35.17 22.59
CA THR A 383 1.08 -33.87 22.21
C THR A 383 1.77 -32.62 22.78
N GLY A 384 1.76 -31.53 22.01
CA GLY A 384 2.34 -30.28 22.46
C GLY A 384 1.60 -29.06 21.95
N THR A 385 1.95 -27.88 22.49
CA THR A 385 1.28 -26.63 22.13
C THR A 385 1.40 -26.34 20.65
N GLY A 386 0.27 -26.05 20.01
CA GLY A 386 0.24 -25.78 18.58
C GLY A 386 -0.24 -26.98 17.78
N ASP A 387 -0.31 -28.13 18.44
CA ASP A 387 -0.70 -29.38 17.79
C ASP A 387 -2.19 -29.42 17.43
N THR A 388 -2.49 -29.92 16.23
CA THR A 388 -3.87 -29.99 15.75
C THR A 388 -4.39 -31.42 15.85
N LEU A 389 -5.45 -31.60 16.64
CA LEU A 389 -6.09 -32.91 16.77
C LEU A 389 -7.35 -32.96 15.93
N CYS A 390 -7.43 -33.93 15.04
CA CYS A 390 -8.63 -34.14 14.24
C CYS A 390 -9.04 -35.61 14.27
N GLY A 391 -10.06 -35.95 13.51
CA GLY A 391 -10.55 -37.31 13.45
C GLY A 391 -9.55 -38.27 12.86
N GLU A 392 -9.89 -39.56 12.87
CA GLU A 392 -9.01 -40.61 12.38
C GLU A 392 -8.86 -40.57 10.86
N LYS A 393 -9.98 -40.57 10.16
CA LYS A 393 -9.98 -40.65 8.71
C LYS A 393 -9.27 -39.45 8.06
N ASN A 394 -9.65 -38.26 8.49
CA ASN A 394 -9.28 -37.04 7.77
C ASN A 394 -7.81 -36.65 7.92
N ASP A 395 -7.42 -35.62 7.19
CA ASP A 395 -6.12 -34.98 7.36
C ASP A 395 -6.30 -33.48 7.35
N ILE A 396 -6.03 -32.84 8.49
CA ILE A 396 -6.18 -31.39 8.61
C ILE A 396 -5.25 -30.83 9.66
N ILE A 397 -4.76 -29.60 9.43
CA ILE A 397 -3.91 -28.92 10.40
C ILE A 397 -4.27 -27.44 10.47
N LEU A 398 -4.44 -26.92 11.68
CA LEU A 398 -4.85 -25.53 11.87
C LEU A 398 -3.72 -24.55 12.16
N GLU A 399 -2.49 -25.04 12.27
CA GLU A 399 -1.35 -24.18 12.59
C GLU A 399 -0.01 -24.76 12.12
N SER A 400 0.98 -23.87 11.97
CA SER A 400 2.31 -24.27 11.51
C SER A 400 3.39 -23.82 12.50
N PRO A 404 9.90 -20.66 12.83
CA PRO A 404 10.83 -21.08 13.89
C PRO A 404 12.30 -20.91 13.46
N GLU A 405 13.12 -20.20 14.24
CA GLU A 405 14.57 -20.16 13.97
C GLU A 405 15.30 -19.26 14.97
N PRO A 406 16.40 -19.77 15.54
CA PRO A 406 17.11 -18.98 16.55
C PRO A 406 17.93 -17.85 15.94
N VAL A 407 17.70 -16.62 16.38
CA VAL A 407 18.56 -15.50 16.00
C VAL A 407 19.52 -15.02 17.10
N ILE A 408 19.37 -15.56 18.30
CA ILE A 408 20.13 -15.08 19.46
C ILE A 408 20.26 -16.22 20.47
N HIS A 409 21.37 -16.28 21.20
CA HIS A 409 21.61 -17.44 22.06
C HIS A 409 22.43 -17.17 23.33
N LEU A 410 22.29 -18.06 24.30
CA LEU A 410 22.93 -17.91 25.61
C LEU A 410 23.77 -19.13 25.98
N SER A 411 24.71 -18.93 26.90
CA SER A 411 25.42 -20.04 27.52
C SER A 411 24.88 -20.20 28.93
N VAL A 412 24.73 -21.45 29.37
CA VAL A 412 24.22 -21.72 30.71
C VAL A 412 25.12 -22.65 31.50
N GLU A 413 25.49 -22.24 32.70
CA GLU A 413 26.46 -22.96 33.51
C GLU A 413 25.83 -23.51 34.79
N PRO A 414 25.63 -24.83 34.86
CA PRO A 414 25.11 -25.45 36.07
C PRO A 414 26.21 -25.61 37.12
N LYS A 415 25.85 -25.62 38.40
CA LYS A 415 26.85 -25.73 39.46
C LYS A 415 27.00 -27.16 40.00
N SER A 416 28.25 -27.55 40.21
CA SER A 416 28.65 -28.93 40.48
C SER A 416 28.05 -29.88 39.45
N LYS A 417 27.70 -31.09 39.88
CA LYS A 417 26.88 -31.97 39.08
C LYS A 417 25.44 -32.04 39.62
N ALA A 418 25.22 -31.39 40.76
CA ALA A 418 23.96 -31.50 41.48
C ALA A 418 22.79 -30.91 40.71
N ASP A 419 22.97 -29.68 40.24
CA ASP A 419 21.93 -29.01 39.47
C ASP A 419 21.87 -29.56 38.06
N GLN A 420 23.05 -29.81 37.50
CA GLN A 420 23.18 -30.13 36.09
C GLN A 420 22.23 -31.23 35.64
N ASP A 421 21.85 -32.12 36.56
CA ASP A 421 20.87 -33.15 36.26
C ASP A 421 19.53 -32.53 35.92
N LYS A 422 19.00 -31.76 36.87
CA LYS A 422 17.65 -31.23 36.79
C LYS A 422 17.39 -30.42 35.51
N MET A 423 18.36 -29.59 35.15
CA MET A 423 18.25 -28.82 33.91
C MET A 423 18.03 -29.73 32.71
N THR A 424 19.02 -30.57 32.42
CA THR A 424 18.97 -31.45 31.25
C THR A 424 17.66 -32.23 31.22
N GLN A 425 17.09 -32.46 32.40
CA GLN A 425 15.76 -33.06 32.50
C GLN A 425 14.71 -32.10 31.99
N ALA A 426 14.71 -30.88 32.51
CA ALA A 426 13.75 -29.85 32.14
C ALA A 426 13.70 -29.65 30.63
N LEU A 427 14.87 -29.57 30.01
CA LEU A 427 14.98 -29.29 28.59
C LEU A 427 14.13 -30.22 27.74
N VAL A 428 14.01 -31.48 28.15
CA VAL A 428 13.18 -32.43 27.43
C VAL A 428 11.71 -32.03 27.50
N LYS A 429 11.22 -31.86 28.74
CA LYS A 429 9.86 -31.38 28.97
C LYS A 429 9.57 -30.08 28.21
N LEU A 430 10.35 -29.04 28.51
CA LEU A 430 10.09 -27.71 27.96
C LEU A 430 9.80 -27.70 26.45
N GLN A 431 10.50 -28.55 25.70
CA GLN A 431 10.27 -28.68 24.27
C GLN A 431 8.77 -28.85 23.97
N GLU A 432 8.15 -29.80 24.67
CA GLU A 432 6.74 -30.10 24.46
C GLU A 432 5.86 -28.88 24.68
N GLU A 433 6.23 -28.07 25.68
CA GLU A 433 5.46 -26.89 26.04
C GLU A 433 5.71 -25.70 25.10
N ASP A 434 6.98 -25.41 24.81
CA ASP A 434 7.37 -24.40 23.82
C ASP A 434 8.42 -24.90 22.84
N PRO A 435 7.98 -25.39 21.68
CA PRO A 435 8.92 -25.91 20.67
C PRO A 435 9.83 -24.83 20.07
N THR A 436 9.50 -23.56 20.32
CA THR A 436 10.14 -22.44 19.62
C THR A 436 11.61 -22.17 20.00
N PHE A 437 12.14 -22.96 20.93
CA PHE A 437 13.54 -22.80 21.34
C PHE A 437 14.39 -24.02 20.95
N HIS A 438 15.70 -23.84 20.87
CA HIS A 438 16.61 -24.91 20.46
C HIS A 438 17.44 -25.47 21.62
N ALA A 439 17.77 -26.74 21.52
CA ALA A 439 18.63 -27.39 22.51
C ALA A 439 20.03 -27.67 21.94
N HIS A 440 21.06 -27.15 22.59
CA HIS A 440 22.45 -27.46 22.21
C HIS A 440 23.32 -27.84 23.42
N THR A 441 23.75 -29.11 23.48
CA THR A 441 24.64 -29.56 24.56
C THR A 441 26.15 -29.63 24.19
N ASP A 442 26.48 -29.35 22.93
CA ASP A 442 27.85 -29.54 22.43
C ASP A 442 28.67 -30.55 23.23
N GLN A 447 29.28 -27.38 28.43
CA GLN A 447 28.28 -26.34 28.65
C GLN A 447 27.04 -26.59 27.79
N VAL A 448 25.92 -25.97 28.16
CA VAL A 448 24.71 -26.06 27.37
C VAL A 448 24.37 -24.69 26.78
N ILE A 449 23.79 -24.70 25.59
CA ILE A 449 23.52 -23.48 24.84
C ILE A 449 22.10 -23.48 24.29
N ILE A 450 21.35 -22.42 24.56
CA ILE A 450 20.00 -22.30 24.03
C ILE A 450 19.79 -21.05 23.18
N GLY A 451 19.43 -21.27 21.91
CA GLY A 451 19.05 -20.20 21.02
C GLY A 451 17.55 -19.99 21.07
N GLY A 452 17.11 -18.78 20.72
CA GLY A 452 15.70 -18.43 20.78
C GLY A 452 15.41 -17.23 19.90
N MET A 453 14.17 -16.74 19.95
CA MET A 453 13.74 -15.66 19.06
C MET A 453 14.05 -14.26 19.62
N GLY A 454 14.44 -14.20 20.89
CA GLY A 454 14.74 -12.92 21.52
C GLY A 454 15.13 -13.02 22.99
N GLU A 455 15.69 -11.93 23.51
CA GLU A 455 16.10 -11.82 24.91
C GLU A 455 14.95 -12.13 25.86
N LEU A 456 13.76 -11.61 25.56
CA LEU A 456 12.59 -11.86 26.41
C LEU A 456 12.23 -13.34 26.39
N HIS A 457 12.08 -13.89 25.19
CA HIS A 457 11.79 -15.31 25.03
C HIS A 457 12.74 -16.10 25.92
N LEU A 458 14.04 -15.99 25.65
CA LEU A 458 15.06 -16.72 26.38
C LEU A 458 14.97 -16.59 27.91
N ASP A 459 14.62 -15.40 28.41
CA ASP A 459 14.52 -15.18 29.85
C ASP A 459 13.45 -16.06 30.50
N ILE A 460 12.20 -15.95 30.03
CA ILE A 460 11.11 -16.75 30.59
C ILE A 460 11.52 -18.22 30.63
N LEU A 461 12.22 -18.64 29.58
CA LEU A 461 12.79 -19.98 29.51
C LEU A 461 13.77 -20.21 30.65
N VAL A 462 14.70 -19.29 30.85
CA VAL A 462 15.64 -19.37 31.96
C VAL A 462 14.89 -19.22 33.28
N ASP A 463 13.93 -18.30 33.30
CA ASP A 463 13.05 -18.09 34.42
C ASP A 463 12.46 -19.44 34.86
N ARG A 464 11.86 -20.13 33.91
CA ARG A 464 11.22 -21.42 34.19
C ARG A 464 12.17 -22.44 34.80
N MET A 465 13.45 -22.36 34.45
CA MET A 465 14.46 -23.27 34.98
C MET A 465 14.88 -22.86 36.38
N LYS A 466 15.49 -21.68 36.48
CA LYS A 466 15.97 -21.17 37.75
C LYS A 466 14.94 -21.32 38.87
N LYS A 467 13.68 -21.09 38.54
CA LYS A 467 12.63 -21.13 39.57
C LYS A 467 11.87 -22.44 39.57
N GLU A 468 11.01 -22.60 38.57
CA GLU A 468 10.02 -23.67 38.62
C GLU A 468 10.68 -25.04 38.72
N PHE A 469 11.81 -25.20 38.03
CA PHE A 469 12.58 -26.44 38.10
C PHE A 469 13.77 -26.37 39.05
N ASN A 470 13.95 -25.22 39.70
CA ASN A 470 14.97 -25.06 40.73
C ASN A 470 16.38 -25.48 40.33
N VAL A 471 16.96 -24.75 39.38
CA VAL A 471 18.36 -24.93 39.03
C VAL A 471 19.13 -23.67 39.39
N GLU A 472 20.31 -23.82 39.98
CA GLU A 472 21.16 -22.67 40.26
C GLU A 472 22.27 -22.64 39.23
N CYS A 473 22.21 -21.68 38.32
CA CYS A 473 23.08 -21.68 37.15
C CYS A 473 23.57 -20.30 36.73
N ASN A 474 24.85 -20.25 36.36
CA ASN A 474 25.43 -19.05 35.77
C ASN A 474 24.86 -18.82 34.38
N VAL A 475 24.55 -17.57 34.06
CA VAL A 475 23.90 -17.25 32.79
C VAL A 475 24.62 -16.14 32.03
N GLY A 476 24.93 -16.40 30.76
CA GLY A 476 25.74 -15.49 29.97
C GLY A 476 24.98 -14.31 29.40
N ALA A 477 25.65 -13.57 28.52
CA ALA A 477 25.05 -12.44 27.84
C ALA A 477 24.40 -12.92 26.55
N PRO A 478 23.34 -12.24 26.09
CA PRO A 478 22.75 -12.62 24.81
C PRO A 478 23.77 -12.40 23.71
N MET A 479 23.85 -13.32 22.76
CA MET A 479 24.79 -13.20 21.67
C MET A 479 24.11 -13.46 20.33
N VAL A 480 24.26 -12.52 19.41
CA VAL A 480 23.78 -12.70 18.07
C VAL A 480 24.33 -14.02 17.57
N SER A 481 23.49 -14.82 16.90
CA SER A 481 24.01 -16.03 16.28
C SER A 481 24.19 -15.79 14.80
N TYR A 482 25.46 -15.63 14.41
CA TYR A 482 25.84 -15.40 13.01
C TYR A 482 25.82 -16.69 12.22
N ARG A 483 25.79 -16.56 10.90
CA ARG A 483 25.91 -17.69 10.00
C ARG A 483 27.08 -17.45 9.05
N GLU A 484 27.26 -18.38 8.11
CA GLU A 484 28.26 -18.22 7.06
C GLU A 484 27.66 -18.69 5.74
N THR A 485 28.30 -18.31 4.64
CA THR A 485 27.85 -18.79 3.33
C THR A 485 28.92 -18.58 2.25
N PHE A 486 28.63 -19.05 1.04
CA PHE A 486 29.57 -18.97 -0.07
C PHE A 486 29.11 -17.91 -1.07
N LYS A 487 29.99 -16.95 -1.38
CA LYS A 487 29.66 -15.90 -2.34
C LYS A 487 29.89 -16.31 -3.79
N SER A 488 30.65 -17.39 -3.98
CA SER A 488 30.91 -17.89 -5.33
C SER A 488 30.98 -19.41 -5.37
N SER A 489 31.13 -19.97 -6.57
CA SER A 489 31.12 -21.42 -6.72
C SER A 489 32.52 -21.99 -6.90
N ALA A 490 32.59 -23.32 -7.00
CA ALA A 490 33.82 -24.01 -7.33
C ALA A 490 33.58 -25.50 -7.33
N GLN A 491 34.47 -26.24 -8.00
CA GLN A 491 34.43 -27.69 -7.95
C GLN A 491 35.71 -28.17 -7.28
N VAL A 492 35.54 -29.00 -6.26
CA VAL A 492 36.67 -29.47 -5.47
C VAL A 492 36.52 -30.94 -5.16
N GLN A 493 37.61 -31.54 -4.68
CA GLN A 493 37.62 -32.93 -4.28
C GLN A 493 38.41 -33.12 -3.01
N GLY A 494 37.76 -33.65 -1.97
CA GLY A 494 38.50 -34.22 -0.86
C GLY A 494 38.76 -35.68 -1.15
N LYS A 495 39.91 -36.19 -0.72
CA LYS A 495 40.18 -37.62 -0.76
C LYS A 495 40.93 -38.03 0.51
N PHE A 496 40.41 -39.02 1.24
CA PHE A 496 41.05 -39.47 2.46
C PHE A 496 41.81 -40.77 2.18
N SER A 497 43.13 -40.70 2.20
CA SER A 497 43.97 -41.84 1.85
C SER A 497 44.13 -42.82 3.03
N GLN A 505 41.77 -47.81 4.56
CA GLN A 505 41.23 -46.50 4.90
C GLN A 505 41.34 -45.54 3.71
N TYR A 506 40.31 -45.51 2.87
CA TYR A 506 40.36 -44.68 1.67
C TYR A 506 38.96 -44.19 1.28
N GLY A 507 38.86 -42.93 0.87
CA GLY A 507 37.59 -42.37 0.45
C GLY A 507 37.75 -41.20 -0.51
N ASP A 508 36.74 -40.98 -1.36
CA ASP A 508 36.85 -39.98 -2.42
C ASP A 508 35.55 -39.33 -2.86
N VAL A 509 35.62 -38.03 -3.15
CA VAL A 509 34.48 -37.31 -3.70
C VAL A 509 34.83 -36.10 -4.56
N HIS A 510 34.00 -35.84 -5.56
CA HIS A 510 34.04 -34.60 -6.32
C HIS A 510 32.68 -33.91 -6.20
N ILE A 511 32.66 -32.77 -5.51
CA ILE A 511 31.41 -32.05 -5.28
C ILE A 511 31.47 -30.66 -5.90
N GLU A 512 30.33 -30.18 -6.41
CA GLU A 512 30.26 -28.81 -6.91
C GLU A 512 29.53 -27.92 -5.92
N PHE A 513 30.28 -26.98 -5.33
CA PHE A 513 29.72 -26.07 -4.34
C PHE A 513 29.36 -24.73 -4.94
N THR A 514 28.12 -24.30 -4.74
CA THR A 514 27.64 -23.06 -5.31
C THR A 514 26.80 -22.26 -4.31
N PRO A 515 26.88 -20.92 -4.38
CA PRO A 515 26.05 -20.09 -3.50
C PRO A 515 24.60 -20.35 -3.80
N ASN A 516 23.78 -20.62 -2.78
CA ASN A 516 22.37 -20.84 -3.01
C ASN A 516 21.59 -19.55 -2.83
N GLU A 517 20.29 -19.60 -3.09
CA GLU A 517 19.42 -18.45 -2.95
C GLU A 517 19.26 -18.12 -1.48
N THR A 518 19.41 -16.85 -1.14
CA THR A 518 19.34 -16.46 0.27
C THR A 518 18.02 -16.94 0.86
N GLY A 519 18.11 -17.71 1.94
CA GLY A 519 16.93 -18.27 2.59
C GLY A 519 16.57 -19.65 2.09
N ALA A 520 17.04 -20.00 0.89
CA ALA A 520 16.68 -21.27 0.27
C ALA A 520 17.13 -22.47 1.10
N GLY A 521 18.01 -22.24 2.06
CA GLY A 521 18.52 -23.30 2.92
C GLY A 521 19.60 -24.11 2.24
N PHE A 522 19.65 -25.40 2.53
CA PHE A 522 20.65 -26.28 1.94
C PHE A 522 20.00 -27.44 1.21
N GLU A 523 20.35 -27.61 -0.07
CA GLU A 523 19.83 -28.75 -0.82
C GLU A 523 20.92 -29.54 -1.54
N PHE A 524 21.11 -30.77 -1.09
CA PHE A 524 22.09 -31.68 -1.67
C PHE A 524 21.52 -32.33 -2.92
N GLU A 525 22.32 -32.36 -3.98
CA GLU A 525 21.91 -33.00 -5.22
C GLU A 525 22.85 -34.17 -5.53
N ASN A 526 22.31 -35.38 -5.67
CA ASN A 526 23.12 -36.53 -6.06
C ASN A 526 23.06 -36.71 -7.56
N ALA A 527 24.15 -36.38 -8.23
CA ALA A 527 24.23 -36.48 -9.68
C ALA A 527 24.94 -37.75 -10.15
N ILE A 528 25.40 -38.57 -9.20
CA ILE A 528 26.14 -39.79 -9.54
C ILE A 528 25.29 -40.72 -10.40
N VAL A 529 25.93 -41.44 -11.32
CA VAL A 529 25.22 -42.27 -12.28
C VAL A 529 25.76 -43.71 -12.34
N GLY A 530 26.99 -43.85 -12.82
CA GLY A 530 27.60 -45.16 -13.01
C GLY A 530 27.85 -45.92 -11.73
N GLY A 531 28.02 -45.19 -10.62
CA GLY A 531 28.27 -45.82 -9.35
C GLY A 531 29.73 -45.97 -8.96
N VAL A 532 30.60 -45.12 -9.50
CA VAL A 532 31.96 -45.07 -8.98
C VAL A 532 31.82 -44.79 -7.49
N VAL A 533 30.69 -44.19 -7.12
CA VAL A 533 30.23 -44.13 -5.75
C VAL A 533 28.92 -44.90 -5.63
N PRO A 534 28.93 -46.00 -4.87
CA PRO A 534 27.74 -46.84 -4.74
C PRO A 534 26.77 -46.20 -3.75
N ARG A 535 25.49 -46.47 -3.93
CA ARG A 535 24.45 -45.96 -3.05
C ARG A 535 24.79 -46.21 -1.59
N GLU A 536 25.47 -47.33 -1.34
CA GLU A 536 25.77 -47.75 0.02
C GLU A 536 26.39 -46.63 0.87
N TYR A 537 27.32 -45.87 0.28
CA TYR A 537 27.96 -44.77 1.00
C TYR A 537 27.36 -43.39 0.70
N ILE A 538 26.37 -43.31 -0.18
CA ILE A 538 25.92 -42.01 -0.67
C ILE A 538 25.29 -41.08 0.38
N PRO A 539 24.32 -41.57 1.18
CA PRO A 539 23.75 -40.68 2.18
C PRO A 539 24.75 -40.40 3.29
N SER A 540 25.75 -41.26 3.42
CA SER A 540 26.80 -41.08 4.41
C SER A 540 27.63 -39.86 4.06
N VAL A 541 27.60 -39.49 2.78
CA VAL A 541 28.25 -38.27 2.32
C VAL A 541 27.45 -37.05 2.79
N GLU A 542 26.14 -37.08 2.53
CA GLU A 542 25.24 -35.99 2.89
C GLU A 542 25.40 -35.61 4.36
N ALA A 543 25.50 -36.63 5.21
CA ALA A 543 25.74 -36.43 6.63
C ALA A 543 27.06 -35.71 6.87
N GLY A 544 28.15 -36.29 6.38
CA GLY A 544 29.48 -35.73 6.57
C GLY A 544 29.56 -34.28 6.15
N LEU A 545 28.73 -33.91 5.18
CA LEU A 545 28.63 -32.53 4.71
C LEU A 545 27.92 -31.70 5.77
N LYS A 546 26.67 -32.07 6.05
CA LYS A 546 25.87 -31.38 7.06
C LYS A 546 26.71 -31.10 8.29
N ASP A 547 27.17 -32.17 8.93
CA ASP A 547 28.02 -32.07 10.12
C ASP A 547 29.23 -31.13 9.95
N ALA A 548 29.89 -31.17 8.80
CA ALA A 548 31.07 -30.34 8.58
C ALA A 548 30.74 -28.88 8.31
N MET A 549 29.52 -28.63 7.84
CA MET A 549 29.05 -27.27 7.62
C MET A 549 28.58 -26.62 8.93
N GLU A 550 27.88 -27.39 9.76
CA GLU A 550 27.42 -26.91 11.06
C GLU A 550 28.56 -26.25 11.80
N ASN A 551 29.75 -26.84 11.68
CA ASN A 551 30.93 -26.31 12.32
C ASN A 551 31.36 -24.97 11.73
N GLY A 552 31.20 -24.82 10.42
CA GLY A 552 31.48 -23.55 9.77
C GLY A 552 32.94 -23.40 9.40
N VAL A 553 33.20 -22.68 8.32
CA VAL A 553 34.56 -22.59 7.78
C VAL A 553 35.35 -21.33 8.13
N LEU A 554 34.73 -20.37 8.80
CA LEU A 554 35.35 -19.06 8.93
C LEU A 554 35.57 -18.58 10.37
N ALA A 555 34.48 -18.17 11.03
CA ALA A 555 34.55 -17.86 12.45
C ALA A 555 34.04 -19.04 13.28
N GLY A 556 33.54 -20.06 12.60
CA GLY A 556 33.01 -21.24 13.26
C GLY A 556 31.51 -21.25 13.44
N TYR A 557 30.81 -20.39 12.70
CA TYR A 557 29.33 -20.42 12.71
C TYR A 557 28.79 -21.31 11.60
N PRO A 558 27.59 -21.88 11.81
CA PRO A 558 26.97 -22.80 10.84
C PRO A 558 26.96 -22.25 9.42
N LEU A 559 27.15 -23.13 8.44
CA LEU A 559 27.19 -22.75 7.04
C LEU A 559 25.83 -23.00 6.38
N ILE A 560 25.32 -21.98 5.70
CA ILE A 560 23.96 -22.03 5.16
C ILE A 560 23.85 -21.45 3.75
N ASP A 561 22.69 -21.67 3.13
CA ASP A 561 22.41 -21.15 1.79
C ASP A 561 23.43 -21.63 0.78
N VAL A 562 23.70 -22.92 0.76
CA VAL A 562 24.74 -23.47 -0.11
C VAL A 562 24.32 -24.78 -0.79
N LYS A 563 24.45 -24.81 -2.11
CA LYS A 563 24.14 -26.02 -2.87
C LYS A 563 25.38 -26.88 -3.09
N ALA A 564 25.23 -28.18 -2.82
CA ALA A 564 26.29 -29.15 -3.08
C ALA A 564 25.78 -30.24 -4.02
N LYS A 565 26.55 -30.53 -5.07
CA LYS A 565 26.20 -31.58 -6.02
C LYS A 565 27.33 -32.58 -6.14
N LEU A 566 27.01 -33.87 -6.03
CA LEU A 566 28.04 -34.90 -6.09
C LEU A 566 28.07 -35.53 -7.47
N TYR A 567 29.08 -35.17 -8.26
CA TYR A 567 29.18 -35.65 -9.64
C TYR A 567 30.18 -36.78 -9.95
N ASP A 568 30.95 -37.22 -8.96
CA ASP A 568 32.00 -38.21 -9.21
C ASP A 568 32.77 -38.60 -7.95
N GLY A 569 33.53 -39.69 -8.03
CA GLY A 569 34.32 -40.18 -6.91
C GLY A 569 35.06 -41.47 -7.24
N SER A 570 35.73 -42.06 -6.25
CA SER A 570 36.35 -43.37 -6.41
C SER A 570 36.28 -44.19 -5.11
N TYR A 571 35.87 -45.46 -5.21
CA TYR A 571 35.78 -46.31 -4.02
C TYR A 571 36.65 -47.57 -4.06
N HIS A 572 37.07 -48.02 -2.87
CA HIS A 572 37.75 -49.30 -2.74
C HIS A 572 36.74 -50.27 -2.16
N ASP A 573 37.05 -51.56 -2.15
CA ASP A 573 36.19 -52.55 -1.49
C ASP A 573 36.64 -53.13 -0.14
N VAL A 574 37.83 -52.76 0.30
CA VAL A 574 38.32 -53.25 1.59
C VAL A 574 38.53 -52.09 2.55
N ASP A 575 39.42 -51.17 2.15
CA ASP A 575 39.76 -50.00 2.95
C ASP A 575 38.60 -49.00 3.15
N SER A 576 37.87 -48.67 2.08
CA SER A 576 36.87 -47.61 2.15
C SER A 576 35.76 -47.87 3.17
N SER A 577 35.57 -46.91 4.07
CA SER A 577 34.61 -47.02 5.15
C SER A 577 33.71 -45.80 5.20
N GLU A 578 32.51 -45.97 5.74
CA GLU A 578 31.55 -44.87 5.86
C GLU A 578 32.19 -43.68 6.58
N MET A 579 33.14 -43.96 7.48
CA MET A 579 33.94 -42.92 8.11
C MET A 579 34.66 -42.10 7.06
N ALA A 580 35.59 -42.75 6.38
CA ALA A 580 36.45 -42.10 5.39
C ALA A 580 35.63 -41.34 4.35
N PHE A 581 34.42 -41.80 4.11
CA PHE A 581 33.53 -41.15 3.15
C PHE A 581 32.83 -39.93 3.79
N LYS A 582 32.99 -39.80 5.10
CA LYS A 582 32.65 -38.57 5.82
C LYS A 582 33.85 -37.66 5.76
N ILE A 583 34.97 -38.14 6.28
CA ILE A 583 36.21 -37.37 6.29
C ILE A 583 36.46 -36.76 4.91
N ALA A 584 36.03 -37.44 3.86
CA ALA A 584 36.12 -36.91 2.50
C ALA A 584 35.23 -35.69 2.29
N ALA A 585 33.94 -35.86 2.55
CA ALA A 585 32.97 -34.77 2.38
C ALA A 585 33.42 -33.54 3.17
N SER A 586 33.85 -33.78 4.40
CA SER A 586 34.42 -32.73 5.23
C SER A 586 35.63 -32.11 4.53
N LEU A 587 36.50 -32.97 4.00
CA LEU A 587 37.69 -32.54 3.29
C LEU A 587 37.36 -31.68 2.09
N ALA A 588 36.32 -32.08 1.35
CA ALA A 588 35.83 -31.29 0.24
C ALA A 588 35.51 -29.88 0.71
N LEU A 589 34.70 -29.81 1.76
CA LEU A 589 34.27 -28.53 2.32
C LEU A 589 35.44 -27.60 2.62
N LYS A 590 36.50 -28.15 3.20
CA LYS A 590 37.67 -27.35 3.54
C LYS A 590 38.31 -26.73 2.29
N GLU A 591 38.46 -27.53 1.23
CA GLU A 591 39.04 -27.04 -0.01
C GLU A 591 38.11 -26.02 -0.64
N ALA A 592 36.81 -26.33 -0.64
CA ALA A 592 35.80 -25.42 -1.14
C ALA A 592 35.90 -24.07 -0.44
N ALA A 593 36.05 -24.10 0.87
CA ALA A 593 36.14 -22.90 1.69
C ALA A 593 37.22 -21.95 1.19
N LYS A 594 38.25 -22.51 0.58
CA LYS A 594 39.38 -21.72 0.10
C LYS A 594 39.06 -20.99 -1.20
N LYS A 595 38.31 -21.65 -2.09
CA LYS A 595 37.98 -21.08 -3.39
C LYS A 595 36.63 -20.36 -3.47
N CYS A 596 35.80 -20.51 -2.46
CA CYS A 596 34.40 -20.07 -2.56
C CYS A 596 34.06 -18.69 -1.99
N ASP A 597 35.06 -17.98 -1.48
CA ASP A 597 34.84 -16.66 -0.90
C ASP A 597 33.75 -16.70 0.17
N PRO A 598 34.06 -17.32 1.32
CA PRO A 598 33.08 -17.46 2.41
C PRO A 598 32.85 -16.13 3.09
N VAL A 599 31.63 -15.88 3.54
CA VAL A 599 31.33 -14.63 4.24
C VAL A 599 30.43 -14.85 5.45
N ILE A 600 30.52 -13.94 6.41
CA ILE A 600 29.74 -14.02 7.64
C ILE A 600 28.41 -13.32 7.52
N LEU A 601 27.35 -13.97 7.98
CA LEU A 601 26.02 -13.38 7.93
C LEU A 601 25.52 -13.01 9.33
N GLU A 602 24.84 -11.87 9.41
CA GLU A 602 24.18 -11.45 10.64
C GLU A 602 22.69 -11.28 10.38
N PRO A 603 21.87 -11.41 11.43
CA PRO A 603 20.41 -11.31 11.29
C PRO A 603 19.96 -9.87 11.09
N MET A 604 18.94 -9.68 10.27
CA MET A 604 18.33 -8.37 10.08
C MET A 604 16.89 -8.41 10.55
N MET A 605 16.50 -7.40 11.33
CA MET A 605 15.17 -7.35 11.92
C MET A 605 14.31 -6.30 11.22
N LYS A 606 13.01 -6.55 11.19
CA LYS A 606 12.06 -5.57 10.66
C LYS A 606 11.61 -4.74 11.85
N VAL A 607 12.06 -3.48 11.90
CA VAL A 607 11.76 -2.61 13.02
C VAL A 607 10.68 -1.61 12.65
N THR A 608 9.56 -1.69 13.37
CA THR A 608 8.45 -0.78 13.14
C THR A 608 8.35 0.20 14.30
N ILE A 609 8.68 1.47 14.04
CA ILE A 609 8.53 2.46 15.09
C ILE A 609 7.20 3.18 14.88
N GLU A 610 6.80 3.96 15.88
CA GLU A 610 5.64 4.81 15.79
C GLU A 610 5.97 5.99 16.68
N MET A 611 5.75 7.21 16.21
CA MET A 611 6.13 8.34 17.04
C MET A 611 5.57 9.68 16.56
N PRO A 612 5.79 10.73 17.37
CA PRO A 612 5.56 12.12 16.99
C PRO A 612 6.58 12.58 15.96
N GLU A 613 6.13 13.29 14.94
CA GLU A 613 6.98 13.61 13.81
C GLU A 613 7.88 14.82 14.06
N GLU A 614 7.79 15.38 15.26
CA GLU A 614 8.74 16.40 15.68
C GLU A 614 10.11 15.77 15.87
N TYR A 615 10.11 14.50 16.29
CA TYR A 615 11.35 13.78 16.52
C TYR A 615 11.74 12.91 15.34
N MET A 616 10.93 12.91 14.29
CA MET A 616 11.09 11.95 13.20
C MET A 616 12.47 11.98 12.55
N GLY A 617 13.20 13.07 12.71
CA GLY A 617 14.56 13.14 12.21
C GLY A 617 15.47 12.33 13.09
N ASP A 618 15.32 12.49 14.40
CA ASP A 618 16.13 11.82 15.42
C ASP A 618 16.22 10.31 15.26
N ILE A 619 15.05 9.68 15.32
CA ILE A 619 14.92 8.23 15.34
C ILE A 619 15.82 7.65 14.27
N MET A 620 15.89 8.36 13.14
CA MET A 620 16.80 8.06 12.02
C MET A 620 18.29 8.14 12.34
N GLY A 621 18.76 9.33 12.68
CA GLY A 621 20.19 9.58 12.88
C GLY A 621 20.64 8.58 13.91
N ASP A 622 19.64 8.06 14.60
CA ASP A 622 19.75 6.91 15.47
C ASP A 622 19.86 5.64 14.62
N VAL A 623 18.81 5.34 13.86
CA VAL A 623 18.79 4.19 12.96
C VAL A 623 20.00 4.11 12.04
N THR A 624 20.28 5.19 11.32
CA THR A 624 21.39 5.20 10.37
C THR A 624 22.74 5.20 11.09
N SER A 625 22.72 5.37 12.41
CA SER A 625 23.90 5.10 13.23
C SER A 625 23.98 3.61 13.57
N ARG A 626 22.84 2.94 13.46
CA ARG A 626 22.72 1.52 13.80
C ARG A 626 22.96 0.62 12.57
N ARG A 627 23.40 1.22 11.47
CA ARG A 627 23.58 0.51 10.21
C ARG A 627 22.24 0.07 9.69
N GLY A 628 21.19 0.78 10.10
CA GLY A 628 19.87 0.53 9.60
C GLY A 628 19.66 1.28 8.30
N ARG A 629 18.57 0.94 7.62
CA ARG A 629 18.13 1.72 6.48
C ARG A 629 16.61 1.79 6.56
N VAL A 630 16.04 2.93 6.17
CA VAL A 630 14.61 3.12 6.31
C VAL A 630 13.87 2.88 5.00
N ASP A 631 13.00 1.87 4.98
CA ASP A 631 12.25 1.51 3.77
C ASP A 631 10.75 1.67 3.97
N GLY A 632 10.20 2.71 3.33
CA GLY A 632 8.78 2.99 3.33
C GLY A 632 8.30 3.58 4.64
N MET A 633 7.24 4.37 4.60
CA MET A 633 6.53 4.75 5.81
C MET A 633 5.09 5.11 5.48
N GLU A 634 4.19 4.87 6.43
CA GLU A 634 2.79 5.24 6.26
C GLU A 634 2.22 5.83 7.53
N PRO A 635 1.40 6.87 7.39
CA PRO A 635 0.71 7.43 8.55
C PRO A 635 -0.52 6.62 8.94
N ARG A 636 -0.83 6.65 10.23
CA ARG A 636 -2.09 6.14 10.74
C ARG A 636 -2.54 7.14 11.81
N GLY A 637 -3.76 7.64 11.69
CA GLY A 637 -4.21 8.68 12.60
C GLY A 637 -3.21 9.82 12.67
N ASN A 638 -2.96 10.33 13.87
CA ASN A 638 -2.10 11.50 14.04
C ASN A 638 -0.61 11.20 14.25
N ALA A 639 -0.22 9.95 14.14
CA ALA A 639 1.19 9.59 14.23
C ALA A 639 1.67 8.87 12.97
N GLN A 640 2.98 8.87 12.76
CA GLN A 640 3.57 8.20 11.61
C GLN A 640 4.14 6.84 12.01
N VAL A 641 4.00 5.86 11.12
CA VAL A 641 4.60 4.56 11.34
C VAL A 641 5.86 4.47 10.49
N VAL A 642 7.03 4.47 11.14
CA VAL A 642 8.29 4.35 10.42
C VAL A 642 8.71 2.89 10.32
N ASN A 643 8.82 2.38 9.09
CA ASN A 643 9.32 1.03 8.87
C ASN A 643 10.81 1.04 8.56
N ALA A 644 11.54 0.10 9.13
CA ALA A 644 13.00 0.08 9.01
C ALA A 644 13.61 -1.31 9.03
N TYR A 645 14.85 -1.40 8.57
CA TYR A 645 15.63 -2.63 8.63
C TYR A 645 16.92 -2.38 9.40
N VAL A 646 17.14 -3.18 10.45
CA VAL A 646 18.29 -2.97 11.33
C VAL A 646 18.97 -4.30 11.69
N PRO A 647 20.31 -4.29 11.78
CA PRO A 647 21.00 -5.49 12.25
C PRO A 647 20.68 -5.73 13.72
N LEU A 648 20.34 -6.96 14.09
CA LEU A 648 20.05 -7.27 15.48
C LEU A 648 21.21 -6.85 16.37
N SER A 649 22.43 -7.04 15.86
CA SER A 649 23.64 -6.70 16.59
C SER A 649 23.66 -5.23 17.03
N GLU A 650 22.99 -4.37 16.27
CA GLU A 650 22.96 -2.94 16.59
C GLU A 650 21.71 -2.52 17.37
N MET A 651 20.87 -3.49 17.70
CA MET A 651 19.57 -3.20 18.32
C MET A 651 19.55 -3.29 19.85
N PHE A 652 20.71 -3.55 20.46
CA PHE A 652 20.78 -3.68 21.92
C PHE A 652 20.71 -2.33 22.63
N GLY A 653 19.73 -2.19 23.50
CA GLY A 653 19.49 -0.95 24.21
C GLY A 653 18.74 0.10 23.38
N TYR A 654 17.83 -0.36 22.53
CA TYR A 654 17.09 0.55 21.66
C TYR A 654 15.94 1.26 22.37
N ALA A 655 15.14 0.49 23.12
CA ALA A 655 14.02 1.05 23.86
C ALA A 655 14.48 2.18 24.77
N THR A 656 15.68 2.02 25.33
CA THR A 656 16.26 3.02 26.22
C THR A 656 16.70 4.28 25.45
N SER A 657 16.98 4.15 24.15
CA SER A 657 17.20 5.33 23.30
C SER A 657 15.94 5.81 22.57
N LEU A 658 14.88 5.01 22.63
CA LEU A 658 13.63 5.45 22.02
C LEU A 658 12.98 6.50 22.92
N ARG A 659 12.90 6.19 24.20
CA ARG A 659 12.32 7.11 25.17
C ARG A 659 13.19 8.34 25.40
N SER A 660 14.48 8.12 25.64
CA SER A 660 15.39 9.22 25.91
C SER A 660 15.33 10.31 24.83
N ASN A 661 15.12 9.90 23.59
CA ASN A 661 14.94 10.87 22.49
C ASN A 661 13.54 11.45 22.35
N THR A 662 12.51 10.60 22.43
CA THR A 662 11.13 11.05 22.21
C THR A 662 10.37 11.36 23.49
N GLN A 663 11.03 11.22 24.64
CA GLN A 663 10.43 11.51 25.93
C GLN A 663 9.18 10.66 26.18
N GLY A 664 9.38 9.35 26.27
CA GLY A 664 8.33 8.41 26.61
C GLY A 664 7.23 8.26 25.57
N ARG A 665 7.34 9.03 24.49
CA ARG A 665 6.30 9.03 23.46
C ARG A 665 6.38 7.93 22.39
N GLY A 666 7.60 7.45 22.11
CA GLY A 666 7.79 6.45 21.06
C GLY A 666 7.51 5.01 21.45
N THR A 667 7.22 4.17 20.46
CA THR A 667 7.03 2.74 20.68
C THR A 667 7.51 1.92 19.47
N TYR A 668 8.13 0.77 19.71
CA TYR A 668 8.60 -0.06 18.59
C TYR A 668 8.18 -1.53 18.67
N THR A 669 8.19 -2.18 17.51
CA THR A 669 8.11 -3.63 17.42
C THR A 669 9.26 -4.10 16.54
N MET A 670 9.59 -5.37 16.63
CA MET A 670 10.69 -5.94 15.87
C MET A 670 10.47 -7.42 15.61
N TYR A 671 10.88 -7.89 14.43
CA TYR A 671 11.00 -9.33 14.18
C TYR A 671 11.92 -9.69 13.03
N PHE A 672 12.39 -10.93 13.02
CA PHE A 672 13.35 -11.39 12.03
C PHE A 672 12.79 -11.24 10.63
N ASP A 673 13.67 -10.94 9.69
CA ASP A 673 13.28 -10.84 8.28
C ASP A 673 14.21 -11.68 7.41
N HIS A 674 15.48 -11.30 7.36
CA HIS A 674 16.44 -12.00 6.53
C HIS A 674 17.86 -11.93 7.09
N TYR A 675 18.72 -12.81 6.59
CA TYR A 675 20.14 -12.75 6.92
C TYR A 675 20.87 -11.86 5.93
N ALA A 676 21.86 -11.09 6.41
CA ALA A 676 22.62 -10.18 5.56
C ALA A 676 24.12 -10.37 5.75
N GLU A 677 24.91 -9.90 4.77
CA GLU A 677 26.36 -10.01 4.87
C GLU A 677 26.97 -8.92 5.73
N VAL A 678 27.69 -9.33 6.76
CA VAL A 678 28.38 -8.43 7.66
C VAL A 678 29.46 -7.64 6.93
N PRO A 679 29.57 -6.33 7.23
CA PRO A 679 30.60 -5.48 6.64
C PRO A 679 32.00 -5.98 6.99
N LYS A 680 32.94 -5.86 6.06
CA LYS A 680 34.27 -6.43 6.19
C LYS A 680 34.99 -6.05 7.49
N SER A 681 34.88 -4.78 7.88
CA SER A 681 35.57 -4.31 9.09
C SER A 681 35.05 -5.00 10.36
N ILE A 682 33.73 -5.13 10.47
CA ILE A 682 33.13 -5.81 11.60
C ILE A 682 33.48 -7.30 11.59
N ALA A 683 33.31 -7.93 10.43
CA ALA A 683 33.54 -9.36 10.29
C ALA A 683 34.95 -9.77 10.70
N GLU A 684 35.92 -8.93 10.39
CA GLU A 684 37.32 -9.22 10.69
C GLU A 684 37.56 -9.38 12.19
N ASP A 685 36.76 -8.67 12.99
CA ASP A 685 36.85 -8.72 14.44
C ASP A 685 36.27 -10.02 15.04
N ILE A 686 35.05 -10.36 14.62
CA ILE A 686 34.40 -11.60 15.07
C ILE A 686 35.30 -12.79 14.84
N ILE A 687 35.97 -12.80 13.69
CA ILE A 687 36.98 -13.80 13.40
C ILE A 687 38.06 -13.80 14.48
N LYS A 688 38.79 -12.69 14.58
CA LYS A 688 39.87 -12.58 15.55
C LYS A 688 39.46 -13.01 16.94
N LYS A 689 38.24 -12.64 17.35
CA LYS A 689 37.71 -13.06 18.63
C LYS A 689 37.69 -14.58 18.73
N ASN A 690 36.83 -15.21 17.93
CA ASN A 690 36.65 -16.65 17.98
C ASN A 690 37.95 -17.42 17.80
N LYS A 691 38.91 -16.82 17.10
CA LYS A 691 40.24 -17.40 16.98
C LYS A 691 40.94 -17.40 18.33
N GLY A 692 40.83 -16.44 19.09
N ALA B 2 -7.78 3.64 -51.73
CA ALA B 2 -7.19 2.63 -50.86
C ALA B 2 -6.00 3.18 -50.10
N ARG B 3 -5.84 2.74 -48.85
CA ARG B 3 -4.78 3.25 -47.98
C ARG B 3 -3.40 2.71 -48.37
N GLU B 4 -2.38 3.53 -48.15
CA GLU B 4 -1.02 3.20 -48.57
C GLU B 4 -0.34 2.20 -47.64
N PHE B 5 -0.58 2.32 -46.34
CA PHE B 5 -0.02 1.39 -45.37
C PHE B 5 -1.14 0.65 -44.63
N SER B 6 -0.96 -0.66 -44.45
CA SER B 6 -1.95 -1.47 -43.72
C SER B 6 -1.88 -1.17 -42.22
N LEU B 7 -2.71 -1.84 -41.44
CA LEU B 7 -2.77 -1.58 -40.00
C LEU B 7 -1.60 -2.19 -39.23
N GLU B 8 -1.22 -3.41 -39.59
CA GLU B 8 -0.07 -4.05 -38.96
C GLU B 8 1.20 -3.38 -39.48
N LYS B 9 1.06 -2.60 -40.54
CA LYS B 9 2.19 -1.89 -41.14
C LYS B 9 2.32 -0.45 -40.65
N THR B 10 1.47 -0.05 -39.70
CA THR B 10 1.55 1.29 -39.13
C THR B 10 2.09 1.27 -37.70
N ARG B 11 2.85 2.30 -37.34
CA ARG B 11 3.38 2.44 -35.99
C ARG B 11 3.29 3.90 -35.53
N ASN B 12 2.70 4.10 -34.36
CA ASN B 12 2.61 5.44 -33.78
C ASN B 12 3.50 5.58 -32.54
N ILE B 13 4.52 6.42 -32.66
CA ILE B 13 5.50 6.55 -31.58
C ILE B 13 5.63 7.97 -31.05
N GLY B 14 6.16 8.06 -29.84
CA GLY B 14 6.49 9.31 -29.21
C GLY B 14 7.72 9.05 -28.35
N ILE B 15 8.37 10.09 -27.87
CA ILE B 15 9.60 9.91 -27.12
C ILE B 15 9.44 10.28 -25.66
N ILE B 16 9.48 9.27 -24.79
CA ILE B 16 9.52 9.56 -23.36
C ILE B 16 10.95 9.93 -23.07
N ALA B 17 11.17 11.15 -22.59
CA ALA B 17 12.53 11.59 -22.39
C ALA B 17 12.69 12.64 -21.30
N HIS B 18 13.81 12.60 -20.61
CA HIS B 18 14.24 13.72 -19.79
C HIS B 18 14.95 14.70 -20.73
N ILE B 19 15.37 15.87 -20.21
CA ILE B 19 15.95 16.93 -21.03
C ILE B 19 17.45 16.72 -21.34
N ASP B 20 18.18 16.17 -20.37
CA ASP B 20 19.62 15.99 -20.52
C ASP B 20 19.98 14.70 -21.25
N ALA B 21 18.97 13.92 -21.61
CA ALA B 21 19.20 12.64 -22.28
C ALA B 21 19.31 12.77 -23.79
N GLY B 22 19.17 13.99 -24.29
CA GLY B 22 19.23 14.23 -25.72
C GLY B 22 17.94 13.86 -26.44
N LYS B 23 16.81 14.17 -25.79
CA LYS B 23 15.50 13.96 -26.39
C LYS B 23 15.43 14.62 -27.76
N THR B 24 16.02 15.80 -27.87
CA THR B 24 15.87 16.63 -29.06
C THR B 24 16.70 16.14 -30.25
N THR B 25 17.93 15.69 -30.00
CA THR B 25 18.77 15.17 -31.06
C THR B 25 18.24 13.84 -31.59
N THR B 26 17.86 12.96 -30.68
CA THR B 26 17.30 11.66 -31.05
C THR B 26 16.10 11.84 -31.97
N THR B 27 15.18 12.72 -31.56
CA THR B 27 14.05 13.07 -32.40
C THR B 27 14.56 13.58 -33.75
N GLU B 28 15.45 14.56 -33.70
CA GLU B 28 16.01 15.16 -34.91
C GLU B 28 16.59 14.09 -35.82
N ARG B 29 17.26 13.11 -35.22
CA ARG B 29 17.89 12.06 -36.00
C ARG B 29 16.87 11.08 -36.57
N ILE B 30 15.94 10.64 -35.74
CA ILE B 30 14.86 9.75 -36.19
C ILE B 30 14.12 10.34 -37.38
N LEU B 31 13.87 11.64 -37.34
CA LEU B 31 13.17 12.32 -38.42
C LEU B 31 13.94 12.25 -39.73
N TYR B 32 15.26 12.26 -39.65
CA TYR B 32 16.10 12.21 -40.84
C TYR B 32 16.01 10.89 -41.58
N TYR B 33 16.28 9.78 -40.89
CA TYR B 33 16.35 8.47 -41.53
C TYR B 33 15.01 8.04 -42.09
N THR B 34 13.93 8.47 -41.45
CA THR B 34 12.59 8.12 -41.88
C THR B 34 12.06 9.15 -42.88
N GLY B 35 12.93 10.09 -43.24
CA GLY B 35 12.59 11.11 -44.24
C GLY B 35 12.87 10.64 -45.65
N ARG B 36 13.08 11.59 -46.56
CA ARG B 36 13.31 11.27 -47.97
C ARG B 36 13.46 12.56 -48.79
N SER B 65 6.94 20.85 -35.16
CA SER B 65 5.87 19.97 -35.59
C SER B 65 5.22 19.25 -34.42
N ALA B 66 3.88 19.24 -34.42
CA ALA B 66 3.12 18.52 -33.40
C ALA B 66 3.05 17.03 -33.74
N ALA B 67 3.03 16.73 -35.03
CA ALA B 67 3.03 15.35 -35.51
C ALA B 67 3.79 15.23 -36.83
N THR B 68 4.53 14.14 -36.98
CA THR B 68 5.30 13.92 -38.21
C THR B 68 5.03 12.55 -38.81
N THR B 69 4.69 12.54 -40.10
CA THR B 69 4.45 11.30 -40.83
C THR B 69 5.74 10.89 -41.54
N ALA B 70 6.10 9.61 -41.43
CA ALA B 70 7.32 9.11 -42.04
C ALA B 70 7.23 7.62 -42.38
N ALA B 71 8.30 7.07 -42.96
CA ALA B 71 8.26 5.69 -43.42
C ALA B 71 9.57 4.93 -43.16
N TRP B 72 9.43 3.70 -42.65
CA TRP B 72 10.58 2.85 -42.37
C TRP B 72 10.25 1.40 -42.70
N GLU B 73 11.13 0.74 -43.46
CA GLU B 73 11.02 -0.70 -43.74
C GLU B 73 9.61 -1.13 -44.14
N GLY B 74 8.90 -0.27 -44.86
CA GLY B 74 7.57 -0.60 -45.37
C GLY B 74 6.45 -0.25 -44.41
N HIS B 75 6.76 0.46 -43.33
CA HIS B 75 5.75 0.85 -42.36
C HIS B 75 5.54 2.35 -42.30
N ARG B 76 4.27 2.78 -42.31
CA ARG B 76 3.95 4.15 -41.94
C ARG B 76 4.42 4.37 -40.51
N VAL B 77 4.93 5.57 -40.23
CA VAL B 77 5.31 5.91 -38.87
C VAL B 77 4.79 7.30 -38.51
N ASN B 78 4.11 7.40 -37.37
CA ASN B 78 3.76 8.71 -36.84
C ASN B 78 4.56 9.00 -35.58
N ILE B 79 5.32 10.08 -35.64
CA ILE B 79 6.13 10.49 -34.51
C ILE B 79 5.38 11.64 -33.85
N ILE B 80 4.79 11.36 -32.69
CA ILE B 80 3.99 12.35 -31.99
C ILE B 80 4.86 13.13 -31.04
N ASP B 81 4.77 14.45 -31.11
CA ASP B 81 5.55 15.29 -30.22
C ASP B 81 4.99 15.15 -28.81
N THR B 82 5.85 14.72 -27.89
CA THR B 82 5.51 14.72 -26.48
C THR B 82 5.93 16.06 -25.89
N PRO B 83 5.23 16.53 -24.86
CA PRO B 83 5.34 17.89 -24.35
C PRO B 83 6.79 18.34 -24.12
N GLY B 84 7.04 19.62 -24.35
CA GLY B 84 8.36 20.19 -24.12
C GLY B 84 8.76 20.11 -22.66
N HIS B 85 7.78 20.07 -21.78
CA HIS B 85 8.04 19.98 -20.34
C HIS B 85 7.04 19.06 -19.66
N VAL B 86 7.53 18.21 -18.76
CA VAL B 86 6.69 17.17 -18.16
C VAL B 86 5.86 17.68 -16.99
N ASP B 87 6.03 18.95 -16.64
CA ASP B 87 5.17 19.58 -15.66
C ASP B 87 3.76 19.64 -16.21
N LEU B 88 3.65 19.58 -17.53
CA LEU B 88 2.34 19.71 -18.14
C LEU B 88 1.83 18.29 -18.18
N THR B 89 0.94 18.01 -17.24
CA THR B 89 0.41 16.68 -17.02
C THR B 89 -0.65 16.47 -18.06
N VAL B 90 -1.34 17.57 -18.35
CA VAL B 90 -2.35 17.64 -19.39
C VAL B 90 -1.87 17.05 -20.70
N GLU B 91 -0.93 17.74 -21.31
CA GLU B 91 -0.39 17.37 -22.61
C GLU B 91 0.10 15.92 -22.63
N VAL B 92 1.10 15.63 -21.80
CA VAL B 92 1.64 14.28 -21.68
C VAL B 92 0.50 13.28 -21.52
N GLU B 93 -0.46 13.62 -20.67
CA GLU B 93 -1.64 12.78 -20.48
C GLU B 93 -2.31 12.48 -21.82
N ARG B 94 -2.54 13.53 -22.59
CA ARG B 94 -3.26 13.40 -23.87
C ARG B 94 -2.42 12.66 -24.92
N SER B 95 -1.15 13.03 -25.05
CA SER B 95 -0.29 12.43 -26.06
C SER B 95 -0.01 10.95 -25.76
N LEU B 96 -0.01 10.60 -24.48
CA LEU B 96 0.13 9.19 -24.08
C LEU B 96 -1.01 8.38 -24.70
N ARG B 97 -2.15 9.03 -24.88
CA ARG B 97 -3.30 8.40 -25.51
C ARG B 97 -3.18 8.37 -27.03
N VAL B 98 -2.74 9.48 -27.61
CA VAL B 98 -2.68 9.60 -29.07
C VAL B 98 -1.70 8.61 -29.69
N LEU B 99 -0.69 8.21 -28.92
CA LEU B 99 0.27 7.24 -29.44
C LEU B 99 -0.09 5.82 -29.03
N ASP B 100 0.68 4.87 -29.52
CA ASP B 100 0.49 3.45 -29.25
C ASP B 100 1.60 2.94 -28.34
N GLY B 101 2.85 3.11 -28.76
CA GLY B 101 3.98 2.75 -27.94
C GLY B 101 5.11 3.75 -28.08
N ALA B 102 6.03 3.73 -27.13
CA ALA B 102 6.98 4.83 -26.98
C ALA B 102 8.43 4.37 -26.82
N VAL B 103 9.34 5.22 -27.25
CA VAL B 103 10.77 4.99 -27.07
C VAL B 103 11.29 5.85 -25.93
N THR B 104 11.74 5.20 -24.86
CA THR B 104 12.32 5.92 -23.73
C THR B 104 13.82 6.14 -23.94
N VAL B 105 14.26 7.38 -23.80
CA VAL B 105 15.66 7.72 -23.98
C VAL B 105 16.34 8.01 -22.64
N LEU B 106 17.41 7.29 -22.35
CA LEU B 106 18.14 7.45 -21.09
C LEU B 106 19.51 8.06 -21.32
N ASP B 107 19.99 8.80 -20.32
CA ASP B 107 21.36 9.29 -20.32
C ASP B 107 22.27 8.19 -19.77
N ALA B 108 23.29 7.85 -20.53
CA ALA B 108 24.14 6.69 -20.22
C ALA B 108 24.90 6.81 -18.91
N GLN B 109 24.88 8.00 -18.30
CA GLN B 109 25.53 8.17 -17.00
C GLN B 109 24.54 7.98 -15.84
N SER B 110 23.58 8.90 -15.74
CA SER B 110 22.65 8.92 -14.60
C SER B 110 21.43 8.03 -14.83
N GLY B 111 21.35 7.41 -16.00
CA GLY B 111 20.24 6.52 -16.33
C GLY B 111 18.88 7.16 -16.10
N VAL B 112 18.00 6.46 -15.39
CA VAL B 112 16.67 6.98 -15.11
C VAL B 112 16.69 8.03 -13.99
N GLU B 113 16.18 9.22 -14.31
CA GLU B 113 16.18 10.36 -13.39
C GLU B 113 14.91 10.32 -12.56
N PRO B 114 14.76 11.21 -11.56
CA PRO B 114 13.42 11.41 -11.02
C PRO B 114 12.32 11.73 -12.06
N GLN B 115 12.58 12.64 -12.99
CA GLN B 115 11.58 13.09 -13.96
C GLN B 115 11.10 11.93 -14.84
N THR B 116 12.04 11.24 -15.46
CA THR B 116 11.68 10.14 -16.36
C THR B 116 10.85 9.07 -15.66
N GLU B 117 10.96 8.99 -14.34
CA GLU B 117 10.13 8.05 -13.58
C GLU B 117 8.67 8.48 -13.56
N THR B 118 8.42 9.78 -13.40
CA THR B 118 7.06 10.32 -13.41
C THR B 118 6.28 9.78 -14.60
N VAL B 119 6.73 10.12 -15.80
CA VAL B 119 6.09 9.66 -17.03
C VAL B 119 5.99 8.14 -17.13
N TRP B 120 7.12 7.47 -16.96
CA TRP B 120 7.22 6.03 -17.15
C TRP B 120 6.08 5.27 -16.48
N ARG B 121 5.71 5.74 -15.28
CA ARG B 121 4.53 5.22 -14.58
C ARG B 121 3.26 5.70 -15.26
N GLN B 122 3.15 7.01 -15.42
CA GLN B 122 2.00 7.63 -16.06
C GLN B 122 1.78 6.96 -17.41
N ALA B 123 2.86 6.42 -17.97
CA ALA B 123 2.81 5.62 -19.19
C ALA B 123 2.27 4.21 -18.92
N THR B 124 2.78 3.55 -17.90
CA THR B 124 2.30 2.21 -17.54
C THR B 124 0.82 2.22 -17.19
N THR B 125 0.36 3.34 -16.65
CA THR B 125 -1.04 3.48 -16.26
C THR B 125 -1.93 3.53 -17.49
N TYR B 126 -1.40 4.02 -18.60
CA TYR B 126 -2.12 4.07 -19.87
C TYR B 126 -1.83 2.84 -20.74
N GLY B 127 -1.01 1.93 -20.22
CA GLY B 127 -0.72 0.68 -20.89
C GLY B 127 0.03 0.81 -22.19
N VAL B 128 1.17 1.49 -22.15
CA VAL B 128 1.97 1.72 -23.34
C VAL B 128 3.28 0.96 -23.33
N PRO B 129 3.51 0.11 -24.35
CA PRO B 129 4.79 -0.59 -24.45
C PRO B 129 5.94 0.41 -24.59
N ARG B 130 7.15 -0.03 -24.30
CA ARG B 130 8.31 0.85 -24.40
C ARG B 130 9.56 0.08 -24.80
N ILE B 131 10.44 0.76 -25.52
CA ILE B 131 11.78 0.26 -25.74
C ILE B 131 12.75 1.31 -25.21
N VAL B 132 13.92 0.88 -24.76
CA VAL B 132 14.87 1.81 -24.16
C VAL B 132 16.12 1.98 -24.99
N PHE B 133 16.37 3.21 -25.42
CA PHE B 133 17.57 3.56 -26.15
C PHE B 133 18.50 4.25 -25.17
N VAL B 134 19.56 3.56 -24.76
CA VAL B 134 20.55 4.18 -23.90
C VAL B 134 21.47 4.99 -24.80
N ASN B 135 21.57 6.29 -24.51
CA ASN B 135 22.18 7.22 -25.44
C ASN B 135 23.41 7.89 -24.85
N LYS B 136 24.23 8.47 -25.72
CA LYS B 136 25.48 9.09 -25.31
C LYS B 136 26.44 8.06 -24.75
N MET B 137 26.61 6.95 -25.47
CA MET B 137 27.57 5.93 -25.05
C MET B 137 28.99 6.46 -25.08
N ASP B 138 29.18 7.63 -25.68
CA ASP B 138 30.47 8.31 -25.64
C ASP B 138 30.40 9.60 -24.84
N LYS B 139 30.91 9.56 -23.63
CA LYS B 139 31.08 10.73 -22.77
C LYS B 139 31.51 10.27 -21.38
N LEU B 140 32.01 11.20 -20.58
CA LEU B 140 32.40 10.88 -19.21
C LEU B 140 31.24 10.27 -18.43
N GLY B 141 31.53 9.24 -17.65
CA GLY B 141 30.54 8.60 -16.82
C GLY B 141 29.63 7.64 -17.55
N ALA B 142 29.93 7.34 -18.81
CA ALA B 142 29.00 6.53 -19.58
C ALA B 142 29.16 5.08 -19.15
N ASN B 143 28.09 4.56 -18.56
CA ASN B 143 28.08 3.22 -18.00
C ASN B 143 26.78 2.52 -18.38
N PHE B 144 26.88 1.47 -19.18
CA PHE B 144 25.69 0.78 -19.65
C PHE B 144 25.11 -0.19 -18.63
N GLU B 145 25.99 -0.83 -17.87
CA GLU B 145 25.53 -1.74 -16.84
C GLU B 145 24.71 -0.98 -15.81
N TYR B 146 25.20 0.22 -15.45
CA TYR B 146 24.48 1.08 -14.53
C TYR B 146 23.08 1.44 -15.03
N SER B 147 23.01 2.14 -16.16
CA SER B 147 21.74 2.65 -16.67
C SER B 147 20.69 1.56 -16.61
N VAL B 148 21.05 0.37 -17.08
CA VAL B 148 20.14 -0.78 -17.06
C VAL B 148 19.72 -1.12 -15.62
N SER B 149 20.67 -1.14 -14.71
CA SER B 149 20.37 -1.42 -13.31
C SER B 149 19.35 -0.42 -12.80
N THR B 150 19.56 0.85 -13.15
CA THR B 150 18.69 1.94 -12.71
C THR B 150 17.23 1.68 -13.07
N LEU B 151 17.00 0.93 -14.15
CA LEU B 151 15.65 0.56 -14.55
C LEU B 151 15.06 -0.45 -13.58
N HIS B 152 15.86 -1.43 -13.18
CA HIS B 152 15.42 -2.47 -12.26
C HIS B 152 15.16 -1.90 -10.86
N ASP B 153 16.18 -1.27 -10.29
CA ASP B 153 16.10 -0.75 -8.93
C ASP B 153 14.95 0.24 -8.78
N ARG B 154 15.00 1.28 -9.61
CA ARG B 154 14.12 2.44 -9.46
C ARG B 154 12.72 2.19 -9.99
N LEU B 155 12.62 1.58 -11.16
CA LEU B 155 11.32 1.38 -11.79
C LEU B 155 10.73 -0.02 -11.53
N GLN B 156 11.46 -0.86 -10.81
CA GLN B 156 11.03 -2.22 -10.56
C GLN B 156 10.78 -2.87 -11.89
N ALA B 157 11.44 -2.34 -12.90
CA ALA B 157 11.15 -2.68 -14.28
C ALA B 157 11.79 -3.99 -14.70
N ASN B 158 11.12 -4.71 -15.58
CA ASN B 158 11.74 -5.84 -16.24
C ASN B 158 12.30 -5.33 -17.55
N ALA B 159 13.62 -5.25 -17.63
CA ALA B 159 14.29 -4.73 -18.80
C ALA B 159 15.57 -5.49 -19.03
N ALA B 160 15.81 -5.88 -20.28
CA ALA B 160 17.05 -6.57 -20.61
C ALA B 160 17.63 -6.03 -21.91
N PRO B 161 18.96 -5.86 -21.93
CA PRO B 161 19.65 -5.42 -23.14
C PRO B 161 19.51 -6.41 -24.29
N ILE B 162 19.09 -5.93 -25.45
CA ILE B 162 19.01 -6.76 -26.64
C ILE B 162 20.30 -6.59 -27.43
N GLN B 163 21.18 -5.76 -26.88
CA GLN B 163 22.51 -5.53 -27.43
C GLN B 163 23.53 -5.26 -26.32
N LEU B 164 24.79 -5.09 -26.71
CA LEU B 164 25.85 -4.62 -25.82
C LEU B 164 26.71 -3.63 -26.57
N PRO B 165 27.13 -2.55 -25.91
CA PRO B 165 28.15 -1.71 -26.53
C PRO B 165 29.49 -2.42 -26.42
N ILE B 166 30.25 -2.47 -27.49
CA ILE B 166 31.66 -2.81 -27.36
C ILE B 166 32.33 -1.49 -27.06
N GLY B 167 33.19 -1.48 -26.06
CA GLY B 167 33.84 -0.24 -25.67
C GLY B 167 32.87 0.68 -24.98
N ALA B 168 33.40 1.70 -24.33
CA ALA B 168 32.58 2.65 -23.59
C ALA B 168 33.22 4.03 -23.63
N GLU B 169 32.62 4.98 -22.92
CA GLU B 169 33.19 6.32 -22.82
C GLU B 169 33.67 6.79 -24.19
N ASP B 170 34.93 7.22 -24.25
CA ASP B 170 35.54 7.62 -25.51
C ASP B 170 35.87 6.40 -26.37
N GLU B 171 35.98 5.24 -25.71
CA GLU B 171 36.40 4.01 -26.38
C GLU B 171 35.26 3.25 -27.06
N PHE B 172 34.06 3.81 -27.00
CA PHE B 172 32.90 3.19 -27.62
C PHE B 172 33.12 2.98 -29.13
N GLU B 173 32.79 1.78 -29.62
CA GLU B 173 33.15 1.40 -30.98
C GLU B 173 32.00 0.83 -31.82
N ALA B 174 31.52 -0.35 -31.45
CA ALA B 174 30.49 -1.04 -32.23
C ALA B 174 29.42 -1.69 -31.34
N ILE B 175 28.46 -2.34 -31.99
CA ILE B 175 27.31 -2.91 -31.28
C ILE B 175 26.85 -4.22 -31.91
N ILE B 176 26.43 -5.15 -31.05
CA ILE B 176 26.06 -6.50 -31.46
C ILE B 176 24.56 -6.72 -31.25
N ASP B 177 23.84 -7.24 -32.25
CA ASP B 177 22.43 -7.53 -32.01
C ASP B 177 22.38 -8.95 -31.49
N LEU B 178 22.02 -9.07 -30.23
CA LEU B 178 21.95 -10.37 -29.60
C LEU B 178 20.93 -11.20 -30.35
N VAL B 179 19.70 -10.71 -30.44
CA VAL B 179 18.63 -11.53 -30.99
C VAL B 179 19.13 -12.18 -32.28
N GLU B 180 19.87 -11.41 -33.06
CA GLU B 180 20.47 -11.90 -34.30
C GLU B 180 21.88 -12.46 -34.09
N MET B 181 22.47 -12.18 -32.93
CA MET B 181 23.84 -12.58 -32.63
C MET B 181 24.85 -12.16 -33.70
N LYS B 182 24.73 -10.92 -34.19
CA LYS B 182 25.69 -10.36 -35.13
C LYS B 182 26.42 -9.19 -34.50
N CYS B 183 27.38 -8.63 -35.23
CA CYS B 183 28.09 -7.43 -34.79
C CYS B 183 28.23 -6.44 -35.92
N PHE B 184 27.67 -5.25 -35.74
CA PHE B 184 27.77 -4.17 -36.72
C PHE B 184 28.88 -3.21 -36.31
N LYS B 185 29.72 -2.83 -37.27
CA LYS B 185 30.87 -1.99 -36.96
C LYS B 185 30.76 -0.58 -37.58
N TYR B 186 31.31 0.41 -36.89
CA TYR B 186 31.15 1.81 -37.30
C TYR B 186 32.44 2.50 -37.79
N THR B 187 32.44 2.82 -39.08
CA THR B 187 33.55 3.53 -39.72
C THR B 187 33.49 5.04 -39.48
N ASN B 188 32.28 5.59 -39.55
CA ASN B 188 32.10 7.04 -39.54
C ASN B 188 31.06 7.51 -38.53
N ASP B 189 31.03 8.82 -38.28
CA ASP B 189 30.04 9.40 -37.38
C ASP B 189 28.77 9.81 -38.12
N LEU B 190 28.73 9.47 -39.41
CA LEU B 190 27.59 9.81 -40.25
C LEU B 190 26.60 8.65 -40.37
N GLY B 191 26.86 7.56 -39.66
CA GLY B 191 25.96 6.43 -39.63
C GLY B 191 25.67 5.84 -40.99
N THR B 192 26.73 5.63 -41.76
CA THR B 192 26.67 4.97 -43.06
C THR B 192 27.99 4.23 -43.25
N GLU B 193 28.06 3.32 -44.21
CA GLU B 193 29.20 2.41 -44.30
C GLU B 193 29.32 1.59 -43.02
N ILE B 194 28.40 0.65 -42.83
CA ILE B 194 28.44 -0.26 -41.71
C ILE B 194 28.64 -1.68 -42.22
N GLU B 195 29.72 -2.33 -41.81
CA GLU B 195 29.95 -3.71 -42.24
C GLU B 195 29.53 -4.70 -41.16
N GLU B 196 28.81 -5.73 -41.57
CA GLU B 196 28.33 -6.74 -40.64
C GLU B 196 29.38 -7.82 -40.50
N ILE B 197 29.96 -7.91 -39.31
CA ILE B 197 31.05 -8.85 -39.05
C ILE B 197 30.65 -9.83 -37.94
N GLU B 198 31.24 -11.01 -37.97
CA GLU B 198 30.97 -12.02 -36.95
C GLU B 198 31.42 -11.47 -35.60
N ILE B 199 30.83 -11.99 -34.53
CA ILE B 199 31.16 -11.53 -33.19
C ILE B 199 32.58 -11.91 -32.81
N PRO B 200 33.35 -10.94 -32.30
CA PRO B 200 34.73 -11.15 -31.87
C PRO B 200 34.83 -12.13 -30.71
N GLU B 201 35.80 -13.04 -30.79
CA GLU B 201 35.92 -14.14 -29.83
C GLU B 201 36.20 -13.65 -28.41
N ASP B 202 36.93 -12.54 -28.30
CA ASP B 202 37.47 -12.08 -27.04
C ASP B 202 36.36 -11.42 -26.24
N HIS B 203 35.18 -11.47 -26.83
CA HIS B 203 33.97 -10.84 -26.31
C HIS B 203 32.83 -11.84 -26.12
N LEU B 204 32.62 -12.68 -27.12
CA LEU B 204 31.48 -13.60 -27.19
C LEU B 204 31.10 -14.20 -25.83
N ASP B 205 32.09 -14.46 -24.98
CA ASP B 205 31.78 -14.93 -23.62
C ASP B 205 30.66 -14.10 -22.97
N ARG B 206 30.92 -12.82 -22.72
CA ARG B 206 29.89 -11.93 -22.21
C ARG B 206 28.62 -12.02 -23.05
N ALA B 207 28.79 -12.01 -24.36
CA ALA B 207 27.70 -11.95 -25.32
C ALA B 207 26.63 -13.01 -25.07
N GLU B 208 27.05 -14.15 -24.53
CA GLU B 208 26.10 -15.18 -24.13
C GLU B 208 25.44 -14.88 -22.78
N GLU B 209 26.25 -14.57 -21.77
CA GLU B 209 25.71 -14.17 -20.47
C GLU B 209 24.68 -13.10 -20.73
N ALA B 210 25.04 -12.19 -21.62
CA ALA B 210 24.13 -11.19 -22.14
C ALA B 210 22.87 -11.86 -22.69
N ARG B 211 23.04 -12.65 -23.74
CA ARG B 211 21.90 -13.27 -24.41
C ARG B 211 21.12 -14.22 -23.49
N ALA B 212 21.83 -15.12 -22.83
CA ALA B 212 21.20 -16.03 -21.89
C ALA B 212 20.38 -15.24 -20.88
N SER B 213 21.07 -14.39 -20.11
CA SER B 213 20.41 -13.58 -19.08
C SER B 213 19.22 -12.84 -19.68
N LEU B 214 19.28 -12.58 -20.99
CA LEU B 214 18.15 -12.01 -21.69
C LEU B 214 17.00 -13.00 -21.74
N ILE B 215 17.28 -14.20 -22.24
CA ILE B 215 16.25 -15.22 -22.42
C ILE B 215 15.51 -15.51 -21.11
N GLU B 216 16.24 -15.50 -20.00
CA GLU B 216 15.64 -15.67 -18.69
C GLU B 216 14.70 -14.50 -18.40
N ALA B 217 15.18 -13.29 -18.61
CA ALA B 217 14.41 -12.08 -18.33
C ALA B 217 13.05 -12.11 -19.01
N VAL B 218 12.97 -12.81 -20.14
CA VAL B 218 11.73 -12.92 -20.90
C VAL B 218 10.79 -13.96 -20.28
N ALA B 219 11.36 -15.08 -19.86
CA ALA B 219 10.61 -16.26 -19.44
C ALA B 219 9.57 -15.98 -18.35
N GLU B 220 9.75 -14.89 -17.63
CA GLU B 220 8.84 -14.54 -16.54
C GLU B 220 7.44 -14.31 -17.06
N THR B 221 7.30 -14.33 -18.39
CA THR B 221 6.00 -14.16 -19.02
C THR B 221 5.40 -15.47 -19.53
N SER B 222 5.90 -15.95 -20.68
CA SER B 222 5.32 -17.11 -21.36
C SER B 222 5.77 -18.47 -20.80
N ASP B 223 4.96 -19.49 -21.04
CA ASP B 223 5.16 -20.84 -20.50
C ASP B 223 6.21 -21.68 -21.21
N GLU B 224 5.98 -21.95 -22.49
CA GLU B 224 6.86 -22.80 -23.28
C GLU B 224 8.32 -22.47 -23.02
N LEU B 225 8.67 -21.22 -23.29
CA LEU B 225 10.03 -20.71 -23.12
C LEU B 225 10.66 -21.13 -21.80
N MET B 226 10.06 -20.75 -20.68
CA MET B 226 10.71 -20.93 -19.40
C MET B 226 11.34 -22.31 -19.35
N GLU B 227 10.68 -23.28 -19.97
CA GLU B 227 11.23 -24.63 -20.08
C GLU B 227 12.39 -24.72 -21.09
N LYS B 228 12.20 -24.16 -22.27
CA LYS B 228 13.13 -24.35 -23.39
C LYS B 228 14.60 -23.99 -23.10
N TYR B 229 14.82 -22.85 -22.45
CA TYR B 229 16.18 -22.38 -22.17
C TYR B 229 17.03 -23.51 -21.61
N LEU B 230 16.69 -23.93 -20.40
CA LEU B 230 17.22 -25.13 -19.78
C LEU B 230 17.05 -26.29 -20.75
N GLY B 231 18.09 -27.09 -20.94
CA GLY B 231 18.04 -28.19 -21.89
C GLY B 231 18.87 -27.91 -23.13
N ASP B 232 19.26 -26.65 -23.29
CA ASP B 232 20.23 -26.24 -24.30
C ASP B 232 19.77 -26.39 -25.74
N GLU B 233 18.62 -27.04 -25.96
CA GLU B 233 18.02 -27.02 -27.28
C GLU B 233 17.82 -25.54 -27.62
N GLU B 234 18.31 -25.12 -28.77
CA GLU B 234 18.39 -23.69 -29.06
C GLU B 234 17.07 -23.03 -29.47
N ILE B 235 17.14 -21.72 -29.71
CA ILE B 235 15.95 -20.90 -29.92
C ILE B 235 15.99 -20.19 -31.26
N SER B 236 15.04 -20.52 -32.14
CA SER B 236 14.91 -19.84 -33.42
C SER B 236 14.55 -18.37 -33.21
N VAL B 237 15.09 -17.50 -34.07
CA VAL B 237 14.91 -16.06 -33.92
C VAL B 237 13.47 -15.57 -33.93
N SER B 238 12.81 -15.64 -35.09
CA SER B 238 11.49 -15.02 -35.24
C SER B 238 10.45 -15.50 -34.22
N GLU B 239 10.69 -16.66 -33.62
CA GLU B 239 9.83 -17.13 -32.53
C GLU B 239 10.41 -16.67 -31.19
N LEU B 240 11.55 -15.99 -31.28
CA LEU B 240 12.12 -15.26 -30.16
C LEU B 240 11.62 -13.83 -30.30
N LYS B 241 11.95 -13.20 -31.42
CA LYS B 241 11.43 -11.87 -31.75
C LYS B 241 9.94 -11.79 -31.43
N GLU B 242 9.23 -12.88 -31.70
CA GLU B 242 7.83 -12.98 -31.31
C GLU B 242 7.67 -12.85 -29.80
N ALA B 243 8.44 -13.65 -29.07
CA ALA B 243 8.41 -13.60 -27.61
C ALA B 243 8.58 -12.15 -27.14
N ILE B 244 9.60 -11.48 -27.69
CA ILE B 244 9.90 -10.11 -27.31
C ILE B 244 8.80 -9.16 -27.77
N ARG B 245 8.28 -9.37 -28.98
CA ARG B 245 7.14 -8.58 -29.44
C ARG B 245 5.94 -8.85 -28.55
N GLN B 246 5.80 -10.10 -28.10
CA GLN B 246 4.70 -10.50 -27.25
C GLN B 246 4.77 -9.84 -25.88
N ALA B 247 5.90 -10.03 -25.19
CA ALA B 247 6.07 -9.51 -23.84
C ALA B 247 6.09 -7.98 -23.83
N THR B 248 6.49 -7.39 -24.95
CA THR B 248 6.56 -5.93 -25.06
C THR B 248 5.19 -5.30 -25.27
N THR B 249 4.42 -5.85 -26.21
CA THR B 249 3.10 -5.31 -26.53
C THR B 249 2.11 -5.57 -25.40
N ASN B 250 2.42 -6.56 -24.57
CA ASN B 250 1.63 -6.83 -23.37
C ASN B 250 2.10 -5.97 -22.21
N VAL B 251 3.10 -5.14 -22.47
CA VAL B 251 3.70 -4.26 -21.46
C VAL B 251 4.34 -5.08 -20.34
N GLU B 252 4.69 -6.33 -20.64
CA GLU B 252 5.35 -7.20 -19.67
C GLU B 252 6.87 -7.31 -19.82
N PHE B 253 7.44 -6.66 -20.85
CA PHE B 253 8.89 -6.63 -21.02
C PHE B 253 9.36 -5.35 -21.70
N TYR B 254 10.59 -4.95 -21.37
CA TYR B 254 11.13 -3.68 -21.84
C TYR B 254 12.50 -3.82 -22.47
N PRO B 255 12.52 -4.00 -23.81
CA PRO B 255 13.76 -4.09 -24.57
C PRO B 255 14.68 -2.90 -24.28
N VAL B 256 15.99 -3.14 -24.28
CA VAL B 256 16.96 -2.08 -24.03
C VAL B 256 18.06 -2.09 -25.08
N LEU B 257 18.16 -0.98 -25.82
CA LEU B 257 19.18 -0.83 -26.83
C LEU B 257 20.17 0.23 -26.38
N CYS B 258 21.17 0.51 -27.21
CA CYS B 258 22.20 1.49 -26.87
C CYS B 258 22.68 2.25 -28.10
N GLY B 259 23.41 3.33 -27.88
CA GLY B 259 24.02 4.07 -28.96
C GLY B 259 24.38 5.49 -28.57
N THR B 260 24.81 6.26 -29.55
CA THR B 260 25.00 7.70 -29.38
C THR B 260 24.39 8.40 -30.59
N ALA B 261 23.43 9.27 -30.34
CA ALA B 261 22.68 9.91 -31.42
C ALA B 261 23.54 10.91 -32.19
N PHE B 262 24.17 11.82 -31.48
CA PHE B 262 24.96 12.87 -32.10
C PHE B 262 25.99 12.30 -33.08
N LYS B 263 26.71 11.28 -32.65
CA LYS B 263 27.73 10.65 -33.47
C LYS B 263 27.09 9.62 -34.42
N ASN B 264 25.78 9.50 -34.36
CA ASN B 264 25.04 8.66 -35.29
C ASN B 264 25.44 7.18 -35.16
N LYS B 265 25.14 6.58 -34.01
CA LYS B 265 25.43 5.15 -33.78
C LYS B 265 24.26 4.41 -33.15
N GLY B 266 23.76 3.41 -33.86
CA GLY B 266 22.68 2.58 -33.36
C GLY B 266 21.31 3.23 -33.48
N VAL B 267 21.19 4.20 -34.38
CA VAL B 267 19.89 4.80 -34.67
C VAL B 267 19.09 3.88 -35.58
N GLN B 268 19.73 3.39 -36.65
CA GLN B 268 19.09 2.47 -37.57
C GLN B 268 18.59 1.23 -36.84
N LEU B 269 19.45 0.68 -35.99
CA LEU B 269 19.10 -0.48 -35.19
C LEU B 269 17.88 -0.18 -34.33
N MET B 270 17.99 0.86 -33.51
CA MET B 270 16.90 1.26 -32.64
C MET B 270 15.63 1.53 -33.46
N LEU B 271 15.82 1.97 -34.69
CA LEU B 271 14.70 2.19 -35.60
C LEU B 271 14.10 0.87 -36.06
N ASP B 272 14.94 -0.04 -36.54
CA ASP B 272 14.49 -1.38 -36.90
C ASP B 272 13.70 -1.97 -35.74
N ALA B 273 14.25 -1.81 -34.54
CA ALA B 273 13.65 -2.36 -33.32
C ALA B 273 12.22 -1.88 -33.11
N VAL B 274 11.94 -0.63 -33.48
CA VAL B 274 10.59 -0.10 -33.36
C VAL B 274 9.63 -0.97 -34.16
N ILE B 275 10.02 -1.31 -35.37
CA ILE B 275 9.23 -2.19 -36.23
C ILE B 275 9.06 -3.54 -35.55
N ASP B 276 10.19 -4.12 -35.16
CA ASP B 276 10.19 -5.43 -34.52
C ASP B 276 9.23 -5.51 -33.33
N TYR B 277 9.57 -4.83 -32.25
CA TYR B 277 8.96 -5.08 -30.95
C TYR B 277 7.82 -4.17 -30.45
N LEU B 278 7.46 -3.12 -31.18
CA LEU B 278 6.44 -2.21 -30.66
C LEU B 278 5.04 -2.46 -31.22
N PRO B 279 4.03 -1.77 -30.66
CA PRO B 279 2.62 -2.02 -31.01
C PRO B 279 2.14 -1.43 -32.33
N SER B 280 1.18 -2.12 -32.95
CA SER B 280 0.49 -1.63 -34.14
C SER B 280 -0.94 -1.36 -33.67
N PRO B 281 -1.68 -0.45 -34.32
CA PRO B 281 -2.95 0.02 -33.72
C PRO B 281 -3.91 -1.12 -33.36
N LEU B 282 -3.67 -2.28 -33.95
CA LEU B 282 -4.42 -3.48 -33.63
C LEU B 282 -4.04 -4.06 -32.27
N ASP B 283 -2.76 -3.97 -31.93
CA ASP B 283 -2.21 -4.74 -30.81
C ASP B 283 -2.36 -4.05 -29.46
N VAL B 284 -3.03 -2.92 -29.44
CA VAL B 284 -3.16 -2.14 -28.21
C VAL B 284 -4.60 -2.12 -27.71
N LYS B 285 -4.75 -1.93 -26.40
CA LYS B 285 -6.07 -1.89 -25.78
C LYS B 285 -6.90 -0.79 -26.42
N PRO B 286 -8.05 -1.17 -27.01
CA PRO B 286 -8.87 -0.19 -27.72
C PRO B 286 -9.30 0.92 -26.79
N ILE B 287 -9.40 2.15 -27.32
CA ILE B 287 -9.79 3.27 -26.49
C ILE B 287 -11.23 3.11 -26.02
N ILE B 288 -11.54 3.70 -24.88
CA ILE B 288 -12.90 3.68 -24.36
C ILE B 288 -13.42 5.09 -24.13
N GLY B 289 -14.74 5.19 -23.98
CA GLY B 289 -15.42 6.48 -23.90
C GLY B 289 -16.90 6.27 -23.63
N HIS B 290 -17.71 7.25 -23.97
CA HIS B 290 -19.14 7.18 -23.72
C HIS B 290 -19.97 7.71 -24.89
N ARG B 291 -21.28 7.83 -24.68
CA ARG B 291 -22.18 8.39 -25.69
C ARG B 291 -22.91 9.60 -25.13
N ALA B 292 -23.69 10.26 -25.97
CA ALA B 292 -24.47 11.42 -25.54
C ALA B 292 -25.83 11.03 -24.98
N SER B 293 -26.28 9.82 -25.29
CA SER B 293 -27.46 9.26 -24.65
C SER B 293 -27.07 8.66 -23.31
N ASN B 294 -25.93 7.96 -23.33
CA ASN B 294 -25.48 7.17 -22.19
C ASN B 294 -24.11 7.63 -21.71
N PRO B 295 -24.09 8.63 -20.81
CA PRO B 295 -22.87 9.23 -20.27
C PRO B 295 -22.07 8.25 -19.41
N GLU B 296 -22.71 7.16 -19.02
CA GLU B 296 -22.08 6.17 -18.13
C GLU B 296 -21.53 4.92 -18.85
N GLU B 297 -22.40 4.19 -19.53
CA GLU B 297 -21.98 2.97 -20.22
C GLU B 297 -20.73 3.16 -21.09
N GLU B 298 -19.83 2.20 -21.02
CA GLU B 298 -18.55 2.24 -21.75
C GLU B 298 -18.69 1.85 -23.21
N VAL B 299 -18.20 2.70 -24.10
CA VAL B 299 -18.20 2.39 -25.53
C VAL B 299 -16.77 2.18 -26.03
N ILE B 300 -16.53 1.02 -26.63
CA ILE B 300 -15.19 0.68 -27.11
C ILE B 300 -15.03 1.05 -28.58
N ALA B 301 -13.85 1.54 -28.94
CA ALA B 301 -13.53 1.83 -30.34
C ALA B 301 -12.43 0.91 -30.86
N LYS B 302 -12.80 0.02 -31.75
CA LYS B 302 -11.89 -0.98 -32.31
C LYS B 302 -11.28 -0.49 -33.60
N ALA B 303 -10.06 -0.91 -33.91
CA ALA B 303 -9.47 -0.46 -35.15
C ALA B 303 -9.86 -1.41 -36.26
N ASP B 304 -10.77 -0.92 -37.10
CA ASP B 304 -11.14 -1.53 -38.35
C ASP B 304 -11.68 -0.38 -39.19
N ASP B 305 -11.49 -0.47 -40.49
CA ASP B 305 -11.92 0.63 -41.35
C ASP B 305 -13.43 0.67 -41.53
N SER B 306 -14.08 -0.44 -41.18
CA SER B 306 -15.51 -0.62 -41.45
C SER B 306 -16.42 0.01 -40.40
N ALA B 307 -15.85 0.41 -39.26
CA ALA B 307 -16.64 0.97 -38.18
C ALA B 307 -17.02 2.41 -38.50
N GLU B 308 -17.64 3.09 -37.53
CA GLU B 308 -18.00 4.49 -37.71
C GLU B 308 -16.84 5.40 -37.30
N PHE B 309 -17.03 6.70 -37.47
CA PHE B 309 -15.91 7.65 -37.35
C PHE B 309 -15.67 8.15 -35.93
N ALA B 310 -14.47 7.90 -35.43
CA ALA B 310 -14.08 8.40 -34.11
C ALA B 310 -12.69 9.03 -34.16
N ALA B 311 -12.62 10.33 -33.89
CA ALA B 311 -11.37 11.06 -33.94
C ALA B 311 -11.18 12.00 -32.75
N LEU B 312 -9.94 12.11 -32.29
CA LEU B 312 -9.59 12.96 -31.16
C LEU B 312 -8.60 14.04 -31.62
N ALA B 313 -8.94 15.31 -31.38
CA ALA B 313 -8.08 16.41 -31.80
C ALA B 313 -7.17 16.88 -30.66
N PHE B 314 -5.88 16.59 -30.78
CA PHE B 314 -4.94 16.88 -29.69
C PHE B 314 -4.19 18.23 -29.71
N LYS B 315 -4.16 18.92 -30.84
CA LYS B 315 -3.43 20.19 -30.91
C LYS B 315 -3.94 21.12 -32.01
N VAL B 316 -3.91 22.43 -31.75
CA VAL B 316 -4.23 23.40 -32.79
C VAL B 316 -3.09 24.38 -33.05
N MET B 317 -2.41 24.20 -34.18
CA MET B 317 -1.37 25.13 -34.64
C MET B 317 -1.94 26.29 -35.45
N THR B 318 -1.23 27.41 -35.49
CA THR B 318 -1.59 28.52 -36.36
C THR B 318 -0.49 28.84 -37.38
N ASP B 319 -0.80 28.56 -38.65
CA ASP B 319 0.09 28.90 -39.75
C ASP B 319 -0.31 30.26 -40.31
N PRO B 320 0.69 31.08 -40.68
CA PRO B 320 0.43 32.40 -41.27
C PRO B 320 -0.48 32.34 -42.49
N TYR B 321 -0.52 31.18 -43.14
CA TYR B 321 -1.23 31.04 -44.41
C TYR B 321 -2.48 30.17 -44.30
N VAL B 322 -2.27 28.87 -44.10
CA VAL B 322 -3.39 27.93 -44.03
C VAL B 322 -4.28 28.17 -42.80
N GLY B 323 -3.81 29.05 -41.91
CA GLY B 323 -4.56 29.41 -40.73
C GLY B 323 -4.64 28.31 -39.68
N LYS B 324 -5.85 28.00 -39.25
CA LYS B 324 -6.05 27.05 -38.16
C LYS B 324 -5.90 25.60 -38.62
N LEU B 325 -4.94 24.92 -38.02
CA LEU B 325 -4.75 23.49 -38.26
C LEU B 325 -5.21 22.72 -37.02
N THR B 326 -5.91 21.61 -37.24
CA THR B 326 -6.38 20.79 -36.15
C THR B 326 -5.83 19.37 -36.25
N PHE B 327 -5.03 18.98 -35.27
CA PHE B 327 -4.39 17.67 -35.27
C PHE B 327 -5.24 16.59 -34.60
N PHE B 328 -5.56 15.56 -35.35
CA PHE B 328 -6.44 14.51 -34.85
C PHE B 328 -5.91 13.11 -35.19
N ARG B 329 -5.89 12.24 -34.19
CA ARG B 329 -5.66 10.82 -34.41
C ARG B 329 -7.01 10.15 -34.65
N VAL B 330 -7.05 9.20 -35.58
CA VAL B 330 -8.27 8.45 -35.87
C VAL B 330 -8.19 7.02 -35.31
N TYR B 331 -9.04 6.71 -34.32
CA TYR B 331 -9.04 5.38 -33.71
C TYR B 331 -9.83 4.35 -34.51
N SER B 332 -11.00 4.75 -35.00
CA SER B 332 -11.87 3.83 -35.73
C SER B 332 -12.68 4.54 -36.79
N GLY B 333 -13.00 3.83 -37.86
CA GLY B 333 -13.79 4.38 -38.95
C GLY B 333 -12.94 5.31 -39.79
N THR B 334 -13.38 5.54 -41.02
CA THR B 334 -12.65 6.41 -41.94
C THR B 334 -13.33 7.76 -42.09
N MET B 335 -12.80 8.56 -43.01
CA MET B 335 -13.38 9.86 -43.34
C MET B 335 -12.60 10.46 -44.49
N THR B 336 -13.22 11.42 -45.18
CA THR B 336 -12.62 12.01 -46.37
C THR B 336 -12.91 13.50 -46.43
N SER B 337 -11.97 14.25 -47.02
CA SER B 337 -12.11 15.69 -47.16
C SER B 337 -13.36 16.05 -47.93
N GLY B 338 -13.97 17.18 -47.59
CA GLY B 338 -15.15 17.66 -48.27
C GLY B 338 -16.43 16.96 -47.83
N SER B 339 -16.39 16.38 -46.63
CA SER B 339 -17.58 15.76 -46.05
C SER B 339 -17.95 16.45 -44.74
N TYR B 340 -19.05 16.03 -44.12
CA TYR B 340 -19.52 16.65 -42.90
C TYR B 340 -19.32 15.74 -41.69
N VAL B 341 -18.98 16.34 -40.56
CA VAL B 341 -18.99 15.64 -39.29
C VAL B 341 -19.50 16.62 -38.24
N LYS B 342 -19.67 16.13 -37.02
CA LYS B 342 -20.10 16.97 -35.93
C LYS B 342 -18.96 17.01 -34.94
N ASN B 343 -18.82 18.10 -34.22
CA ASN B 343 -17.85 18.13 -33.15
C ASN B 343 -18.65 17.62 -31.98
N SER B 344 -18.34 16.39 -31.56
CA SER B 344 -19.18 15.69 -30.60
C SER B 344 -19.29 16.46 -29.29
N THR B 345 -18.15 16.62 -28.62
CA THR B 345 -18.08 17.31 -27.35
C THR B 345 -18.80 18.65 -27.38
N LYS B 346 -18.26 19.60 -28.14
CA LYS B 346 -18.81 20.95 -28.20
C LYS B 346 -20.27 20.96 -28.66
N GLY B 347 -20.69 19.88 -29.33
CA GLY B 347 -22.08 19.69 -29.69
C GLY B 347 -22.52 20.43 -30.95
N LYS B 348 -21.59 20.61 -31.88
CA LYS B 348 -21.91 21.30 -33.13
C LYS B 348 -21.43 20.53 -34.37
N ARG B 349 -21.97 20.91 -35.52
CA ARG B 349 -21.66 20.26 -36.79
C ARG B 349 -20.48 20.97 -37.46
N GLU B 350 -19.57 20.20 -38.05
CA GLU B 350 -18.35 20.77 -38.62
C GLU B 350 -18.03 20.20 -40.02
N ARG B 351 -17.52 21.05 -40.90
CA ARG B 351 -17.23 20.62 -42.27
C ARG B 351 -15.76 20.29 -42.48
N VAL B 352 -15.48 19.04 -42.85
CA VAL B 352 -14.13 18.62 -43.15
C VAL B 352 -13.59 19.36 -44.37
N GLY B 353 -12.40 19.95 -44.21
CA GLY B 353 -11.77 20.68 -45.28
C GLY B 353 -10.66 19.92 -45.98
N ARG B 354 -9.66 20.67 -46.43
CA ARG B 354 -8.43 20.13 -46.98
C ARG B 354 -7.73 19.30 -45.89
N LEU B 355 -7.00 18.26 -46.29
CA LEU B 355 -6.34 17.38 -45.34
C LEU B 355 -4.84 17.30 -45.54
N LEU B 356 -4.08 17.78 -44.56
CA LEU B 356 -2.63 17.80 -44.67
C LEU B 356 -1.96 16.76 -43.78
N GLN B 357 -0.97 16.09 -44.33
CA GLN B 357 -0.06 15.27 -43.54
C GLN B 357 1.30 15.94 -43.54
N MET B 358 1.85 16.17 -42.35
CA MET B 358 3.14 16.82 -42.23
C MET B 358 4.24 15.78 -42.26
N HIS B 359 5.11 15.86 -43.27
CA HIS B 359 6.29 15.02 -43.32
C HIS B 359 7.44 15.76 -42.66
N ALA B 360 8.65 15.19 -42.73
CA ALA B 360 9.82 15.85 -42.16
C ALA B 360 10.11 17.17 -42.88
N ASN B 361 10.36 17.07 -44.19
CA ASN B 361 10.69 18.25 -44.99
C ASN B 361 9.57 18.85 -45.86
N SER B 362 8.41 18.20 -45.93
CA SER B 362 7.34 18.64 -46.83
C SER B 362 5.94 18.48 -46.22
N ARG B 363 4.92 18.77 -47.00
CA ARG B 363 3.54 18.56 -46.56
C ARG B 363 2.71 17.89 -47.64
N GLN B 364 2.03 16.80 -47.29
CA GLN B 364 1.16 16.10 -48.23
C GLN B 364 -0.29 16.46 -47.98
N GLU B 365 -0.97 16.88 -49.04
CA GLU B 365 -2.41 17.11 -48.99
C GLU B 365 -3.09 15.82 -49.43
N ILE B 366 -3.94 15.29 -48.57
CA ILE B 366 -4.59 14.01 -48.86
C ILE B 366 -6.12 14.12 -48.85
N ASP B 367 -6.77 12.98 -49.04
CA ASP B 367 -8.22 12.91 -49.09
C ASP B 367 -8.75 12.07 -47.93
N THR B 368 -8.41 10.79 -47.93
CA THR B 368 -8.90 9.89 -46.90
C THR B 368 -7.84 9.57 -45.84
N VAL B 369 -8.27 9.62 -44.58
CA VAL B 369 -7.48 9.18 -43.44
C VAL B 369 -8.10 7.87 -42.96
N TYR B 370 -7.30 6.92 -42.50
CA TYR B 370 -7.82 5.61 -42.13
C TYR B 370 -7.60 5.31 -40.66
N SER B 371 -8.49 4.50 -40.09
CA SER B 371 -8.47 4.27 -38.65
C SER B 371 -7.06 3.86 -38.25
N GLY B 372 -6.49 4.58 -37.29
CA GLY B 372 -5.12 4.35 -36.88
C GLY B 372 -4.11 5.30 -37.50
N ASP B 373 -4.59 6.43 -38.03
CA ASP B 373 -3.71 7.41 -38.67
C ASP B 373 -3.87 8.82 -38.09
N ILE B 374 -2.92 9.69 -38.41
CA ILE B 374 -2.95 11.08 -37.95
C ILE B 374 -2.81 12.07 -39.11
N ALA B 375 -3.51 13.21 -39.00
CA ALA B 375 -3.43 14.26 -40.01
C ALA B 375 -3.80 15.62 -39.45
N ALA B 376 -3.76 16.64 -40.29
CA ALA B 376 -4.11 18.00 -39.89
C ALA B 376 -5.30 18.50 -40.67
N ALA B 377 -6.15 19.28 -40.03
CA ALA B 377 -7.36 19.77 -40.69
C ALA B 377 -7.47 21.29 -40.65
N VAL B 378 -7.41 21.90 -41.83
CA VAL B 378 -7.68 23.32 -41.95
C VAL B 378 -9.18 23.51 -41.79
N GLY B 379 -9.60 24.69 -41.35
CA GLY B 379 -11.00 24.91 -41.04
C GLY B 379 -11.33 24.43 -39.64
N LEU B 380 -12.52 23.87 -39.48
CA LEU B 380 -12.99 23.44 -38.17
C LEU B 380 -12.91 24.61 -37.18
N LYS B 381 -13.72 25.63 -37.44
CA LYS B 381 -13.76 26.82 -36.61
C LYS B 381 -14.10 26.48 -35.16
N ASP B 382 -14.97 25.49 -34.97
CA ASP B 382 -15.49 25.16 -33.64
C ASP B 382 -14.72 24.07 -32.89
N THR B 383 -13.60 23.63 -33.45
CA THR B 383 -12.83 22.57 -32.80
C THR B 383 -11.61 23.08 -32.04
N GLY B 384 -11.59 22.81 -30.74
CA GLY B 384 -10.44 23.12 -29.90
C GLY B 384 -9.67 21.87 -29.51
N THR B 385 -8.67 22.05 -28.65
CA THR B 385 -7.86 20.92 -28.21
C THR B 385 -8.68 19.98 -27.32
N GLY B 386 -8.67 18.69 -27.67
CA GLY B 386 -9.28 17.67 -26.84
C GLY B 386 -10.65 17.19 -27.26
N ASP B 387 -11.28 17.88 -28.19
CA ASP B 387 -12.63 17.52 -28.64
C ASP B 387 -12.65 16.20 -29.40
N THR B 388 -13.83 15.59 -29.48
CA THR B 388 -14.01 14.36 -30.24
C THR B 388 -14.89 14.61 -31.48
N LEU B 389 -14.64 13.86 -32.53
CA LEU B 389 -15.43 13.96 -33.76
C LEU B 389 -15.96 12.60 -34.18
N CYS B 390 -17.26 12.53 -34.47
CA CYS B 390 -17.87 11.28 -34.91
C CYS B 390 -19.01 11.48 -35.90
N GLY B 391 -19.37 10.40 -36.59
CA GLY B 391 -20.45 10.43 -37.57
C GLY B 391 -21.68 11.09 -36.98
N GLU B 392 -22.37 11.87 -37.80
CA GLU B 392 -23.41 12.79 -37.32
C GLU B 392 -24.68 12.11 -36.80
N LYS B 393 -25.01 10.95 -37.33
CA LYS B 393 -26.17 10.22 -36.82
C LYS B 393 -25.76 9.34 -35.64
N ASN B 394 -24.49 9.42 -35.26
CA ASN B 394 -23.96 8.61 -34.17
C ASN B 394 -23.34 9.46 -33.05
N ASP B 395 -23.21 8.87 -31.87
CA ASP B 395 -22.74 9.61 -30.70
C ASP B 395 -21.58 8.95 -29.99
N ILE B 396 -20.45 9.66 -29.90
CA ILE B 396 -19.29 9.20 -29.13
C ILE B 396 -18.51 10.38 -28.57
N ILE B 397 -17.93 10.19 -27.39
CA ILE B 397 -17.03 11.16 -26.77
C ILE B 397 -15.97 10.40 -25.99
N LEU B 398 -14.84 11.04 -25.69
CA LEU B 398 -13.74 10.35 -25.03
C LEU B 398 -13.26 11.06 -23.76
N GLU B 399 -12.69 12.24 -23.91
CA GLU B 399 -12.21 13.03 -22.77
C GLU B 399 -13.32 13.89 -22.18
N SER B 400 -13.44 13.87 -20.85
CA SER B 400 -14.41 14.72 -20.16
C SER B 400 -13.97 16.18 -20.16
N PRO B 404 -10.30 20.03 -14.91
CA PRO B 404 -9.39 20.79 -14.04
C PRO B 404 -10.14 21.85 -13.22
N GLU B 405 -9.42 22.86 -12.75
CA GLU B 405 -10.00 23.95 -11.97
C GLU B 405 -8.94 24.98 -11.63
N PRO B 406 -9.29 26.27 -11.75
CA PRO B 406 -8.38 27.43 -11.64
C PRO B 406 -7.97 27.75 -10.21
N VAL B 407 -6.94 27.06 -9.72
CA VAL B 407 -6.48 27.24 -8.34
C VAL B 407 -5.55 28.42 -8.14
N ILE B 408 -5.19 29.11 -9.23
CA ILE B 408 -4.39 30.32 -9.12
C ILE B 408 -4.71 31.30 -10.24
N HIS B 409 -4.62 32.59 -9.94
CA HIS B 409 -5.05 33.62 -10.88
C HIS B 409 -4.30 34.94 -10.67
N LEU B 410 -4.35 35.80 -11.68
CA LEU B 410 -3.67 37.08 -11.62
C LEU B 410 -4.38 38.14 -12.46
N SER B 411 -4.36 39.38 -11.99
CA SER B 411 -4.98 40.49 -12.70
C SER B 411 -4.10 40.96 -13.85
N VAL B 412 -4.72 41.35 -14.96
CA VAL B 412 -3.97 41.86 -16.10
C VAL B 412 -4.60 43.13 -16.68
N GLU B 413 -3.85 44.23 -16.63
CA GLU B 413 -4.30 45.52 -17.13
C GLU B 413 -3.56 45.93 -18.39
N PRO B 414 -4.29 46.25 -19.47
CA PRO B 414 -3.67 46.75 -20.70
C PRO B 414 -3.29 48.22 -20.58
N LYS B 415 -2.32 48.66 -21.39
CA LYS B 415 -1.86 50.04 -21.36
C LYS B 415 -2.80 50.99 -22.11
N SER B 416 -3.65 50.42 -22.95
CA SER B 416 -4.57 51.21 -23.77
C SER B 416 -5.78 50.38 -24.15
N LYS B 417 -6.85 51.05 -24.59
CA LYS B 417 -8.01 50.34 -25.08
C LYS B 417 -7.65 49.67 -26.40
N ALA B 418 -6.63 50.20 -27.07
CA ALA B 418 -6.13 49.60 -28.30
C ALA B 418 -5.49 48.27 -28.01
N ASP B 419 -4.84 48.18 -26.85
CA ASP B 419 -4.24 46.93 -26.39
C ASP B 419 -5.32 45.92 -26.04
N GLN B 420 -6.33 46.39 -25.32
CA GLN B 420 -7.38 45.52 -24.83
C GLN B 420 -8.19 44.92 -25.98
N ASP B 421 -7.96 45.43 -27.19
CA ASP B 421 -8.50 44.79 -28.38
C ASP B 421 -7.64 43.58 -28.71
N LYS B 422 -6.36 43.85 -28.98
CA LYS B 422 -5.39 42.81 -29.31
C LYS B 422 -5.39 41.71 -28.25
N MET B 423 -5.76 42.07 -27.02
CA MET B 423 -5.81 41.11 -25.92
C MET B 423 -7.03 40.20 -26.02
N THR B 424 -8.21 40.82 -25.92
CA THR B 424 -9.46 40.07 -25.91
C THR B 424 -9.52 39.08 -27.08
N GLN B 425 -8.82 39.41 -28.17
CA GLN B 425 -8.66 38.48 -29.26
C GLN B 425 -7.83 37.27 -28.84
N ALA B 426 -6.64 37.55 -28.30
CA ALA B 426 -5.70 36.51 -27.89
C ALA B 426 -6.37 35.44 -27.03
N LEU B 427 -7.08 35.88 -26.00
CA LEU B 427 -7.80 34.98 -25.11
C LEU B 427 -8.72 34.06 -25.91
N VAL B 428 -9.49 34.65 -26.82
CA VAL B 428 -10.41 33.90 -27.67
C VAL B 428 -9.66 32.85 -28.49
N LYS B 429 -8.47 33.22 -28.98
CA LYS B 429 -7.63 32.28 -29.70
C LYS B 429 -7.02 31.24 -28.77
N LEU B 430 -6.37 31.71 -27.71
CA LEU B 430 -5.70 30.84 -26.76
C LEU B 430 -6.61 29.75 -26.20
N GLN B 431 -7.83 30.13 -25.84
CA GLN B 431 -8.77 29.18 -25.23
C GLN B 431 -8.96 27.95 -26.10
N GLU B 432 -8.83 28.12 -27.41
CA GLU B 432 -8.85 27.01 -28.34
C GLU B 432 -7.64 26.12 -28.10
N GLU B 433 -6.47 26.74 -28.05
CA GLU B 433 -5.22 26.03 -27.83
C GLU B 433 -5.12 25.49 -26.40
N ASP B 434 -5.76 26.19 -25.46
CA ASP B 434 -5.67 25.83 -24.05
C ASP B 434 -7.03 25.80 -23.34
N PRO B 435 -7.69 24.63 -23.33
CA PRO B 435 -8.98 24.47 -22.66
C PRO B 435 -8.88 24.55 -21.14
N THR B 436 -7.67 24.41 -20.60
CA THR B 436 -7.49 24.23 -19.16
C THR B 436 -7.36 25.52 -18.36
N PHE B 437 -7.48 26.67 -19.03
CA PHE B 437 -7.46 27.94 -18.32
C PHE B 437 -8.75 28.71 -18.58
N HIS B 438 -9.33 29.29 -17.52
CA HIS B 438 -10.61 29.97 -17.63
C HIS B 438 -10.47 31.46 -17.32
N ALA B 439 -11.14 32.29 -18.10
CA ALA B 439 -11.01 33.75 -17.96
C ALA B 439 -12.35 34.47 -17.88
N HIS B 440 -12.36 35.56 -17.09
CA HIS B 440 -13.53 36.42 -16.95
C HIS B 440 -13.04 37.83 -16.58
N THR B 441 -13.88 38.85 -16.77
CA THR B 441 -13.41 40.22 -16.66
C THR B 441 -13.87 41.00 -15.41
N ASP B 442 -15.18 41.29 -15.31
CA ASP B 442 -15.74 42.18 -14.28
C ASP B 442 -15.63 43.63 -14.72
N GLN B 447 -11.03 45.35 -16.16
CA GLN B 447 -9.77 44.94 -15.56
C GLN B 447 -9.74 43.44 -15.32
N VAL B 448 -9.46 42.69 -16.38
CA VAL B 448 -9.74 41.25 -16.44
C VAL B 448 -8.80 40.34 -15.63
N ILE B 449 -9.33 39.19 -15.23
CA ILE B 449 -8.60 38.18 -14.46
C ILE B 449 -8.49 36.88 -15.24
N ILE B 450 -7.35 36.21 -15.13
CA ILE B 450 -7.21 34.87 -15.71
C ILE B 450 -6.70 33.86 -14.67
N GLY B 451 -7.50 32.83 -14.43
CA GLY B 451 -7.13 31.77 -13.52
C GLY B 451 -6.43 30.65 -14.25
N GLY B 452 -5.63 29.86 -13.53
CA GLY B 452 -4.87 28.79 -14.16
C GLY B 452 -4.54 27.63 -13.23
N MET B 453 -3.83 26.65 -13.76
CA MET B 453 -3.43 25.48 -12.98
C MET B 453 -2.25 25.76 -12.06
N GLY B 454 -1.38 26.66 -12.47
CA GLY B 454 -0.16 26.93 -11.71
C GLY B 454 0.53 28.25 -11.99
N GLU B 455 1.71 28.41 -11.39
CA GLU B 455 2.50 29.62 -11.50
C GLU B 455 3.12 29.76 -12.87
N LEU B 456 3.46 28.63 -13.46
CA LEU B 456 4.02 28.58 -14.81
C LEU B 456 2.97 28.74 -15.93
N HIS B 457 1.85 28.04 -15.77
CA HIS B 457 0.78 28.03 -16.77
C HIS B 457 0.48 29.48 -17.12
N LEU B 458 0.52 30.33 -16.09
CA LEU B 458 0.26 31.75 -16.25
C LEU B 458 1.48 32.53 -16.75
N ASP B 459 2.68 31.98 -16.57
CA ASP B 459 3.88 32.64 -17.09
C ASP B 459 4.05 32.36 -18.58
N ILE B 460 3.53 31.22 -19.02
CA ILE B 460 3.53 30.89 -20.44
C ILE B 460 2.51 31.74 -21.18
N LEU B 461 1.27 31.74 -20.69
CA LEU B 461 0.18 32.47 -21.33
C LEU B 461 0.48 33.96 -21.46
N VAL B 462 1.11 34.53 -20.45
CA VAL B 462 1.52 35.93 -20.49
C VAL B 462 2.67 36.14 -21.45
N ASP B 463 3.60 35.18 -21.49
CA ASP B 463 4.71 35.25 -22.44
C ASP B 463 4.19 35.08 -23.87
N ARG B 464 3.19 34.23 -24.04
CA ARG B 464 2.61 33.97 -25.35
C ARG B 464 1.78 35.14 -25.86
N MET B 465 1.44 36.05 -24.95
CA MET B 465 0.71 37.28 -25.30
C MET B 465 1.67 38.46 -25.51
N LYS B 466 2.41 38.83 -24.47
CA LYS B 466 3.24 40.02 -24.52
C LYS B 466 3.99 40.13 -25.83
N LYS B 467 4.86 39.17 -26.10
CA LYS B 467 5.64 39.18 -27.32
C LYS B 467 4.87 38.69 -28.56
N GLU B 468 4.08 37.63 -28.42
CA GLU B 468 3.48 36.95 -29.57
C GLU B 468 2.24 37.60 -30.19
N PHE B 469 1.31 38.05 -29.35
CA PHE B 469 0.15 38.80 -29.83
C PHE B 469 0.43 40.29 -29.74
N ASN B 470 1.58 40.62 -29.15
CA ASN B 470 1.96 42.01 -28.91
C ASN B 470 0.95 42.84 -28.13
N VAL B 471 0.76 42.48 -26.87
CA VAL B 471 -0.09 43.27 -25.97
C VAL B 471 0.79 43.92 -24.90
N GLU B 472 0.68 45.23 -24.74
CA GLU B 472 1.39 45.92 -23.68
C GLU B 472 0.49 45.97 -22.45
N CYS B 473 0.88 45.25 -21.40
CA CYS B 473 0.02 45.04 -20.24
C CYS B 473 0.80 44.96 -18.94
N ASN B 474 0.25 45.54 -17.88
CA ASN B 474 0.87 45.43 -16.56
C ASN B 474 0.29 44.27 -15.75
N VAL B 475 1.12 43.26 -15.54
CA VAL B 475 0.71 42.04 -14.87
C VAL B 475 0.43 42.28 -13.38
N GLY B 476 -0.50 41.51 -12.82
CA GLY B 476 -0.78 41.57 -11.40
C GLY B 476 0.03 40.53 -10.64
N ALA B 477 -0.18 40.44 -9.33
CA ALA B 477 0.50 39.43 -8.53
C ALA B 477 -0.25 38.10 -8.58
N PRO B 478 0.51 36.99 -8.55
CA PRO B 478 -0.01 35.61 -8.65
C PRO B 478 -0.67 35.13 -7.36
N MET B 479 -1.94 35.47 -7.17
CA MET B 479 -2.65 35.17 -5.92
C MET B 479 -3.42 33.84 -5.95
N VAL B 480 -3.42 33.17 -4.80
CA VAL B 480 -4.12 31.90 -4.64
C VAL B 480 -5.63 32.09 -4.80
N SER B 481 -6.29 31.16 -5.48
CA SER B 481 -7.72 31.27 -5.73
C SER B 481 -8.48 30.56 -4.60
N TYR B 482 -9.15 31.35 -3.79
CA TYR B 482 -9.81 30.86 -2.57
C TYR B 482 -11.29 30.56 -2.79
N ARG B 483 -11.78 29.53 -2.10
CA ARG B 483 -13.18 29.14 -2.18
C ARG B 483 -13.90 29.38 -0.85
N GLU B 484 -15.20 29.06 -0.83
CA GLU B 484 -16.02 29.19 0.36
C GLU B 484 -17.08 28.10 0.38
N THR B 485 -17.47 27.64 1.57
CA THR B 485 -18.56 26.68 1.68
C THR B 485 -19.29 26.75 3.02
N PHE B 486 -20.33 25.95 3.16
CA PHE B 486 -21.18 25.94 4.34
C PHE B 486 -20.98 24.68 5.16
N LYS B 487 -20.66 24.85 6.44
CA LYS B 487 -20.59 23.71 7.34
C LYS B 487 -21.96 23.29 7.90
N SER B 488 -22.78 24.27 8.24
CA SER B 488 -24.08 23.99 8.86
C SER B 488 -25.25 24.02 7.89
N SER B 489 -26.20 23.12 8.11
CA SER B 489 -27.49 23.18 7.40
C SER B 489 -28.41 24.18 8.09
N ALA B 490 -29.27 24.84 7.32
CA ALA B 490 -30.17 25.83 7.90
C ALA B 490 -31.40 26.12 7.06
N GLN B 491 -32.42 26.69 7.70
CA GLN B 491 -33.61 27.16 7.02
C GLN B 491 -33.77 28.66 7.24
N VAL B 492 -33.76 29.44 6.17
CA VAL B 492 -33.84 30.88 6.28
C VAL B 492 -34.85 31.50 5.32
N GLN B 493 -35.02 32.82 5.42
CA GLN B 493 -36.01 33.52 4.60
C GLN B 493 -35.49 34.85 4.03
N GLY B 494 -35.44 34.94 2.71
CA GLY B 494 -35.31 36.23 2.05
C GLY B 494 -36.69 36.80 1.79
N LYS B 495 -36.81 38.12 1.86
CA LYS B 495 -38.08 38.80 1.61
C LYS B 495 -37.79 40.22 1.15
N PHE B 496 -38.64 40.78 0.28
CA PHE B 496 -38.42 42.15 -0.16
C PHE B 496 -39.70 42.95 -0.35
N SER B 497 -39.57 44.26 -0.18
CA SER B 497 -40.70 45.18 -0.30
C SER B 497 -40.24 46.53 -0.82
N GLN B 505 -43.51 46.07 -5.91
CA GLN B 505 -42.22 45.39 -5.98
C GLN B 505 -42.00 44.51 -4.75
N TYR B 506 -42.25 43.21 -4.91
CA TYR B 506 -42.26 42.29 -3.77
C TYR B 506 -41.77 40.90 -4.17
N GLY B 507 -40.98 40.28 -3.30
CA GLY B 507 -40.67 38.88 -3.44
C GLY B 507 -40.34 38.23 -2.11
N ASP B 508 -40.63 36.93 -2.00
CA ASP B 508 -40.53 36.22 -0.73
C ASP B 508 -40.11 34.77 -0.96
N VAL B 509 -39.13 34.30 -0.17
CA VAL B 509 -38.68 32.91 -0.29
C VAL B 509 -38.25 32.28 1.02
N HIS B 510 -38.59 31.00 1.19
CA HIS B 510 -38.08 30.19 2.29
C HIS B 510 -37.22 29.07 1.72
N ILE B 511 -35.94 29.08 2.06
CA ILE B 511 -35.00 28.10 1.52
C ILE B 511 -34.26 27.37 2.63
N GLU B 512 -33.96 26.10 2.38
CA GLU B 512 -33.16 25.30 3.32
C GLU B 512 -31.77 25.06 2.75
N PHE B 513 -30.74 25.51 3.46
CA PHE B 513 -29.37 25.30 3.03
C PHE B 513 -28.71 24.15 3.78
N THR B 514 -28.01 23.28 3.05
CA THR B 514 -27.30 22.17 3.64
C THR B 514 -25.99 21.94 2.90
N PRO B 515 -24.94 21.55 3.62
CA PRO B 515 -23.66 21.15 3.03
C PRO B 515 -23.87 20.02 2.03
N ASN B 516 -23.17 20.09 0.90
CA ASN B 516 -23.24 19.04 -0.11
C ASN B 516 -21.88 18.38 -0.24
N GLU B 517 -21.86 17.12 -0.70
CA GLU B 517 -20.60 16.39 -0.85
C GLU B 517 -19.62 17.23 -1.65
N THR B 518 -18.40 17.37 -1.15
CA THR B 518 -17.40 18.21 -1.78
C THR B 518 -16.97 17.67 -3.15
N GLY B 519 -17.06 18.53 -4.17
CA GLY B 519 -16.79 18.12 -5.53
C GLY B 519 -18.08 17.92 -6.32
N ALA B 520 -19.17 17.68 -5.60
CA ALA B 520 -20.48 17.54 -6.21
C ALA B 520 -21.04 18.91 -6.56
N GLY B 521 -20.57 19.94 -5.85
CA GLY B 521 -20.93 21.31 -6.13
C GLY B 521 -22.34 21.74 -5.78
N PHE B 522 -22.98 22.44 -6.70
CA PHE B 522 -24.24 23.12 -6.44
C PHE B 522 -25.43 22.53 -7.19
N GLU B 523 -26.49 22.22 -6.45
CA GLU B 523 -27.74 21.78 -7.05
C GLU B 523 -28.92 22.51 -6.41
N PHE B 524 -30.03 22.57 -7.13
CA PHE B 524 -31.19 23.33 -6.70
C PHE B 524 -32.43 22.45 -6.77
N GLU B 525 -33.12 22.32 -5.65
CA GLU B 525 -34.37 21.56 -5.62
C GLU B 525 -35.58 22.48 -5.58
N ASN B 526 -36.56 22.21 -6.43
CA ASN B 526 -37.79 22.96 -6.44
C ASN B 526 -38.90 22.12 -5.82
N ALA B 527 -39.24 22.44 -4.57
CA ALA B 527 -40.19 21.67 -3.78
C ALA B 527 -41.59 22.29 -3.73
N ILE B 528 -41.77 23.40 -4.44
CA ILE B 528 -42.99 24.19 -4.31
C ILE B 528 -44.24 23.33 -4.39
N VAL B 529 -45.15 23.54 -3.43
CA VAL B 529 -46.35 22.71 -3.33
C VAL B 529 -47.53 23.27 -4.10
N GLY B 530 -48.14 24.31 -3.55
CA GLY B 530 -49.40 24.83 -4.05
C GLY B 530 -49.28 25.92 -5.10
N GLY B 531 -48.13 25.97 -5.77
CA GLY B 531 -47.85 27.05 -6.69
C GLY B 531 -47.64 28.30 -5.87
N VAL B 532 -47.40 28.11 -4.58
CA VAL B 532 -47.23 29.21 -3.64
C VAL B 532 -46.24 30.22 -4.21
N VAL B 533 -45.26 29.70 -4.96
CA VAL B 533 -44.44 30.55 -5.81
C VAL B 533 -44.75 30.21 -7.25
N PRO B 534 -45.31 31.18 -7.99
CA PRO B 534 -45.71 31.01 -9.40
C PRO B 534 -44.58 30.46 -10.27
N ARG B 535 -44.92 29.46 -11.09
CA ARG B 535 -43.96 28.70 -11.88
C ARG B 535 -43.01 29.58 -12.68
N GLU B 536 -43.53 30.69 -13.19
CA GLU B 536 -42.72 31.59 -14.01
C GLU B 536 -41.52 32.16 -13.24
N TYR B 537 -41.60 32.15 -11.92
CA TYR B 537 -40.53 32.71 -11.09
C TYR B 537 -39.40 31.82 -10.56
N ILE B 538 -39.55 30.50 -10.62
CA ILE B 538 -38.59 29.62 -9.95
C ILE B 538 -37.17 29.64 -10.53
N PRO B 539 -37.05 29.63 -11.86
CA PRO B 539 -35.74 29.87 -12.48
C PRO B 539 -35.17 31.23 -12.09
N SER B 540 -36.01 32.25 -12.09
CA SER B 540 -35.59 33.60 -11.72
C SER B 540 -34.97 33.62 -10.33
N VAL B 541 -35.47 32.73 -9.46
CA VAL B 541 -34.91 32.57 -8.12
C VAL B 541 -33.50 32.02 -8.19
N GLU B 542 -33.35 30.87 -8.84
CA GLU B 542 -32.06 30.20 -8.93
C GLU B 542 -31.02 31.08 -9.61
N ALA B 543 -31.49 32.00 -10.44
CA ALA B 543 -30.60 32.96 -11.09
C ALA B 543 -29.99 33.88 -10.05
N GLY B 544 -30.75 34.20 -9.01
CA GLY B 544 -30.25 35.02 -7.93
C GLY B 544 -29.32 34.26 -7.01
N LEU B 545 -29.71 33.03 -6.69
CA LEU B 545 -28.86 32.14 -5.88
C LEU B 545 -27.48 31.96 -6.49
N LYS B 546 -27.42 31.41 -7.70
CA LYS B 546 -26.14 31.14 -8.35
C LYS B 546 -25.18 32.32 -8.19
N ASP B 547 -25.53 33.46 -8.76
CA ASP B 547 -24.71 34.66 -8.65
C ASP B 547 -24.28 34.94 -7.21
N ALA B 548 -25.25 35.21 -6.35
CA ALA B 548 -24.98 35.64 -4.98
C ALA B 548 -23.94 34.75 -4.33
N MET B 549 -23.92 33.48 -4.70
CA MET B 549 -22.91 32.56 -4.21
C MET B 549 -21.55 32.87 -4.84
N GLU B 550 -21.56 33.19 -6.13
CA GLU B 550 -20.33 33.52 -6.86
C GLU B 550 -19.65 34.75 -6.27
N ASN B 551 -20.43 35.75 -5.90
CA ASN B 551 -19.89 36.99 -5.33
C ASN B 551 -19.37 36.80 -3.91
N GLY B 552 -19.85 35.76 -3.24
CA GLY B 552 -19.36 35.41 -1.93
C GLY B 552 -20.26 35.82 -0.77
N VAL B 553 -19.88 35.39 0.42
CA VAL B 553 -20.58 35.74 1.66
C VAL B 553 -19.57 36.27 2.68
N LEU B 554 -18.61 35.42 3.02
CA LEU B 554 -17.58 35.70 4.00
C LEU B 554 -16.53 36.65 3.43
N ALA B 555 -15.87 36.17 2.39
CA ALA B 555 -14.71 36.80 1.76
C ALA B 555 -15.06 37.70 0.58
N GLY B 556 -15.84 37.17 -0.35
CA GLY B 556 -15.89 37.67 -1.72
C GLY B 556 -15.33 36.64 -2.68
N TYR B 557 -15.28 35.39 -2.22
CA TYR B 557 -14.86 34.27 -3.05
C TYR B 557 -16.05 33.35 -3.33
N PRO B 558 -15.99 32.62 -4.46
CA PRO B 558 -17.07 31.73 -4.90
C PRO B 558 -17.43 30.67 -3.86
N LEU B 559 -18.73 30.50 -3.63
CA LEU B 559 -19.24 29.49 -2.71
C LEU B 559 -19.53 28.20 -3.47
N ILE B 560 -18.91 27.10 -3.05
CA ILE B 560 -19.05 25.83 -3.76
C ILE B 560 -19.59 24.72 -2.87
N ASP B 561 -20.09 23.66 -3.50
CA ASP B 561 -20.56 22.49 -2.79
C ASP B 561 -21.60 22.86 -1.74
N VAL B 562 -22.75 23.35 -2.21
CA VAL B 562 -23.84 23.74 -1.31
C VAL B 562 -25.18 23.35 -1.91
N LYS B 563 -26.10 22.86 -1.07
CA LYS B 563 -27.40 22.39 -1.54
C LYS B 563 -28.55 23.28 -1.03
N ALA B 564 -29.40 23.71 -1.94
CA ALA B 564 -30.52 24.60 -1.59
C ALA B 564 -31.85 24.12 -2.17
N LYS B 565 -32.78 23.80 -1.30
CA LYS B 565 -34.13 23.44 -1.73
C LYS B 565 -35.06 24.62 -1.51
N LEU B 566 -35.99 24.84 -2.43
CA LEU B 566 -36.98 25.90 -2.25
C LEU B 566 -38.31 25.26 -1.85
N TYR B 567 -38.64 25.37 -0.57
CA TYR B 567 -39.82 24.72 0.00
C TYR B 567 -41.05 25.61 0.25
N ASP B 568 -40.95 26.90 -0.05
CA ASP B 568 -41.99 27.84 0.38
C ASP B 568 -41.73 29.25 -0.14
N GLY B 569 -42.67 30.17 0.12
CA GLY B 569 -42.56 31.54 -0.37
C GLY B 569 -43.89 32.27 -0.39
N SER B 570 -43.97 33.28 -1.25
CA SER B 570 -45.23 34.00 -1.51
C SER B 570 -45.03 35.13 -2.53
N TYR B 571 -46.12 35.62 -3.09
CA TYR B 571 -46.03 36.62 -4.16
C TYR B 571 -47.22 37.57 -4.15
N HIS B 572 -47.06 38.69 -4.86
CA HIS B 572 -48.15 39.63 -5.10
C HIS B 572 -48.34 39.76 -6.61
N ASP B 573 -49.52 39.38 -7.09
CA ASP B 573 -49.76 39.22 -8.52
C ASP B 573 -49.23 40.39 -9.36
N VAL B 574 -49.42 41.61 -8.86
CA VAL B 574 -48.91 42.79 -9.55
C VAL B 574 -47.47 43.14 -9.16
N ASP B 575 -47.25 43.41 -7.87
CA ASP B 575 -45.96 43.87 -7.38
C ASP B 575 -44.77 42.93 -7.68
N SER B 576 -45.04 41.63 -7.75
CA SER B 576 -43.97 40.65 -7.95
C SER B 576 -43.32 40.75 -9.33
N SER B 577 -41.99 40.66 -9.36
CA SER B 577 -41.24 40.69 -10.61
C SER B 577 -40.09 39.67 -10.61
N GLU B 578 -39.62 39.32 -11.79
CA GLU B 578 -38.57 38.31 -11.94
C GLU B 578 -37.29 38.69 -11.20
N MET B 579 -36.95 39.97 -11.20
CA MET B 579 -35.76 40.44 -10.51
C MET B 579 -36.03 40.56 -9.01
N ALA B 580 -37.29 40.75 -8.65
CA ALA B 580 -37.68 40.85 -7.25
C ALA B 580 -37.37 39.55 -6.52
N PHE B 581 -37.42 38.43 -7.25
CA PHE B 581 -37.11 37.13 -6.66
C PHE B 581 -35.60 36.84 -6.70
N LYS B 582 -34.86 37.60 -7.49
CA LYS B 582 -33.41 37.47 -7.53
C LYS B 582 -32.79 38.11 -6.30
N ILE B 583 -33.39 39.21 -5.85
CA ILE B 583 -32.97 39.86 -4.61
C ILE B 583 -33.45 39.03 -3.41
N ALA B 584 -34.61 38.42 -3.56
CA ALA B 584 -35.16 37.55 -2.52
C ALA B 584 -34.22 36.41 -2.21
N ALA B 585 -33.72 35.74 -3.24
CA ALA B 585 -32.74 34.67 -3.08
C ALA B 585 -31.47 35.20 -2.44
N SER B 586 -30.97 36.30 -2.98
CA SER B 586 -29.74 36.92 -2.49
C SER B 586 -29.80 37.23 -0.99
N LEU B 587 -30.91 37.81 -0.55
CA LEU B 587 -31.07 38.14 0.86
C LEU B 587 -31.20 36.89 1.72
N ALA B 588 -31.73 35.82 1.13
CA ALA B 588 -31.80 34.55 1.82
C ALA B 588 -30.40 33.95 1.97
N LEU B 589 -29.49 34.34 1.08
CA LEU B 589 -28.13 33.85 1.12
C LEU B 589 -27.37 34.47 2.29
N LYS B 590 -27.67 35.73 2.58
CA LYS B 590 -27.11 36.41 3.75
C LYS B 590 -27.43 35.62 5.01
N GLU B 591 -28.72 35.55 5.33
CA GLU B 591 -29.17 34.91 6.57
C GLU B 591 -28.51 33.55 6.80
N ALA B 592 -28.33 32.80 5.72
CA ALA B 592 -27.64 31.52 5.80
C ALA B 592 -26.19 31.70 6.25
N ALA B 593 -25.56 32.78 5.80
CA ALA B 593 -24.18 33.06 6.14
C ALA B 593 -23.96 33.01 7.64
N LYS B 594 -24.97 33.44 8.40
CA LYS B 594 -24.87 33.46 9.85
C LYS B 594 -25.15 32.09 10.49
N LYS B 595 -26.19 31.41 10.02
CA LYS B 595 -26.62 30.15 10.62
C LYS B 595 -25.85 28.92 10.16
N CYS B 596 -25.21 29.02 9.00
CA CYS B 596 -24.56 27.87 8.39
C CYS B 596 -23.07 27.76 8.72
N ASP B 597 -22.57 28.72 9.50
CA ASP B 597 -21.14 28.78 9.82
C ASP B 597 -20.27 28.50 8.60
N PRO B 598 -20.21 29.47 7.68
CA PRO B 598 -19.43 29.35 6.44
C PRO B 598 -17.95 29.21 6.75
N VAL B 599 -17.19 28.64 5.81
CA VAL B 599 -15.75 28.53 5.96
C VAL B 599 -15.03 28.76 4.63
N ILE B 600 -13.88 29.42 4.70
CA ILE B 600 -13.05 29.64 3.53
C ILE B 600 -12.20 28.42 3.29
N LEU B 601 -12.30 27.83 2.10
CA LEU B 601 -11.47 26.68 1.79
C LEU B 601 -10.22 27.14 1.06
N GLU B 602 -9.29 26.23 0.84
CA GLU B 602 -8.09 26.53 0.07
C GLU B 602 -7.58 25.29 -0.66
N PRO B 603 -6.92 25.50 -1.80
CA PRO B 603 -6.36 24.37 -2.55
C PRO B 603 -5.23 23.71 -1.79
N MET B 604 -5.27 22.38 -1.75
CA MET B 604 -4.22 21.59 -1.13
C MET B 604 -3.52 20.79 -2.22
N MET B 605 -2.19 20.79 -2.19
CA MET B 605 -1.41 20.14 -3.24
C MET B 605 -0.83 18.84 -2.76
N LYS B 606 -0.65 17.88 -3.67
CA LYS B 606 0.10 16.70 -3.31
C LYS B 606 1.48 16.95 -3.83
N VAL B 607 2.39 17.22 -2.90
CA VAL B 607 3.75 17.59 -3.25
C VAL B 607 4.57 16.33 -3.17
N THR B 608 5.52 16.19 -4.09
CA THR B 608 6.42 15.05 -4.05
C THR B 608 7.86 15.53 -4.17
N ILE B 609 8.64 15.27 -3.12
CA ILE B 609 10.02 15.72 -3.06
C ILE B 609 10.96 14.54 -3.21
N GLU B 610 12.15 14.79 -3.73
CA GLU B 610 13.15 13.74 -3.82
C GLU B 610 14.57 14.23 -3.55
N MET B 611 15.28 13.49 -2.71
CA MET B 611 16.63 13.84 -2.32
C MET B 611 17.48 12.60 -2.04
N PRO B 612 18.81 12.74 -2.16
CA PRO B 612 19.69 11.76 -1.53
C PRO B 612 19.41 11.80 -0.03
N GLU B 613 19.48 10.65 0.63
CA GLU B 613 18.99 10.49 2.01
C GLU B 613 19.45 11.53 3.04
N GLU B 614 20.74 11.84 3.06
CA GLU B 614 21.32 12.63 4.16
C GLU B 614 20.61 13.96 4.42
N TYR B 615 19.90 14.48 3.41
CA TYR B 615 19.20 15.76 3.53
C TYR B 615 17.79 15.57 4.06
N MET B 616 17.48 14.33 4.43
CA MET B 616 16.14 13.97 4.86
C MET B 616 15.54 14.93 5.89
N GLY B 617 16.10 14.94 7.09
CA GLY B 617 15.55 15.72 8.19
C GLY B 617 15.19 17.16 7.86
N ASP B 618 16.09 17.85 7.18
CA ASP B 618 15.90 19.28 6.90
C ASP B 618 14.62 19.56 6.11
N ILE B 619 14.28 18.68 5.17
CA ILE B 619 13.10 18.85 4.35
C ILE B 619 11.82 18.64 5.18
N MET B 620 11.80 17.56 5.94
CA MET B 620 10.66 17.24 6.79
C MET B 620 10.20 18.44 7.60
N GLY B 621 11.06 18.88 8.53
CA GLY B 621 10.74 20.01 9.37
C GLY B 621 10.24 21.18 8.56
N ASP B 622 10.79 21.32 7.36
CA ASP B 622 10.39 22.38 6.44
C ASP B 622 8.93 22.26 6.01
N VAL B 623 8.45 21.03 5.87
CA VAL B 623 7.09 20.80 5.42
C VAL B 623 6.06 21.31 6.42
N THR B 624 6.24 20.95 7.69
CA THR B 624 5.31 21.36 8.74
C THR B 624 5.47 22.84 9.10
N SER B 625 6.50 23.47 8.53
CA SER B 625 6.71 24.90 8.71
C SER B 625 5.75 25.63 7.77
N ARG B 626 5.47 25.00 6.65
CA ARG B 626 4.59 25.54 5.62
C ARG B 626 3.15 25.14 5.92
N ARG B 627 2.95 24.55 7.09
CA ARG B 627 1.66 24.01 7.50
C ARG B 627 1.29 22.79 6.68
N GLY B 628 2.30 22.11 6.18
CA GLY B 628 2.05 20.89 5.43
C GLY B 628 1.94 19.70 6.34
N ARG B 629 2.26 18.54 5.80
CA ARG B 629 2.33 17.29 6.55
C ARG B 629 2.83 16.20 5.60
N VAL B 630 3.32 15.10 6.16
CA VAL B 630 3.91 14.04 5.35
C VAL B 630 3.02 12.80 5.33
N ASP B 631 2.46 12.49 4.16
CA ASP B 631 1.59 11.32 4.03
C ASP B 631 2.36 10.08 3.56
N GLY B 632 3.67 10.20 3.43
CA GLY B 632 4.46 9.04 3.07
C GLY B 632 5.94 9.22 2.77
N MET B 633 6.61 8.11 2.53
CA MET B 633 8.03 8.09 2.18
C MET B 633 8.38 6.68 1.70
N GLU B 634 9.59 6.53 1.19
CA GLU B 634 10.14 5.24 0.77
C GLU B 634 11.44 5.52 0.05
N PRO B 635 12.35 4.56 -0.01
CA PRO B 635 13.54 4.95 -0.77
C PRO B 635 13.44 4.56 -2.24
N ARG B 636 14.40 5.04 -3.03
CA ARG B 636 14.79 4.40 -4.27
C ARG B 636 16.31 4.56 -4.38
N GLY B 637 17.03 3.44 -4.46
CA GLY B 637 18.47 3.47 -4.43
C GLY B 637 19.03 4.17 -3.19
N ASN B 638 19.96 5.08 -3.39
CA ASN B 638 20.57 5.84 -2.30
C ASN B 638 19.77 7.10 -1.95
N ALA B 639 18.65 7.27 -2.65
CA ALA B 639 17.87 8.50 -2.55
C ALA B 639 16.52 8.27 -1.88
N GLN B 640 15.95 9.34 -1.34
CA GLN B 640 14.72 9.23 -0.59
C GLN B 640 13.60 10.13 -1.14
N VAL B 641 12.53 9.49 -1.61
CA VAL B 641 11.38 10.21 -2.16
C VAL B 641 10.28 10.41 -1.12
N VAL B 642 9.84 11.64 -0.94
CA VAL B 642 8.85 11.97 0.06
C VAL B 642 7.52 12.42 -0.56
N ASN B 643 6.42 11.98 0.03
CA ASN B 643 5.09 12.43 -0.40
C ASN B 643 4.39 13.20 0.71
N ALA B 644 4.12 14.48 0.45
CA ALA B 644 3.57 15.36 1.47
C ALA B 644 2.33 16.09 0.96
N TYR B 645 1.60 16.68 1.88
CA TYR B 645 0.42 17.47 1.52
C TYR B 645 0.57 18.90 2.02
N VAL B 646 0.65 19.85 1.10
CA VAL B 646 0.82 21.24 1.49
C VAL B 646 -0.20 22.16 0.87
N PRO B 647 -0.65 23.16 1.64
CA PRO B 647 -1.48 24.23 1.08
C PRO B 647 -0.68 24.96 0.01
N LEU B 648 -1.30 25.17 -1.15
CA LEU B 648 -0.65 25.89 -2.24
C LEU B 648 -0.09 27.22 -1.73
N SER B 649 -0.90 27.92 -0.94
CA SER B 649 -0.58 29.28 -0.47
C SER B 649 0.73 29.37 0.30
N GLU B 650 1.14 28.30 0.95
CA GLU B 650 2.40 28.27 1.69
C GLU B 650 3.55 27.75 0.82
N MET B 651 3.28 27.53 -0.47
CA MET B 651 4.27 26.92 -1.35
C MET B 651 5.14 27.91 -2.11
N PHE B 652 4.97 29.19 -1.85
CA PHE B 652 5.67 30.19 -2.63
C PHE B 652 7.14 30.27 -2.27
N GLY B 653 8.00 30.30 -3.29
CA GLY B 653 9.42 30.37 -3.09
C GLY B 653 10.01 29.03 -2.70
N TYR B 654 9.26 27.96 -2.92
CA TYR B 654 9.71 26.63 -2.56
C TYR B 654 10.86 26.15 -3.44
N ALA B 655 10.88 26.60 -4.69
CA ALA B 655 11.94 26.23 -5.63
C ALA B 655 13.31 26.60 -5.06
N THR B 656 13.46 27.88 -4.71
CA THR B 656 14.67 28.37 -4.07
C THR B 656 14.99 27.48 -2.87
N SER B 657 14.08 27.46 -1.91
CA SER B 657 14.27 26.76 -0.65
C SER B 657 14.65 25.30 -0.83
N LEU B 658 14.31 24.72 -1.99
CA LEU B 658 14.68 23.33 -2.22
C LEU B 658 16.20 23.17 -2.26
N ARG B 659 16.88 24.13 -2.88
CA ARG B 659 18.33 24.06 -3.04
C ARG B 659 19.05 24.26 -1.73
N SER B 660 18.85 25.42 -1.11
CA SER B 660 19.63 25.81 0.06
C SER B 660 19.74 24.64 1.03
N ASN B 661 18.66 23.86 1.16
CA ASN B 661 18.64 22.72 2.06
C ASN B 661 18.98 21.37 1.38
N THR B 662 19.20 21.42 0.08
CA THR B 662 19.67 20.27 -0.72
C THR B 662 20.91 20.68 -1.51
N GLN B 663 20.77 21.80 -2.21
CA GLN B 663 21.75 22.28 -3.20
C GLN B 663 21.79 21.44 -4.46
N GLY B 664 20.70 21.54 -5.21
CA GLY B 664 20.65 21.04 -6.57
C GLY B 664 20.38 19.55 -6.65
N ARG B 665 20.61 18.84 -5.56
CA ARG B 665 20.43 17.40 -5.57
C ARG B 665 18.96 17.03 -5.56
N GLY B 666 18.11 18.00 -5.23
CA GLY B 666 16.69 17.74 -5.06
C GLY B 666 15.78 18.14 -6.21
N THR B 667 14.51 17.73 -6.11
CA THR B 667 13.49 18.01 -7.11
C THR B 667 12.11 17.99 -6.44
N TYR B 668 11.11 18.57 -7.10
CA TYR B 668 9.74 18.47 -6.60
C TYR B 668 8.68 18.54 -7.71
N THR B 669 7.62 17.76 -7.56
CA THR B 669 6.49 17.78 -8.48
C THR B 669 5.22 18.07 -7.69
N MET B 670 4.37 18.94 -8.23
CA MET B 670 3.22 19.42 -7.48
C MET B 670 1.90 19.35 -8.25
N TYR B 671 0.89 18.76 -7.63
CA TYR B 671 -0.44 18.70 -8.21
C TYR B 671 -1.50 19.22 -7.25
N PHE B 672 -2.66 19.54 -7.79
CA PHE B 672 -3.81 19.86 -6.98
C PHE B 672 -4.42 18.58 -6.47
N ASP B 673 -4.92 18.60 -5.25
CA ASP B 673 -5.51 17.40 -4.65
C ASP B 673 -6.92 17.67 -4.17
N HIS B 674 -7.06 18.57 -3.20
CA HIS B 674 -8.38 18.87 -2.64
C HIS B 674 -8.46 20.26 -2.05
N TYR B 675 -9.65 20.61 -1.57
CA TYR B 675 -9.85 21.86 -0.84
C TYR B 675 -9.87 21.56 0.64
N ALA B 676 -9.27 22.43 1.45
CA ALA B 676 -9.22 22.24 2.88
C ALA B 676 -9.63 23.53 3.58
N GLU B 677 -10.08 23.42 4.83
CA GLU B 677 -10.53 24.58 5.57
C GLU B 677 -9.29 25.40 5.93
N VAL B 678 -9.51 26.57 6.53
CA VAL B 678 -8.41 27.44 6.90
C VAL B 678 -8.51 27.80 8.37
N PRO B 679 -7.37 27.82 9.06
CA PRO B 679 -7.31 28.21 10.47
C PRO B 679 -8.00 29.56 10.67
N LYS B 680 -8.79 29.66 11.73
CA LYS B 680 -9.59 30.85 11.99
C LYS B 680 -8.76 32.12 11.87
N SER B 681 -7.57 32.09 12.45
CA SER B 681 -6.68 33.25 12.44
C SER B 681 -6.51 33.85 11.05
N ILE B 682 -6.24 32.99 10.07
CA ILE B 682 -6.00 33.44 8.70
C ILE B 682 -7.29 33.90 8.02
N ALA B 683 -8.38 33.19 8.31
CA ALA B 683 -9.68 33.51 7.71
C ALA B 683 -9.99 35.00 7.88
N GLU B 684 -9.89 35.48 9.11
CA GLU B 684 -10.13 36.89 9.41
C GLU B 684 -9.10 37.79 8.74
N ASP B 685 -7.84 37.35 8.75
CA ASP B 685 -6.75 38.12 8.16
C ASP B 685 -6.87 38.24 6.64
N ILE B 686 -7.49 37.24 6.01
CA ILE B 686 -7.73 37.29 4.58
C ILE B 686 -8.87 38.26 4.29
N ILE B 687 -9.83 38.33 5.22
CA ILE B 687 -10.92 39.27 5.14
C ILE B 687 -10.39 40.70 5.27
N LYS B 688 -9.14 40.82 5.72
CA LYS B 688 -8.50 42.11 5.92
C LYS B 688 -8.11 42.77 4.61
N LYS B 689 -7.22 42.12 3.87
CA LYS B 689 -6.76 42.67 2.60
C LYS B 689 -7.98 42.85 1.72
N ASN B 690 -9.09 42.25 2.15
CA ASN B 690 -10.38 42.44 1.51
C ASN B 690 -11.21 43.55 2.14
N LYS B 691 -10.67 44.23 3.16
CA LYS B 691 -11.31 45.44 3.67
C LYS B 691 -11.03 46.56 2.67
N GLY B 692 -9.92 46.66 2.15
#